data_8U98
#
_entry.id   8U98
#
_cell.length_a   166.924
_cell.length_b   133.051
_cell.length_c   87.494
_cell.angle_alpha   90.00
_cell.angle_beta   105.98
_cell.angle_gamma   90.00
#
_symmetry.space_group_name_H-M   'C 1 2 1'
#
loop_
_entity.id
_entity.type
_entity.pdbx_description
1 polymer 'Cystathionine beta-lyase'
2 non-polymer "PYRIDOXAL-5'-PHOSPHATE"
3 non-polymer GLYCINE
4 non-polymer 1,2-ETHANEDIOL
5 water water
#
_entity_poly.entity_id   1
_entity_poly.type   'polypeptide(L)'
_entity_poly.pdbx_seq_one_letter_code
;MAHHHHHHMADKHLDTALVNAGRRKKYTQGSVNSVIQRASSLVFDTVEAKKHATRNRAKGELFYGRRGTLTHFSLQEAMC
ELEGGAGCALFPCGAAAVANTILAFVEQGDHVLMTNTAYEPSQDFCTKILAKLGVTTGWFDPLIGADIANLIQPNTKVVF
LESPGSITMEVHDVPAIVAAVRRVAPEAIIMIDNTWAAGVLFKALDFGIDISIQAATKYLIGHSDGMIGTAVANARCWEQ
LCENAYLMGQMIDADTAYMTSRGLRTLGVRLRQHHESSLRVAEWLAQHPQVARVNHPALPGSKGHEFWKRDFSGSSGLFS
FVLNKRLTDAELAAYLDNFSLFSMAYSWGGFESLILANQPEHIAAIRPEAEVDFSGTLIRLHIGLENVDDLLADLAAGFA
RIV
;
_entity_poly.pdbx_strand_id   A,B,C,D
#
loop_
_chem_comp.id
_chem_comp.type
_chem_comp.name
_chem_comp.formula
EDO non-polymer 1,2-ETHANEDIOL 'C2 H6 O2'
PLP non-polymer PYRIDOXAL-5'-PHOSPHATE 'C8 H10 N O6 P'
#
# COMPACT_ATOMS: atom_id res chain seq x y z
N HIS A 13 4.41 28.67 -15.04
CA HIS A 13 3.46 28.19 -14.04
C HIS A 13 3.40 26.66 -14.00
N LEU A 14 4.32 25.99 -14.72
CA LEU A 14 4.28 24.53 -14.77
C LEU A 14 4.46 23.94 -13.38
N ASP A 15 5.36 24.50 -12.57
CA ASP A 15 5.53 23.97 -11.21
C ASP A 15 4.24 24.09 -10.41
N THR A 16 3.53 25.21 -10.53
CA THR A 16 2.27 25.37 -9.81
C THR A 16 1.24 24.37 -10.31
N ALA A 17 1.16 24.19 -11.63
CA ALA A 17 0.23 23.22 -12.20
C ALA A 17 0.56 21.80 -11.74
N LEU A 18 1.83 21.45 -11.69
CA LEU A 18 2.20 20.10 -11.25
C LEU A 18 1.81 19.85 -9.80
N VAL A 19 1.94 20.87 -8.96
CA VAL A 19 1.58 20.72 -7.55
C VAL A 19 0.08 20.55 -7.39
N ASN A 20 -0.72 21.19 -8.26
CA ASN A 20 -2.15 21.27 -8.04
C ASN A 20 -3.00 20.41 -8.94
N ALA A 21 -2.44 19.85 -10.01
CA ALA A 21 -3.26 19.16 -11.00
C ALA A 21 -3.98 17.97 -10.37
N GLY A 22 -5.29 17.93 -10.54
CA GLY A 22 -6.09 16.83 -10.03
C GLY A 22 -6.42 16.89 -8.57
N ARG A 23 -5.87 17.86 -7.82
CA ARG A 23 -6.06 17.91 -6.37
C ARG A 23 -7.22 18.83 -6.08
N ARG A 24 -8.43 18.27 -6.13
CA ARG A 24 -9.66 18.97 -5.79
C ARG A 24 -10.33 18.21 -4.66
N LYS A 25 -11.15 18.92 -3.89
CA LYS A 25 -11.70 18.31 -2.68
C LYS A 25 -12.57 17.10 -2.97
N LYS A 26 -13.24 17.05 -4.12
CA LYS A 26 -14.06 15.86 -4.39
C LYS A 26 -13.22 14.59 -4.37
N TYR A 27 -11.92 14.69 -4.68
CA TYR A 27 -11.03 13.54 -4.64
C TYR A 27 -10.26 13.44 -3.34
N THR A 28 -9.90 14.58 -2.73
CA THR A 28 -9.04 14.55 -1.55
C THR A 28 -9.83 14.43 -0.26
N GLN A 29 -11.08 14.88 -0.24
CA GLN A 29 -11.92 14.80 0.96
C GLN A 29 -11.24 15.38 2.18
N GLY A 30 -10.37 16.38 1.98
CA GLY A 30 -9.74 17.08 3.07
C GLY A 30 -8.25 16.87 3.20
N SER A 31 -7.73 15.77 2.67
CA SER A 31 -6.28 15.62 2.72
C SER A 31 -5.64 16.40 1.58
N VAL A 32 -4.30 16.45 1.60
CA VAL A 32 -3.57 17.13 0.54
C VAL A 32 -3.67 16.34 -0.76
N ASN A 33 -3.54 15.02 -0.67
CA ASN A 33 -3.58 14.13 -1.83
C ASN A 33 -4.94 13.44 -1.93
N SER A 34 -5.22 12.89 -3.10
N SER A 34 -5.22 12.89 -3.10
CA SER A 34 -6.47 12.16 -3.26
CA SER A 34 -6.45 12.13 -3.27
C SER A 34 -6.53 10.98 -2.28
C SER A 34 -6.52 11.03 -2.21
N VAL A 35 -7.74 10.65 -1.85
CA VAL A 35 -7.92 9.40 -1.13
C VAL A 35 -7.56 8.24 -2.06
N ILE A 36 -7.20 7.11 -1.44
N ILE A 36 -7.19 7.12 -1.45
CA ILE A 36 -7.02 5.87 -2.17
CA ILE A 36 -7.02 5.86 -2.15
C ILE A 36 -8.29 5.05 -1.97
C ILE A 36 -8.32 5.09 -1.95
N GLN A 37 -9.10 4.95 -3.02
CA GLN A 37 -10.36 4.20 -2.99
C GLN A 37 -10.11 2.93 -3.77
N ARG A 38 -10.00 1.81 -3.04
CA ARG A 38 -9.77 0.50 -3.63
C ARG A 38 -11.13 -0.16 -3.84
N ALA A 39 -11.42 -0.54 -5.08
CA ALA A 39 -12.73 -1.09 -5.32
C ALA A 39 -12.80 -1.86 -6.63
N SER A 40 -13.53 -2.98 -6.59
CA SER A 40 -14.21 -3.46 -7.78
C SER A 40 -15.65 -2.97 -7.68
N SER A 41 -16.44 -3.54 -6.77
CA SER A 41 -17.80 -3.09 -6.53
C SER A 41 -17.85 -1.63 -6.12
N LEU A 42 -18.77 -0.90 -6.76
CA LEU A 42 -19.15 0.45 -6.34
C LEU A 42 -20.67 0.46 -6.15
N VAL A 43 -21.11 0.99 -5.04
CA VAL A 43 -22.47 0.76 -4.57
C VAL A 43 -23.42 1.83 -5.07
N PHE A 44 -24.59 1.40 -5.55
CA PHE A 44 -25.66 2.29 -5.97
C PHE A 44 -26.75 2.27 -4.92
N ASP A 45 -27.10 3.44 -4.41
CA ASP A 45 -28.10 3.51 -3.35
C ASP A 45 -29.51 3.26 -3.88
N THR A 46 -29.77 3.58 -5.14
CA THR A 46 -31.08 3.42 -5.73
C THR A 46 -30.93 3.02 -7.20
N VAL A 47 -32.03 2.49 -7.76
CA VAL A 47 -32.07 2.21 -9.19
C VAL A 47 -31.77 3.46 -10.01
N GLU A 48 -32.31 4.60 -9.60
N GLU A 48 -32.31 4.60 -9.58
CA GLU A 48 -32.05 5.82 -10.37
CA GLU A 48 -32.07 5.85 -10.31
C GLU A 48 -30.58 6.23 -10.30
C GLU A 48 -30.58 6.19 -10.30
N ALA A 49 -29.94 6.04 -9.15
CA ALA A 49 -28.51 6.33 -9.07
C ALA A 49 -27.70 5.40 -9.97
N LYS A 50 -28.10 4.13 -10.05
CA LYS A 50 -27.43 3.19 -10.93
C LYS A 50 -27.59 3.60 -12.40
N LYS A 51 -28.78 4.05 -12.79
CA LYS A 51 -28.97 4.49 -14.17
C LYS A 51 -28.10 5.70 -14.48
N HIS A 52 -28.02 6.64 -13.55
CA HIS A 52 -27.18 7.82 -13.74
C HIS A 52 -25.72 7.42 -13.86
N ALA A 53 -25.27 6.51 -12.99
CA ALA A 53 -23.87 6.07 -13.04
C ALA A 53 -23.58 5.37 -14.35
N THR A 54 -24.53 4.59 -14.85
CA THR A 54 -24.34 3.91 -16.13
C THR A 54 -24.17 4.92 -17.26
N ARG A 55 -25.04 5.92 -17.34
N ARG A 55 -25.03 5.93 -17.32
CA ARG A 55 -24.90 6.92 -18.39
CA ARG A 55 -24.95 6.96 -18.35
C ARG A 55 -23.54 7.59 -18.32
C ARG A 55 -23.62 7.69 -18.30
N ASN A 56 -23.03 7.80 -17.11
CA ASN A 56 -21.80 8.55 -16.87
C ASN A 56 -20.63 7.64 -16.51
N ARG A 57 -20.69 6.39 -16.96
CA ARG A 57 -19.67 5.41 -16.60
C ARG A 57 -18.28 5.75 -17.14
N ALA A 58 -18.17 6.60 -18.16
CA ALA A 58 -16.89 7.05 -18.68
C ALA A 58 -16.71 8.55 -18.50
N LYS A 59 -17.52 9.16 -17.62
CA LYS A 59 -17.57 10.59 -17.41
C LYS A 59 -17.44 10.95 -15.94
N GLY A 60 -16.74 10.15 -15.15
CA GLY A 60 -16.36 10.54 -13.82
C GLY A 60 -17.36 10.25 -12.72
N GLU A 61 -18.37 9.43 -12.96
CA GLU A 61 -19.25 8.95 -11.91
C GLU A 61 -18.83 7.54 -11.53
N LEU A 62 -18.87 7.23 -10.25
CA LEU A 62 -18.50 5.90 -9.79
C LEU A 62 -19.48 4.86 -10.33
N PHE A 63 -18.92 3.84 -11.00
CA PHE A 63 -19.72 2.85 -11.70
C PHE A 63 -19.20 1.44 -11.46
N TYR A 64 -17.92 1.21 -11.76
CA TYR A 64 -17.30 -0.08 -11.54
C TYR A 64 -15.80 0.13 -11.52
N GLY A 65 -15.10 -0.65 -10.70
CA GLY A 65 -13.68 -0.46 -10.54
C GLY A 65 -12.86 -0.55 -11.82
N ARG A 66 -13.33 -1.31 -12.81
CA ARG A 66 -12.58 -1.41 -14.08
C ARG A 66 -12.57 -0.07 -14.80
N ARG A 67 -13.59 0.76 -14.58
CA ARG A 67 -13.59 2.12 -15.10
C ARG A 67 -12.77 3.05 -14.21
N GLY A 68 -12.73 2.83 -12.91
CA GLY A 68 -11.95 3.61 -11.99
C GLY A 68 -12.73 4.01 -10.76
N THR A 69 -11.98 4.50 -9.77
CA THR A 69 -12.50 5.08 -8.55
C THR A 69 -12.06 6.54 -8.48
N LEU A 70 -12.37 7.20 -7.37
CA LEU A 70 -11.97 8.60 -7.20
C LEU A 70 -10.48 8.77 -7.45
N THR A 71 -9.67 7.79 -7.05
CA THR A 71 -8.22 7.93 -7.16
C THR A 71 -7.79 7.99 -8.61
N HIS A 72 -8.37 7.14 -9.45
CA HIS A 72 -8.08 7.20 -10.88
C HIS A 72 -8.58 8.49 -11.49
N PHE A 73 -9.80 8.90 -11.14
CA PHE A 73 -10.36 10.12 -11.74
C PHE A 73 -9.45 11.31 -11.48
N SER A 74 -8.88 11.38 -10.27
CA SER A 74 -7.98 12.47 -9.94
C SER A 74 -6.75 12.46 -10.84
N LEU A 75 -6.14 11.30 -11.03
CA LEU A 75 -4.97 11.22 -11.91
C LEU A 75 -5.35 11.57 -13.35
N GLN A 76 -6.45 11.01 -13.84
CA GLN A 76 -6.88 11.30 -15.22
C GLN A 76 -7.07 12.80 -15.41
N GLU A 77 -7.68 13.47 -14.43
CA GLU A 77 -7.87 14.91 -14.54
C GLU A 77 -6.55 15.65 -14.58
N ALA A 78 -5.60 15.21 -13.75
CA ALA A 78 -4.28 15.83 -13.75
C ALA A 78 -3.60 15.67 -15.10
N MET A 79 -3.63 14.45 -15.65
CA MET A 79 -2.94 14.19 -16.91
C MET A 79 -3.57 14.99 -18.05
N CYS A 80 -4.90 15.10 -18.08
CA CYS A 80 -5.55 15.89 -19.13
C CYS A 80 -5.15 17.35 -19.03
N GLU A 81 -5.08 17.90 -17.82
N GLU A 81 -5.01 17.87 -17.80
CA GLU A 81 -4.64 19.28 -17.67
CA GLU A 81 -4.65 19.28 -17.62
C GLU A 81 -3.22 19.44 -18.19
C GLU A 81 -3.20 19.54 -18.00
N LEU A 82 -2.31 18.59 -17.70
CA LEU A 82 -0.89 18.80 -17.98
C LEU A 82 -0.55 18.57 -19.44
N GLU A 83 -1.22 17.64 -20.10
CA GLU A 83 -0.94 17.36 -21.51
C GLU A 83 -1.97 17.96 -22.46
N GLY A 84 -2.97 18.66 -21.94
CA GLY A 84 -3.91 19.40 -22.79
C GLY A 84 -4.84 18.51 -23.59
N GLY A 85 -5.31 17.41 -22.98
CA GLY A 85 -6.13 16.44 -23.67
C GLY A 85 -7.57 16.44 -23.21
N ALA A 86 -8.38 15.70 -23.97
CA ALA A 86 -9.79 15.48 -23.66
C ALA A 86 -10.03 14.32 -22.71
N GLY A 87 -9.14 13.33 -22.70
CA GLY A 87 -9.23 12.21 -21.80
C GLY A 87 -7.91 11.50 -21.69
N CYS A 88 -7.75 10.78 -20.58
CA CYS A 88 -6.55 10.01 -20.27
C CYS A 88 -6.94 8.58 -19.94
N ALA A 89 -6.49 7.64 -20.76
CA ALA A 89 -6.67 6.22 -20.48
C ALA A 89 -5.49 5.68 -19.72
N LEU A 90 -5.76 4.73 -18.81
CA LEU A 90 -4.74 4.15 -17.93
C LEU A 90 -4.53 2.68 -18.23
N PHE A 91 -3.31 2.21 -18.01
CA PHE A 91 -2.84 0.91 -18.46
C PHE A 91 -1.89 0.34 -17.42
N PRO A 92 -1.66 -0.98 -17.45
CA PRO A 92 -0.79 -1.59 -16.44
C PRO A 92 0.68 -1.23 -16.56
N CYS A 93 1.13 -0.80 -17.73
CA CYS A 93 2.50 -0.36 -17.93
C CYS A 93 2.56 0.40 -19.25
N GLY A 94 3.72 1.00 -19.51
CA GLY A 94 3.94 1.69 -20.77
C GLY A 94 3.72 0.83 -21.99
N ALA A 95 4.27 -0.40 -21.98
CA ALA A 95 4.14 -1.28 -23.14
C ALA A 95 2.68 -1.60 -23.42
N ALA A 96 1.88 -1.75 -22.36
CA ALA A 96 0.45 -1.97 -22.54
C ALA A 96 -0.23 -0.75 -23.13
N ALA A 97 0.20 0.46 -22.72
CA ALA A 97 -0.36 1.68 -23.30
C ALA A 97 -0.04 1.78 -24.78
N VAL A 98 1.19 1.48 -25.17
CA VAL A 98 1.56 1.52 -26.58
C VAL A 98 0.75 0.49 -27.38
N ALA A 99 0.78 -0.76 -26.94
CA ALA A 99 0.15 -1.83 -27.70
C ALA A 99 -1.35 -1.59 -27.81
N ASN A 100 -1.99 -1.24 -26.72
CA ASN A 100 -3.44 -1.08 -26.74
C ASN A 100 -3.91 0.22 -27.36
N THR A 101 -3.07 1.27 -27.33
CA THR A 101 -3.46 2.50 -28.02
C THR A 101 -3.41 2.29 -29.52
N ILE A 102 -2.35 1.63 -30.02
CA ILE A 102 -2.31 1.30 -31.44
C ILE A 102 -3.48 0.40 -31.81
N LEU A 103 -3.70 -0.66 -31.02
CA LEU A 103 -4.74 -1.62 -31.35
C LEU A 103 -6.12 -0.96 -31.41
N ALA A 104 -6.35 0.02 -30.52
CA ALA A 104 -7.65 0.69 -30.44
C ALA A 104 -8.03 1.37 -31.75
N PHE A 105 -7.07 1.69 -32.63
CA PHE A 105 -7.31 2.48 -33.82
C PHE A 105 -7.11 1.73 -35.12
N VAL A 106 -6.88 0.42 -35.09
CA VAL A 106 -6.67 -0.34 -36.31
C VAL A 106 -7.72 -1.43 -36.47
N GLU A 107 -7.87 -1.86 -37.72
CA GLU A 107 -8.64 -3.04 -38.08
C GLU A 107 -7.87 -3.76 -39.18
N GLN A 108 -8.23 -5.02 -39.40
CA GLN A 108 -7.51 -5.78 -40.41
C GLN A 108 -7.56 -5.04 -41.74
N GLY A 109 -6.43 -5.02 -42.44
CA GLY A 109 -6.27 -4.26 -43.67
C GLY A 109 -5.58 -2.93 -43.51
N ASP A 110 -5.45 -2.42 -42.29
CA ASP A 110 -4.81 -1.14 -42.06
C ASP A 110 -3.29 -1.29 -42.05
N HIS A 111 -2.63 -0.13 -42.12
CA HIS A 111 -1.18 0.00 -42.10
C HIS A 111 -0.77 1.02 -41.03
N VAL A 112 0.31 0.70 -40.32
CA VAL A 112 0.95 1.58 -39.35
C VAL A 112 2.30 1.99 -39.90
N LEU A 113 2.64 3.27 -39.75
CA LEU A 113 3.93 3.81 -40.16
C LEU A 113 4.63 4.25 -38.89
N MET A 114 5.73 3.60 -38.53
CA MET A 114 6.38 3.79 -37.23
C MET A 114 7.85 4.16 -37.40
N THR A 115 8.34 5.05 -36.54
CA THR A 115 9.75 5.40 -36.60
C THR A 115 10.62 4.18 -36.31
N ASN A 116 11.73 4.06 -37.06
CA ASN A 116 12.60 2.90 -36.89
C ASN A 116 13.40 2.94 -35.59
N THR A 117 13.29 4.04 -34.85
CA THR A 117 13.89 4.20 -33.53
C THR A 117 12.90 3.95 -32.41
N ALA A 118 11.74 3.39 -32.72
CA ALA A 118 10.78 3.10 -31.66
C ALA A 118 11.36 2.07 -30.68
N TYR A 119 10.92 2.21 -29.43
CA TYR A 119 11.17 1.22 -28.39
C TYR A 119 10.96 -0.21 -28.91
N GLU A 120 11.93 -1.09 -28.64
CA GLU A 120 11.88 -2.43 -29.24
C GLU A 120 10.58 -3.18 -28.94
N PRO A 121 10.07 -3.22 -27.70
CA PRO A 121 8.77 -3.89 -27.49
C PRO A 121 7.64 -3.34 -28.32
N SER A 122 7.66 -2.04 -28.66
CA SER A 122 6.66 -1.47 -29.55
C SER A 122 6.78 -2.07 -30.94
N GLN A 123 8.02 -2.18 -31.42
CA GLN A 123 8.25 -2.82 -32.72
C GLN A 123 7.78 -4.26 -32.70
N ASP A 124 8.10 -5.00 -31.63
CA ASP A 124 7.76 -6.42 -31.57
C ASP A 124 6.26 -6.63 -31.48
N PHE A 125 5.55 -5.72 -30.81
CA PHE A 125 4.09 -5.78 -30.84
C PHE A 125 3.61 -5.70 -32.29
N CYS A 126 4.18 -4.79 -33.07
CA CYS A 126 3.76 -4.64 -34.47
C CYS A 126 4.07 -5.89 -35.30
N THR A 127 5.29 -6.42 -35.18
CA THR A 127 5.69 -7.51 -36.08
C THR A 127 5.16 -8.87 -35.65
N LYS A 128 4.93 -9.08 -34.36
CA LYS A 128 4.52 -10.37 -33.83
C LYS A 128 3.05 -10.48 -33.45
N ILE A 129 2.40 -9.36 -33.12
CA ILE A 129 0.96 -9.36 -32.82
C ILE A 129 0.15 -8.73 -33.95
N LEU A 130 0.40 -7.45 -34.28
CA LEU A 130 -0.41 -6.79 -35.31
C LEU A 130 -0.41 -7.56 -36.61
N ALA A 131 0.75 -8.07 -37.00
CA ALA A 131 0.83 -8.74 -38.29
C ALA A 131 -0.12 -9.93 -38.35
N LYS A 132 -0.22 -10.70 -37.25
CA LYS A 132 -1.16 -11.83 -37.16
C LYS A 132 -2.59 -11.39 -37.38
N LEU A 133 -2.91 -10.15 -37.01
CA LEU A 133 -4.25 -9.62 -37.04
C LEU A 133 -4.53 -8.82 -38.32
N GLY A 134 -3.68 -8.97 -39.32
CA GLY A 134 -3.93 -8.36 -40.60
C GLY A 134 -3.56 -6.90 -40.70
N VAL A 135 -2.70 -6.42 -39.82
CA VAL A 135 -2.29 -5.01 -39.82
C VAL A 135 -0.80 -4.99 -40.11
N THR A 136 -0.42 -4.28 -41.16
CA THR A 136 0.96 -4.20 -41.60
C THR A 136 1.63 -2.98 -40.99
N THR A 137 2.97 -3.04 -40.92
CA THR A 137 3.78 -1.95 -40.35
C THR A 137 4.94 -1.62 -41.29
N GLY A 138 5.06 -0.33 -41.63
CA GLY A 138 6.21 0.20 -42.31
C GLY A 138 6.98 1.16 -41.40
N TRP A 139 8.15 1.57 -41.89
CA TRP A 139 9.15 2.19 -41.05
C TRP A 139 9.71 3.45 -41.67
N PHE A 140 10.17 4.38 -40.83
CA PHE A 140 10.81 5.58 -41.34
C PHE A 140 11.99 6.01 -40.48
N ASP A 141 12.96 6.64 -41.15
CA ASP A 141 14.08 7.24 -40.44
C ASP A 141 13.59 8.43 -39.62
N PRO A 142 14.11 8.61 -38.40
CA PRO A 142 13.55 9.63 -37.52
C PRO A 142 13.73 11.04 -38.02
N LEU A 143 14.70 11.28 -38.89
CA LEU A 143 14.94 12.61 -39.45
C LEU A 143 14.27 12.80 -40.81
N ILE A 144 13.27 11.98 -41.14
CA ILE A 144 12.65 12.05 -42.46
C ILE A 144 11.90 13.36 -42.67
N GLY A 145 11.34 13.94 -41.62
CA GLY A 145 10.63 15.21 -41.77
C GLY A 145 9.54 15.15 -42.82
N ALA A 146 9.52 16.17 -43.69
CA ALA A 146 8.45 16.31 -44.66
C ALA A 146 8.40 15.17 -45.66
N ASP A 147 9.52 14.44 -45.83
CA ASP A 147 9.54 13.37 -46.81
C ASP A 147 8.71 12.17 -46.39
N ILE A 148 8.17 12.16 -45.17
CA ILE A 148 7.28 11.09 -44.76
C ILE A 148 6.05 11.02 -45.65
N ALA A 149 5.68 12.12 -46.32
CA ALA A 149 4.51 12.09 -47.19
C ALA A 149 4.59 10.96 -48.21
N ASN A 150 5.79 10.67 -48.71
CA ASN A 150 5.98 9.65 -49.73
C ASN A 150 5.79 8.23 -49.21
N LEU A 151 5.72 8.04 -47.89
CA LEU A 151 5.60 6.72 -47.31
C LEU A 151 4.17 6.38 -46.90
N ILE A 152 3.26 7.34 -47.01
CA ILE A 152 1.87 7.14 -46.61
C ILE A 152 1.14 6.35 -47.68
N GLN A 153 0.58 5.22 -47.29
CA GLN A 153 -0.10 4.33 -48.19
C GLN A 153 -1.60 4.59 -48.15
N PRO A 154 -2.35 4.09 -49.13
CA PRO A 154 -3.81 4.21 -49.10
C PRO A 154 -4.42 3.68 -47.82
N ASN A 155 -3.81 2.68 -47.21
CA ASN A 155 -4.34 2.07 -46.00
C ASN A 155 -3.63 2.52 -44.72
N THR A 156 -2.73 3.50 -44.78
CA THR A 156 -2.07 4.00 -43.58
C THR A 156 -3.11 4.65 -42.68
N LYS A 157 -3.25 4.12 -41.47
CA LYS A 157 -4.21 4.58 -40.49
C LYS A 157 -3.54 5.30 -39.32
N VAL A 158 -2.36 4.83 -38.93
CA VAL A 158 -1.65 5.32 -37.76
C VAL A 158 -0.24 5.68 -38.16
N VAL A 159 0.23 6.84 -37.68
CA VAL A 159 1.63 7.26 -37.78
C VAL A 159 2.14 7.39 -36.35
N PHE A 160 3.18 6.62 -36.03
CA PHE A 160 3.67 6.45 -34.66
C PHE A 160 5.07 7.05 -34.55
N LEU A 161 5.18 8.07 -33.70
CA LEU A 161 6.39 8.83 -33.48
C LEU A 161 6.97 8.48 -32.12
N GLU A 162 8.29 8.70 -32.00
CA GLU A 162 8.93 8.58 -30.68
C GLU A 162 10.12 9.52 -30.71
N SER A 163 10.06 10.58 -29.91
CA SER A 163 11.05 11.64 -29.99
C SER A 163 11.38 12.12 -28.58
N PRO A 164 12.64 12.05 -28.15
N PRO A 164 12.64 12.02 -28.14
CA PRO A 164 13.78 11.42 -28.82
CA PRO A 164 13.78 11.41 -28.84
C PRO A 164 13.53 9.92 -29.00
C PRO A 164 13.62 9.91 -28.94
N GLY A 165 14.28 9.30 -29.91
CA GLY A 165 14.14 7.88 -30.13
C GLY A 165 14.74 7.05 -29.01
N SER A 166 14.31 5.80 -28.92
CA SER A 166 14.88 4.91 -27.92
C SER A 166 16.37 4.67 -28.21
N ILE A 167 17.17 4.70 -27.15
CA ILE A 167 18.58 4.35 -27.12
C ILE A 167 19.48 5.38 -27.82
N THR A 168 19.20 5.65 -29.10
CA THR A 168 20.05 6.50 -29.94
C THR A 168 19.63 7.96 -29.94
N MET A 169 18.46 8.29 -29.41
CA MET A 169 18.09 9.65 -28.98
C MET A 169 17.81 10.64 -30.12
N GLU A 170 17.58 10.20 -31.35
CA GLU A 170 17.29 11.12 -32.44
C GLU A 170 15.96 11.84 -32.19
N VAL A 171 15.95 13.15 -32.41
CA VAL A 171 14.75 13.98 -32.23
C VAL A 171 14.09 14.23 -33.57
N HIS A 172 12.79 13.93 -33.67
CA HIS A 172 12.05 14.21 -34.88
C HIS A 172 11.86 15.72 -35.08
N ASP A 173 11.64 16.10 -36.34
CA ASP A 173 11.05 17.41 -36.67
C ASP A 173 9.52 17.24 -36.72
N VAL A 174 8.90 17.28 -35.53
CA VAL A 174 7.46 17.00 -35.46
C VAL A 174 6.63 17.93 -36.31
N PRO A 175 6.85 19.25 -36.32
CA PRO A 175 6.04 20.11 -37.20
C PRO A 175 6.09 19.67 -38.65
N ALA A 176 7.27 19.27 -39.15
CA ALA A 176 7.38 18.87 -40.54
C ALA A 176 6.66 17.56 -40.80
N ILE A 177 6.81 16.59 -39.89
CA ILE A 177 6.13 15.31 -40.05
C ILE A 177 4.62 15.50 -40.01
N VAL A 178 4.12 16.23 -39.02
CA VAL A 178 2.68 16.39 -38.88
C VAL A 178 2.10 17.10 -40.09
N ALA A 179 2.78 18.16 -40.56
CA ALA A 179 2.24 18.89 -41.70
C ALA A 179 2.15 18.01 -42.93
N ALA A 180 3.15 17.15 -43.14
CA ALA A 180 3.16 16.28 -44.30
C ALA A 180 2.06 15.22 -44.19
N VAL A 181 1.91 14.62 -43.01
CA VAL A 181 0.84 13.64 -42.83
C VAL A 181 -0.51 14.27 -43.10
N ARG A 182 -0.75 15.46 -42.53
CA ARG A 182 -2.05 16.12 -42.70
C ARG A 182 -2.32 16.49 -44.15
N ARG A 183 -1.27 16.80 -44.93
N ARG A 183 -1.28 16.76 -44.94
CA ARG A 183 -1.49 17.11 -46.34
CA ARG A 183 -1.50 17.10 -46.34
C ARG A 183 -2.06 15.90 -47.08
C ARG A 183 -2.02 15.91 -47.14
N VAL A 184 -1.52 14.72 -46.82
CA VAL A 184 -1.89 13.52 -47.57
C VAL A 184 -3.08 12.82 -46.95
N ALA A 185 -3.06 12.65 -45.64
CA ALA A 185 -4.03 11.84 -44.91
C ALA A 185 -4.44 12.60 -43.66
N PRO A 186 -5.24 13.66 -43.81
CA PRO A 186 -5.56 14.49 -42.64
C PRO A 186 -6.28 13.74 -41.54
N GLU A 187 -6.92 12.63 -41.88
N GLU A 187 -6.96 12.64 -41.84
CA GLU A 187 -7.69 11.84 -40.93
CA GLU A 187 -7.69 11.90 -40.82
C GLU A 187 -6.83 10.86 -40.13
C GLU A 187 -6.86 10.76 -40.21
N ALA A 188 -5.58 10.66 -40.54
CA ALA A 188 -4.72 9.67 -39.88
C ALA A 188 -4.65 9.94 -38.38
N ILE A 189 -4.37 8.90 -37.63
CA ILE A 189 -4.18 9.01 -36.19
C ILE A 189 -2.68 9.11 -35.95
N ILE A 190 -2.23 10.26 -35.47
CA ILE A 190 -0.82 10.46 -35.16
C ILE A 190 -0.63 10.30 -33.66
N MET A 191 0.27 9.40 -33.30
CA MET A 191 0.55 9.07 -31.91
C MET A 191 2.02 9.29 -31.64
N ILE A 192 2.37 9.56 -30.38
CA ILE A 192 3.76 9.68 -29.98
C ILE A 192 3.99 8.99 -28.64
N ASP A 193 5.10 8.28 -28.53
CA ASP A 193 5.59 7.80 -27.24
C ASP A 193 6.44 8.94 -26.69
N ASN A 194 5.87 9.66 -25.72
CA ASN A 194 6.40 10.90 -25.15
C ASN A 194 6.98 10.67 -23.77
N THR A 195 7.49 9.46 -23.51
CA THR A 195 8.02 9.10 -22.20
C THR A 195 9.25 9.92 -21.82
N TRP A 196 10.18 10.15 -22.75
CA TRP A 196 11.42 10.83 -22.38
C TRP A 196 11.15 12.24 -21.85
N ALA A 197 10.16 12.92 -22.43
CA ALA A 197 9.75 14.26 -22.03
C ALA A 197 8.79 14.25 -20.84
N ALA A 198 8.42 13.07 -20.33
CA ALA A 198 7.44 12.93 -19.26
C ALA A 198 6.13 13.63 -19.58
N GLY A 199 5.83 13.74 -20.88
CA GLY A 199 4.63 14.43 -21.35
C GLY A 199 4.60 15.92 -21.13
N VAL A 200 5.59 16.50 -20.45
CA VAL A 200 5.55 17.91 -20.09
C VAL A 200 6.67 18.72 -20.72
N LEU A 201 7.80 18.12 -21.10
CA LEU A 201 8.83 18.88 -21.77
C LEU A 201 8.58 19.03 -23.26
N PHE A 202 7.62 18.29 -23.80
CA PHE A 202 7.19 18.40 -25.20
C PHE A 202 5.68 18.28 -25.16
N LYS A 203 4.98 19.33 -25.57
N LYS A 203 4.96 19.35 -25.47
CA LYS A 203 3.52 19.39 -25.47
CA LYS A 203 3.49 19.33 -25.38
C LYS A 203 2.93 18.86 -26.76
C LYS A 203 2.92 18.85 -26.73
N ALA A 204 2.90 17.52 -26.85
CA ALA A 204 2.62 16.88 -28.13
C ALA A 204 1.30 17.29 -28.75
N LEU A 205 0.25 17.41 -27.92
N LEU A 205 0.24 17.39 -27.95
CA LEU A 205 -1.09 17.70 -28.46
CA LEU A 205 -1.05 17.69 -28.55
C LEU A 205 -1.23 19.13 -28.96
C LEU A 205 -1.06 19.06 -29.18
N ASP A 206 -0.28 20.01 -28.63
CA ASP A 206 -0.23 21.34 -29.20
C ASP A 206 0.44 21.35 -30.58
N PHE A 207 1.11 20.27 -30.95
CA PHE A 207 1.77 20.14 -32.25
C PHE A 207 0.90 19.42 -33.29
N GLY A 208 -0.35 19.09 -32.94
CA GLY A 208 -1.22 18.40 -33.88
C GLY A 208 -1.12 16.90 -33.82
N ILE A 209 -0.39 16.37 -32.87
CA ILE A 209 -0.43 14.95 -32.58
C ILE A 209 -1.75 14.66 -31.87
N ASP A 210 -2.35 13.49 -32.17
CA ASP A 210 -3.66 13.14 -31.64
C ASP A 210 -3.59 12.51 -30.24
N ILE A 211 -2.55 11.71 -29.96
CA ILE A 211 -2.48 10.94 -28.71
C ILE A 211 -1.03 10.94 -28.23
N SER A 212 -0.83 11.27 -26.97
CA SER A 212 0.47 11.25 -26.31
C SER A 212 0.48 10.12 -25.30
N ILE A 213 1.36 9.14 -25.53
CA ILE A 213 1.47 7.93 -24.72
C ILE A 213 2.71 8.05 -23.85
N GLN A 214 2.62 7.60 -22.59
CA GLN A 214 3.80 7.55 -21.74
C GLN A 214 3.85 6.28 -20.93
N ALA A 215 5.06 5.80 -20.72
CA ALA A 215 5.37 4.91 -19.61
C ALA A 215 5.51 5.79 -18.38
N ALA A 216 4.40 5.94 -17.64
CA ALA A 216 4.41 6.66 -16.38
C ALA A 216 5.34 6.01 -15.37
N THR A 217 5.67 4.73 -15.58
CA THR A 217 6.75 3.99 -14.94
C THR A 217 8.03 4.78 -14.74
N LYS A 218 8.36 5.66 -15.69
N LYS A 218 8.37 5.63 -15.70
CA LYS A 218 9.67 6.32 -15.73
CA LYS A 218 9.64 6.33 -15.70
C LYS A 218 9.69 7.57 -14.86
C LYS A 218 9.53 7.60 -14.86
N TYR A 219 9.64 8.78 -15.45
CA TYR A 219 9.75 9.97 -14.62
C TYR A 219 8.50 10.29 -13.80
N LEU A 220 7.30 9.96 -14.26
CA LEU A 220 6.12 10.34 -13.47
C LEU A 220 6.16 9.63 -12.10
N ILE A 221 6.35 8.32 -12.09
CA ILE A 221 6.55 7.60 -10.83
C ILE A 221 7.83 8.08 -10.15
N GLY A 222 8.93 8.15 -10.91
CA GLY A 222 10.15 8.81 -10.47
C GLY A 222 11.05 8.06 -9.50
N HIS A 223 10.65 6.87 -9.04
CA HIS A 223 11.38 6.18 -7.99
C HIS A 223 11.58 4.70 -8.30
N SER A 224 11.32 4.27 -9.54
CA SER A 224 11.64 2.91 -10.00
C SER A 224 10.82 1.83 -9.32
N ASP A 225 9.69 2.16 -8.69
CA ASP A 225 8.92 1.21 -7.89
C ASP A 225 7.44 1.13 -8.23
N GLY A 226 7.07 1.54 -9.42
CA GLY A 226 5.71 1.35 -9.89
C GLY A 226 5.72 1.28 -11.39
N MET A 227 4.73 0.60 -11.96
CA MET A 227 4.58 0.51 -13.40
C MET A 227 3.18 0.90 -13.78
N ILE A 228 3.07 1.66 -14.87
CA ILE A 228 1.80 2.25 -15.27
C ILE A 228 2.01 2.93 -16.62
N GLY A 229 1.03 2.79 -17.50
CA GLY A 229 1.01 3.52 -18.74
C GLY A 229 -0.15 4.49 -18.81
N THR A 230 0.02 5.58 -19.58
CA THR A 230 -1.01 6.56 -19.80
C THR A 230 -1.09 6.87 -21.28
N ALA A 231 -2.27 7.26 -21.73
CA ALA A 231 -2.46 7.77 -23.09
C ALA A 231 -3.46 8.91 -23.03
N VAL A 232 -3.03 10.11 -23.39
CA VAL A 232 -3.87 11.30 -23.37
C VAL A 232 -4.22 11.62 -24.82
N ALA A 233 -5.51 11.65 -25.13
CA ALA A 233 -6.00 11.86 -26.48
C ALA A 233 -6.74 13.18 -26.58
N ASN A 234 -6.74 13.73 -27.79
CA ASN A 234 -7.57 14.87 -28.11
C ASN A 234 -9.04 14.46 -28.23
N ALA A 235 -9.91 15.46 -28.41
CA ALA A 235 -11.35 15.20 -28.42
C ALA A 235 -11.75 14.32 -29.59
N ARG A 236 -11.08 14.45 -30.73
CA ARG A 236 -11.44 13.64 -31.88
C ARG A 236 -11.24 12.16 -31.62
N CYS A 237 -10.20 11.79 -30.86
CA CYS A 237 -9.82 10.40 -30.72
C CYS A 237 -10.18 9.77 -29.39
N TRP A 238 -10.66 10.57 -28.43
CA TRP A 238 -10.80 10.07 -27.06
C TRP A 238 -11.80 8.92 -26.95
N GLU A 239 -12.99 9.05 -27.53
N GLU A 239 -12.99 9.05 -27.52
CA GLU A 239 -14.02 8.04 -27.30
CA GLU A 239 -14.00 8.02 -27.27
C GLU A 239 -13.58 6.67 -27.80
C GLU A 239 -13.53 6.66 -27.78
N GLN A 240 -12.93 6.63 -28.97
CA GLN A 240 -12.45 5.36 -29.50
C GLN A 240 -11.34 4.78 -28.64
N LEU A 241 -10.39 5.62 -28.20
CA LEU A 241 -9.34 5.12 -27.32
C LEU A 241 -9.93 4.56 -26.04
N CYS A 242 -10.77 5.35 -25.39
CA CYS A 242 -11.32 4.97 -24.09
C CYS A 242 -12.07 3.64 -24.20
N GLU A 243 -12.99 3.56 -25.15
CA GLU A 243 -13.88 2.39 -25.19
C GLU A 243 -13.15 1.15 -25.69
N ASN A 244 -12.25 1.29 -26.66
CA ASN A 244 -11.55 0.10 -27.12
C ASN A 244 -10.54 -0.39 -26.10
N ALA A 245 -9.85 0.50 -25.39
CA ALA A 245 -8.97 0.05 -24.32
C ALA A 245 -9.77 -0.63 -23.21
N TYR A 246 -10.95 -0.11 -22.89
CA TYR A 246 -11.80 -0.73 -21.88
C TYR A 246 -12.25 -2.13 -22.29
N LEU A 247 -12.52 -2.32 -23.58
CA LEU A 247 -12.89 -3.66 -24.06
C LEU A 247 -11.76 -4.66 -23.93
N MET A 248 -10.50 -4.20 -23.90
CA MET A 248 -9.36 -5.04 -23.62
C MET A 248 -9.07 -5.15 -22.12
N GLY A 249 -9.93 -4.58 -21.28
CA GLY A 249 -9.77 -4.67 -19.85
C GLY A 249 -8.62 -3.86 -19.30
N GLN A 250 -8.20 -2.81 -19.98
CA GLN A 250 -7.02 -2.08 -19.54
C GLN A 250 -7.35 -1.09 -18.44
N MET A 251 -6.60 -1.20 -17.34
CA MET A 251 -6.74 -0.34 -16.18
C MET A 251 -5.43 -0.41 -15.40
N ILE A 252 -5.33 0.42 -14.37
CA ILE A 252 -4.25 0.37 -13.39
C ILE A 252 -4.90 0.30 -12.02
N ASP A 253 -4.20 -0.28 -11.05
CA ASP A 253 -4.71 -0.28 -9.69
C ASP A 253 -4.72 1.11 -9.07
N ALA A 254 -5.62 1.31 -8.11
CA ALA A 254 -5.77 2.60 -7.46
C ALA A 254 -4.48 3.08 -6.78
N ASP A 255 -3.72 2.19 -6.15
CA ASP A 255 -2.54 2.63 -5.43
C ASP A 255 -1.47 3.15 -6.37
N THR A 256 -1.28 2.49 -7.51
CA THR A 256 -0.31 3.01 -8.47
C THR A 256 -0.78 4.32 -9.06
N ALA A 257 -2.09 4.48 -9.27
CA ALA A 257 -2.61 5.77 -9.72
C ALA A 257 -2.28 6.85 -8.69
N TYR A 258 -2.49 6.55 -7.42
CA TYR A 258 -2.13 7.49 -6.36
C TYR A 258 -0.65 7.85 -6.42
N MET A 259 0.22 6.84 -6.59
N MET A 259 0.21 6.85 -6.60
CA MET A 259 1.65 7.07 -6.61
CA MET A 259 1.64 7.08 -6.60
C MET A 259 2.06 7.87 -7.84
C MET A 259 2.08 7.86 -7.84
N THR A 260 1.32 7.76 -8.94
CA THR A 260 1.62 8.55 -10.13
C THR A 260 1.27 10.03 -9.90
N SER A 261 0.06 10.29 -9.38
CA SER A 261 -0.29 11.64 -8.98
C SER A 261 0.75 12.23 -8.03
N ARG A 262 1.21 11.41 -7.07
CA ARG A 262 2.18 11.88 -6.09
C ARG A 262 3.50 12.23 -6.75
N GLY A 263 3.90 11.45 -7.75
CA GLY A 263 5.12 11.74 -8.48
C GLY A 263 5.08 13.04 -9.23
N LEU A 264 3.91 13.42 -9.75
CA LEU A 264 3.80 14.71 -10.43
C LEU A 264 4.28 15.86 -9.56
N ARG A 265 4.11 15.73 -8.25
CA ARG A 265 4.31 16.85 -7.36
C ARG A 265 5.78 17.24 -7.24
N THR A 266 6.70 16.32 -7.55
CA THR A 266 8.14 16.63 -7.54
C THR A 266 8.74 16.55 -8.94
N LEU A 267 7.92 16.34 -9.96
CA LEU A 267 8.45 16.12 -11.31
C LEU A 267 9.27 17.32 -11.79
N GLY A 268 8.82 18.54 -11.48
CA GLY A 268 9.53 19.72 -11.93
C GLY A 268 10.93 19.81 -11.35
N VAL A 269 11.04 19.75 -10.01
N VAL A 269 11.03 19.71 -10.02
CA VAL A 269 12.37 19.84 -9.40
CA VAL A 269 12.33 19.84 -9.39
C VAL A 269 13.24 18.68 -9.86
C VAL A 269 13.24 18.67 -9.74
N ARG A 270 12.67 17.49 -9.97
CA ARG A 270 13.47 16.36 -10.40
C ARG A 270 14.00 16.59 -11.82
N LEU A 271 13.11 16.92 -12.75
CA LEU A 271 13.56 17.06 -14.14
C LEU A 271 14.63 18.13 -14.29
N ARG A 272 14.51 19.25 -13.56
CA ARG A 272 15.53 20.29 -13.68
C ARG A 272 16.91 19.76 -13.25
N GLN A 273 16.94 18.92 -12.23
CA GLN A 273 18.21 18.34 -11.81
C GLN A 273 18.72 17.32 -12.83
N HIS A 274 17.85 16.46 -13.36
CA HIS A 274 18.28 15.50 -14.38
C HIS A 274 18.84 16.22 -15.60
N HIS A 275 18.18 17.31 -16.00
CA HIS A 275 18.65 18.13 -17.12
C HIS A 275 20.03 18.70 -16.84
N GLU A 276 20.16 19.43 -15.73
CA GLU A 276 21.44 20.06 -15.40
C GLU A 276 22.57 19.02 -15.36
N SER A 277 22.35 17.93 -14.63
CA SER A 277 23.40 16.93 -14.48
C SER A 277 23.69 16.19 -15.78
N SER A 278 22.66 15.79 -16.52
CA SER A 278 22.94 15.01 -17.72
C SER A 278 23.61 15.86 -18.80
N LEU A 279 23.24 17.14 -18.89
CA LEU A 279 23.91 18.02 -19.84
C LEU A 279 25.38 18.19 -19.47
N ARG A 280 25.68 18.35 -18.19
N ARG A 280 25.68 18.35 -18.18
CA ARG A 280 27.07 18.45 -17.75
CA ARG A 280 27.09 18.46 -17.77
C ARG A 280 27.85 17.19 -18.12
C ARG A 280 27.86 17.19 -18.13
N VAL A 281 27.27 16.02 -17.85
CA VAL A 281 27.95 14.78 -18.20
C VAL A 281 28.15 14.68 -19.71
N ALA A 282 27.11 15.03 -20.48
CA ALA A 282 27.23 14.96 -21.94
C ALA A 282 28.31 15.88 -22.47
N GLU A 283 28.39 17.10 -21.93
CA GLU A 283 29.41 18.05 -22.37
C GLU A 283 30.80 17.53 -22.06
N TRP A 284 30.95 16.89 -20.89
CA TRP A 284 32.24 16.32 -20.51
C TRP A 284 32.61 15.14 -21.40
N LEU A 285 31.66 14.25 -21.64
CA LEU A 285 31.91 13.13 -22.55
C LEU A 285 32.31 13.61 -23.94
N ALA A 286 31.71 14.71 -24.41
CA ALA A 286 32.01 15.19 -25.76
C ALA A 286 33.45 15.66 -25.92
N GLN A 287 34.12 16.00 -24.83
CA GLN A 287 35.51 16.38 -24.87
C GLN A 287 36.45 15.20 -24.59
N HIS A 288 35.90 14.01 -24.35
CA HIS A 288 36.72 12.94 -23.80
C HIS A 288 37.40 12.16 -24.93
N PRO A 289 38.70 11.83 -24.79
CA PRO A 289 39.40 11.14 -25.87
C PRO A 289 38.89 9.74 -26.18
N GLN A 290 38.18 9.09 -25.25
CA GLN A 290 37.69 7.74 -25.46
C GLN A 290 36.26 7.70 -25.98
N VAL A 291 35.68 8.86 -26.31
CA VAL A 291 34.29 8.98 -26.75
C VAL A 291 34.25 9.47 -28.19
N ALA A 292 33.59 8.71 -29.06
CA ALA A 292 33.47 9.07 -30.46
C ALA A 292 32.31 10.03 -30.72
N ARG A 293 31.20 9.85 -29.99
N ARG A 293 31.18 9.84 -30.05
CA ARG A 293 29.97 10.59 -30.25
CA ARG A 293 30.06 10.74 -30.24
C ARG A 293 29.17 10.64 -28.96
C ARG A 293 29.10 10.62 -29.06
N VAL A 294 28.45 11.73 -28.74
CA VAL A 294 27.46 11.83 -27.66
C VAL A 294 26.09 12.07 -28.27
N ASN A 295 25.12 11.26 -27.87
CA ASN A 295 23.73 11.36 -28.34
C ASN A 295 22.91 11.91 -27.19
N HIS A 296 22.83 13.23 -27.10
CA HIS A 296 22.03 13.90 -26.08
C HIS A 296 21.25 14.98 -26.80
N PRO A 297 19.91 14.96 -26.75
CA PRO A 297 19.12 15.96 -27.48
C PRO A 297 19.53 17.40 -27.25
N ALA A 298 20.04 17.71 -26.07
CA ALA A 298 20.41 19.08 -25.73
C ALA A 298 21.83 19.45 -26.17
N LEU A 299 22.65 18.46 -26.58
CA LEU A 299 24.04 18.74 -26.93
C LEU A 299 24.12 19.20 -28.38
N PRO A 300 24.78 20.32 -28.64
CA PRO A 300 24.94 20.77 -30.02
C PRO A 300 25.54 19.68 -30.89
N GLY A 301 25.03 19.54 -32.10
CA GLY A 301 25.49 18.53 -33.04
C GLY A 301 24.77 17.19 -32.96
N SER A 302 23.98 16.94 -31.93
N SER A 302 24.01 16.94 -31.91
CA SER A 302 23.27 15.68 -31.82
CA SER A 302 23.26 15.69 -31.84
C SER A 302 22.10 15.67 -32.80
C SER A 302 22.18 15.68 -32.91
N LYS A 303 21.72 14.48 -33.26
CA LYS A 303 20.73 14.35 -34.31
C LYS A 303 19.39 14.94 -33.87
N GLY A 304 18.92 15.93 -34.61
CA GLY A 304 17.69 16.63 -34.26
C GLY A 304 17.82 17.62 -33.12
N HIS A 305 19.04 17.95 -32.68
CA HIS A 305 19.20 18.92 -31.61
C HIS A 305 18.47 20.23 -31.89
N GLU A 306 18.48 20.68 -33.14
N GLU A 306 18.54 20.70 -33.15
N GLU A 306 18.49 20.67 -33.15
CA GLU A 306 17.83 21.96 -33.41
CA GLU A 306 17.82 21.91 -33.52
CA GLU A 306 17.83 21.92 -33.51
C GLU A 306 16.31 21.87 -33.25
C GLU A 306 16.36 21.82 -33.11
C GLU A 306 16.33 21.85 -33.22
N PHE A 307 15.72 20.68 -33.42
CA PHE A 307 14.31 20.53 -33.14
C PHE A 307 14.05 20.46 -31.64
N TRP A 308 14.96 19.83 -30.90
CA TRP A 308 14.82 19.84 -29.44
C TRP A 308 14.84 21.27 -28.92
N LYS A 309 15.80 22.07 -29.40
CA LYS A 309 15.92 23.42 -28.89
C LYS A 309 14.69 24.25 -29.21
N ARG A 310 14.11 24.03 -30.39
CA ARG A 310 12.96 24.82 -30.82
C ARG A 310 11.65 24.35 -30.15
N ASP A 311 11.49 23.04 -29.96
CA ASP A 311 10.17 22.48 -29.67
C ASP A 311 9.99 21.99 -28.24
N PHE A 312 11.06 21.77 -27.49
CA PHE A 312 11.00 21.28 -26.11
C PHE A 312 11.25 22.44 -25.15
N SER A 313 10.75 22.28 -23.93
CA SER A 313 10.97 23.24 -22.85
C SER A 313 12.00 22.76 -21.86
N GLY A 314 12.66 21.64 -22.13
CA GLY A 314 13.69 21.14 -21.26
C GLY A 314 14.14 19.76 -21.69
N SER A 315 15.02 19.18 -20.89
CA SER A 315 15.58 17.86 -21.11
C SER A 315 15.35 17.02 -19.87
N SER A 316 15.33 15.70 -20.05
CA SER A 316 15.41 14.76 -18.93
C SER A 316 16.85 14.26 -18.81
N GLY A 317 17.05 13.12 -18.16
CA GLY A 317 18.37 12.63 -17.81
C GLY A 317 18.87 11.41 -18.57
N LEU A 318 18.14 10.94 -19.58
CA LEU A 318 18.54 9.75 -20.33
C LEU A 318 19.20 10.13 -21.64
N PHE A 319 20.34 9.51 -21.93
CA PHE A 319 21.03 9.74 -23.20
C PHE A 319 22.02 8.60 -23.44
N SER A 320 22.76 8.69 -24.54
CA SER A 320 23.75 7.66 -24.82
C SER A 320 24.99 8.28 -25.43
N PHE A 321 26.04 7.47 -25.51
CA PHE A 321 27.27 7.86 -26.18
C PHE A 321 27.91 6.64 -26.80
N VAL A 322 28.80 6.87 -27.75
CA VAL A 322 29.51 5.81 -28.47
C VAL A 322 30.97 5.90 -28.11
N LEU A 323 31.56 4.77 -27.70
CA LEU A 323 32.97 4.69 -27.39
C LEU A 323 33.81 4.69 -28.67
N ASN A 324 35.09 5.04 -28.50
N ASN A 324 35.07 5.08 -28.54
CA ASN A 324 36.10 5.09 -29.56
CA ASN A 324 35.89 5.08 -29.75
C ASN A 324 36.56 3.72 -30.01
C ASN A 324 36.16 3.68 -30.27
N LYS A 325 36.00 2.65 -29.44
CA LYS A 325 36.28 1.31 -29.91
C LYS A 325 35.11 0.40 -29.59
N ARG A 326 35.17 -0.77 -30.19
CA ARG A 326 34.24 -1.83 -29.91
C ARG A 326 34.84 -2.68 -28.80
N LEU A 327 34.18 -2.70 -27.65
CA LEU A 327 34.70 -3.48 -26.54
C LEU A 327 34.60 -4.98 -26.81
N THR A 328 35.65 -5.70 -26.43
CA THR A 328 35.56 -7.15 -26.38
C THR A 328 34.69 -7.57 -25.21
N ASP A 329 34.34 -8.85 -25.17
CA ASP A 329 33.56 -9.34 -24.05
C ASP A 329 34.30 -9.14 -22.72
N ALA A 330 35.62 -9.35 -22.72
CA ALA A 330 36.39 -9.12 -21.51
C ALA A 330 36.36 -7.66 -21.09
N GLU A 331 36.49 -6.75 -22.06
CA GLU A 331 36.44 -5.32 -21.76
C GLU A 331 35.06 -4.90 -21.27
N LEU A 332 33.99 -5.46 -21.87
CA LEU A 332 32.64 -5.14 -21.43
C LEU A 332 32.46 -5.47 -19.95
N ALA A 333 32.95 -6.64 -19.53
CA ALA A 333 32.85 -7.03 -18.13
C ALA A 333 33.71 -6.13 -17.25
N ALA A 334 34.94 -5.84 -17.67
CA ALA A 334 35.81 -5.00 -16.86
C ALA A 334 35.19 -3.62 -16.69
N TYR A 335 34.56 -3.11 -17.74
CA TYR A 335 33.91 -1.81 -17.68
C TYR A 335 32.66 -1.87 -16.80
N LEU A 336 31.68 -2.68 -17.19
CA LEU A 336 30.36 -2.62 -16.58
C LEU A 336 30.29 -3.22 -15.17
N ASP A 337 31.12 -4.22 -14.88
CA ASP A 337 30.97 -4.92 -13.60
C ASP A 337 31.49 -4.14 -12.40
N ASN A 338 32.24 -3.06 -12.62
CA ASN A 338 33.04 -2.44 -11.57
C ASN A 338 32.69 -0.99 -11.30
N PHE A 339 31.52 -0.54 -11.73
CA PHE A 339 31.04 0.78 -11.36
C PHE A 339 30.61 0.80 -9.91
N SER A 340 30.82 1.95 -9.26
CA SER A 340 30.48 2.13 -7.85
C SER A 340 29.13 2.80 -7.63
N LEU A 341 28.68 3.63 -8.55
CA LEU A 341 27.44 4.38 -8.42
C LEU A 341 26.43 4.07 -9.51
N PHE A 342 26.88 3.97 -10.76
CA PHE A 342 26.00 3.53 -11.83
C PHE A 342 25.72 2.04 -11.67
N SER A 343 24.47 1.65 -11.87
N SER A 343 24.49 1.64 -11.89
CA SER A 343 24.04 0.26 -11.81
CA SER A 343 24.14 0.22 -11.84
C SER A 343 23.53 -0.17 -13.18
C SER A 343 23.46 -0.20 -13.13
N MET A 344 23.62 -1.48 -13.45
CA MET A 344 23.00 -2.06 -14.63
C MET A 344 21.58 -2.50 -14.32
N ALA A 345 20.62 -1.95 -15.05
CA ALA A 345 19.22 -2.32 -14.94
C ALA A 345 18.51 -1.75 -16.14
N TYR A 346 17.38 -2.36 -16.47
CA TYR A 346 16.50 -1.75 -17.44
C TYR A 346 15.65 -0.68 -16.74
N SER A 347 14.88 0.04 -17.54
CA SER A 347 14.12 1.20 -17.08
C SER A 347 15.05 2.38 -16.76
N TRP A 348 14.46 3.46 -16.30
CA TRP A 348 15.09 4.76 -16.15
C TRP A 348 14.04 5.73 -15.64
N GLY A 349 14.42 6.98 -15.40
CA GLY A 349 13.50 7.95 -14.87
C GLY A 349 13.42 8.00 -13.37
N GLY A 350 14.24 7.23 -12.67
CA GLY A 350 14.25 7.23 -11.23
C GLY A 350 15.31 8.17 -10.68
N PHE A 351 15.53 8.05 -9.37
CA PHE A 351 16.46 8.92 -8.69
C PHE A 351 17.91 8.46 -8.83
N GLU A 352 18.14 7.24 -9.31
CA GLU A 352 19.48 6.68 -9.37
C GLU A 352 19.97 6.57 -10.80
N SER A 353 21.29 6.56 -10.94
CA SER A 353 21.95 6.50 -12.23
C SER A 353 22.15 5.06 -12.70
N LEU A 354 21.97 4.84 -14.00
CA LEU A 354 22.00 3.52 -14.61
C LEU A 354 22.89 3.53 -15.85
N ILE A 355 23.41 2.36 -16.20
CA ILE A 355 24.27 2.18 -17.36
C ILE A 355 23.98 0.83 -18.01
N LEU A 356 23.94 0.83 -19.34
CA LEU A 356 23.84 -0.38 -20.14
C LEU A 356 24.68 -0.20 -21.39
N ALA A 357 25.08 -1.31 -22.01
CA ALA A 357 25.87 -1.29 -23.23
C ALA A 357 25.15 -2.07 -24.33
N ASN A 358 25.32 -1.61 -25.57
CA ASN A 358 24.87 -2.35 -26.74
C ASN A 358 25.93 -2.28 -27.82
N GLN A 359 26.18 -3.39 -28.49
CA GLN A 359 27.04 -3.37 -29.66
C GLN A 359 26.27 -2.85 -30.88
N PRO A 360 26.98 -2.29 -31.86
CA PRO A 360 26.29 -1.69 -33.01
C PRO A 360 25.35 -2.65 -33.73
N GLU A 361 25.76 -3.90 -33.92
CA GLU A 361 24.89 -4.84 -34.63
C GLU A 361 23.62 -5.15 -33.84
N HIS A 362 23.68 -5.03 -32.50
CA HIS A 362 22.47 -5.21 -31.70
C HIS A 362 21.46 -4.11 -32.02
N ILE A 363 21.94 -2.87 -32.12
N ILE A 363 21.94 -2.87 -32.15
CA ILE A 363 21.05 -1.77 -32.49
CA ILE A 363 21.04 -1.77 -32.49
C ILE A 363 20.56 -1.92 -33.92
C ILE A 363 20.56 -1.88 -33.93
N ALA A 364 21.45 -2.27 -34.84
CA ALA A 364 21.03 -2.45 -36.24
C ALA A 364 19.87 -3.44 -36.33
N ALA A 365 19.92 -4.49 -35.50
CA ALA A 365 18.87 -5.51 -35.55
C ALA A 365 17.52 -4.99 -35.09
N ILE A 366 17.48 -3.85 -34.38
CA ILE A 366 16.23 -3.21 -33.97
C ILE A 366 16.06 -1.86 -34.65
N ARG A 367 16.65 -1.71 -35.84
CA ARG A 367 16.42 -0.57 -36.72
C ARG A 367 15.91 -1.14 -38.04
N PRO A 368 14.60 -1.37 -38.14
CA PRO A 368 14.08 -2.09 -39.31
C PRO A 368 14.35 -1.31 -40.59
N GLU A 369 14.81 -2.04 -41.60
CA GLU A 369 15.08 -1.54 -42.94
C GLU A 369 16.18 -0.48 -42.94
N ALA A 370 17.03 -0.48 -41.90
CA ALA A 370 18.07 0.52 -41.77
C ALA A 370 19.32 -0.07 -41.15
N GLU A 371 20.44 0.61 -41.35
CA GLU A 371 21.70 0.29 -40.72
C GLU A 371 22.04 1.38 -39.71
N VAL A 372 23.01 1.10 -38.85
CA VAL A 372 23.55 2.13 -37.97
C VAL A 372 24.78 2.75 -38.60
N ASP A 373 25.15 3.91 -38.10
CA ASP A 373 26.24 4.71 -38.66
C ASP A 373 27.41 4.87 -37.70
N PHE A 374 27.59 3.90 -36.80
CA PHE A 374 28.70 3.89 -35.86
C PHE A 374 29.18 2.46 -35.69
N SER A 375 30.44 2.32 -35.23
CA SER A 375 31.04 1.02 -35.03
C SER A 375 31.52 0.78 -33.62
N GLY A 376 31.58 1.80 -32.76
CA GLY A 376 31.97 1.59 -31.39
C GLY A 376 30.81 1.04 -30.55
N THR A 377 31.16 0.57 -29.35
CA THR A 377 30.13 0.12 -28.41
C THR A 377 29.36 1.34 -27.92
N LEU A 378 28.03 1.20 -27.89
CA LEU A 378 27.16 2.27 -27.42
C LEU A 378 26.84 2.05 -25.94
N ILE A 379 26.90 3.13 -25.16
CA ILE A 379 26.60 3.11 -23.74
C ILE A 379 25.41 4.02 -23.50
N ARG A 380 24.35 3.49 -22.88
CA ARG A 380 23.20 4.30 -22.52
C ARG A 380 23.29 4.62 -21.03
N LEU A 381 23.17 5.91 -20.70
CA LEU A 381 23.23 6.37 -19.33
C LEU A 381 21.90 6.96 -18.93
N HIS A 382 21.46 6.66 -17.71
CA HIS A 382 20.46 7.47 -17.05
C HIS A 382 21.15 8.22 -15.93
N ILE A 383 21.06 9.54 -15.95
CA ILE A 383 21.69 10.38 -14.93
C ILE A 383 20.63 10.70 -13.88
N GLY A 384 20.85 10.18 -12.68
CA GLY A 384 19.98 10.40 -11.56
C GLY A 384 20.29 11.65 -10.78
N LEU A 385 19.99 11.60 -9.48
CA LEU A 385 20.04 12.75 -8.59
C LEU A 385 21.30 12.78 -7.73
N GLU A 386 22.25 11.87 -7.97
CA GLU A 386 23.51 11.87 -7.24
C GLU A 386 24.33 13.12 -7.58
N ASN A 387 25.31 13.43 -6.73
CA ASN A 387 26.18 14.55 -7.02
C ASN A 387 26.91 14.27 -8.34
N VAL A 388 26.87 15.25 -9.25
CA VAL A 388 27.38 15.02 -10.59
C VAL A 388 28.89 14.79 -10.60
N ASP A 389 29.63 15.43 -9.71
CA ASP A 389 31.07 15.18 -9.67
C ASP A 389 31.38 13.74 -9.26
N ASP A 390 30.55 13.14 -8.40
CA ASP A 390 30.73 11.74 -8.04
C ASP A 390 30.43 10.85 -9.25
N LEU A 391 29.40 11.19 -10.02
CA LEU A 391 29.09 10.42 -11.23
C LEU A 391 30.21 10.55 -12.25
N LEU A 392 30.75 11.74 -12.43
CA LEU A 392 31.86 11.91 -13.38
C LEU A 392 33.07 11.07 -12.96
N ALA A 393 33.36 11.03 -11.66
CA ALA A 393 34.49 10.24 -11.19
C ALA A 393 34.27 8.76 -11.47
N ASP A 394 33.02 8.30 -11.31
CA ASP A 394 32.70 6.90 -11.60
C ASP A 394 32.90 6.60 -13.09
N LEU A 395 32.44 7.49 -13.97
CA LEU A 395 32.68 7.32 -15.40
C LEU A 395 34.17 7.34 -15.72
N ALA A 396 34.91 8.27 -15.10
CA ALA A 396 36.35 8.34 -15.35
C ALA A 396 37.04 7.04 -14.95
N ALA A 397 36.64 6.45 -13.83
CA ALA A 397 37.26 5.17 -13.43
C ALA A 397 36.93 4.09 -14.44
N GLY A 398 35.70 4.09 -14.96
CA GLY A 398 35.36 3.15 -16.02
C GLY A 398 36.22 3.32 -17.26
N PHE A 399 36.44 4.57 -17.69
CA PHE A 399 37.32 4.79 -18.84
C PHE A 399 38.71 4.23 -18.58
N ALA A 400 39.21 4.37 -17.35
CA ALA A 400 40.56 3.87 -17.05
C ALA A 400 40.62 2.34 -17.14
N ARG A 401 39.50 1.64 -16.92
CA ARG A 401 39.50 0.19 -17.00
C ARG A 401 39.55 -0.33 -18.42
N ILE A 402 39.31 0.52 -19.43
CA ILE A 402 39.28 0.08 -20.83
C ILE A 402 40.23 0.87 -21.72
N VAL A 403 41.03 1.78 -21.18
CA VAL A 403 41.85 2.64 -22.03
C VAL A 403 42.91 1.82 -22.74
N HIS B 13 28.79 15.64 -1.29
CA HIS B 13 28.40 14.26 -1.53
C HIS B 13 27.07 13.89 -0.89
N LEU B 14 26.38 14.88 -0.29
CA LEU B 14 25.13 14.58 0.39
C LEU B 14 24.11 14.00 -0.57
N ASP B 15 24.02 14.54 -1.80
CA ASP B 15 23.03 14.01 -2.74
C ASP B 15 23.31 12.54 -3.05
N THR B 16 24.58 12.18 -3.23
CA THR B 16 24.92 10.77 -3.45
C THR B 16 24.57 9.95 -2.23
N ALA B 17 24.91 10.44 -1.03
CA ALA B 17 24.58 9.72 0.19
C ALA B 17 23.08 9.54 0.33
N LEU B 18 22.29 10.57 0.02
CA LEU B 18 20.84 10.46 0.18
C LEU B 18 20.27 9.43 -0.79
N VAL B 19 20.80 9.36 -2.01
CA VAL B 19 20.33 8.39 -2.99
C VAL B 19 20.62 6.97 -2.55
N ASN B 20 21.75 6.75 -1.87
CA ASN B 20 22.25 5.40 -1.61
C ASN B 20 22.12 4.92 -0.17
N ALA B 21 21.75 5.77 0.77
CA ALA B 21 21.78 5.38 2.17
C ALA B 21 20.75 4.28 2.44
N GLY B 22 21.22 3.18 3.04
CA GLY B 22 20.37 2.06 3.39
C GLY B 22 20.06 1.11 2.25
N ARG B 23 20.50 1.40 1.03
CA ARG B 23 20.09 0.61 -0.14
C ARG B 23 21.10 -0.49 -0.45
N ARG B 24 21.16 -1.47 0.45
CA ARG B 24 22.06 -2.59 0.32
C ARG B 24 21.29 -3.80 -0.19
N LYS B 25 22.00 -4.69 -0.90
CA LYS B 25 21.39 -5.86 -1.50
C LYS B 25 20.60 -6.68 -0.49
N LYS B 26 21.08 -6.76 0.75
N LYS B 26 21.10 -6.76 0.75
CA LYS B 26 20.35 -7.58 1.73
CA LYS B 26 20.39 -7.50 1.79
C LYS B 26 18.94 -7.04 1.99
C LYS B 26 18.94 -7.05 1.89
N TYR B 27 18.69 -5.75 1.73
CA TYR B 27 17.36 -5.19 1.89
C TYR B 27 16.60 -5.06 0.58
N THR B 28 17.30 -4.80 -0.53
CA THR B 28 16.65 -4.56 -1.81
C THR B 28 16.40 -5.84 -2.61
N GLN B 29 17.25 -6.86 -2.44
CA GLN B 29 17.04 -8.17 -3.07
C GLN B 29 16.85 -8.03 -4.57
N GLY B 30 17.49 -7.06 -5.18
CA GLY B 30 17.47 -6.90 -6.63
C GLY B 30 16.71 -5.70 -7.14
N SER B 31 15.79 -5.15 -6.36
CA SER B 31 15.13 -3.93 -6.77
C SER B 31 15.98 -2.72 -6.36
N VAL B 32 15.56 -1.55 -6.81
CA VAL B 32 16.26 -0.31 -6.45
C VAL B 32 16.01 0.02 -4.99
N ASN B 33 14.79 -0.10 -4.53
CA ASN B 33 14.41 0.23 -3.16
C ASN B 33 14.33 -1.05 -2.33
N SER B 34 14.30 -0.87 -1.01
N SER B 34 14.33 -0.87 -1.02
CA SER B 34 14.14 -2.01 -0.12
CA SER B 34 14.10 -1.99 -0.13
C SER B 34 12.80 -2.70 -0.37
C SER B 34 12.83 -2.72 -0.50
N VAL B 35 12.80 -4.02 -0.20
CA VAL B 35 11.54 -4.74 -0.20
C VAL B 35 10.70 -4.24 0.97
N ILE B 36 9.39 -4.41 0.84
N ILE B 36 9.39 -4.36 0.83
CA ILE B 36 8.46 -4.13 1.92
CA ILE B 36 8.46 -4.12 1.92
C ILE B 36 8.12 -5.46 2.55
C ILE B 36 8.15 -5.47 2.53
N GLN B 37 8.61 -5.67 3.76
CA GLN B 37 8.39 -6.90 4.47
C GLN B 37 7.42 -6.58 5.60
N ARG B 38 6.18 -7.05 5.46
CA ARG B 38 5.12 -6.79 6.43
C ARG B 38 5.06 -7.97 7.38
N ALA B 39 5.21 -7.72 8.68
CA ALA B 39 5.27 -8.86 9.57
C ALA B 39 5.05 -8.47 11.02
N SER B 40 4.30 -9.32 11.72
CA SER B 40 4.49 -9.48 13.16
C SER B 40 5.39 -10.72 13.34
N SER B 41 4.83 -11.90 13.07
CA SER B 41 5.60 -13.14 13.09
C SER B 41 6.77 -13.08 12.12
N LEU B 42 7.95 -13.47 12.61
CA LEU B 42 9.10 -13.76 11.79
C LEU B 42 9.55 -15.19 12.11
N VAL B 43 9.77 -15.98 11.07
CA VAL B 43 9.88 -17.43 11.20
C VAL B 43 11.33 -17.85 11.42
N PHE B 44 11.53 -18.73 12.40
CA PHE B 44 12.85 -19.30 12.68
C PHE B 44 12.87 -20.72 12.13
N ASP B 45 13.84 -21.01 11.25
CA ASP B 45 13.87 -22.32 10.62
C ASP B 45 14.29 -23.41 11.59
N THR B 46 15.12 -23.05 12.57
CA THR B 46 15.63 -23.99 13.55
C THR B 46 15.73 -23.29 14.90
N VAL B 47 15.87 -24.09 15.95
CA VAL B 47 16.12 -23.56 17.28
C VAL B 47 17.42 -22.76 17.30
N GLU B 48 18.45 -23.23 16.58
CA GLU B 48 19.71 -22.49 16.49
C GLU B 48 19.50 -21.10 15.91
N ALA B 49 18.69 -21.01 14.85
CA ALA B 49 18.41 -19.70 14.26
C ALA B 49 17.63 -18.82 15.22
N LYS B 50 16.67 -19.41 15.95
CA LYS B 50 15.91 -18.64 16.92
C LYS B 50 16.82 -18.07 18.00
N LYS B 51 17.78 -18.88 18.48
CA LYS B 51 18.71 -18.38 19.50
C LYS B 51 19.56 -17.23 18.97
N HIS B 52 20.02 -17.34 17.72
CA HIS B 52 20.83 -16.28 17.13
C HIS B 52 20.01 -15.01 16.94
N ALA B 53 18.75 -15.16 16.52
CA ALA B 53 17.89 -14.00 16.33
C ALA B 53 17.61 -13.31 17.66
N THR B 54 17.41 -14.09 18.72
CA THR B 54 17.15 -13.51 20.03
C THR B 54 18.34 -12.73 20.53
N ARG B 55 19.54 -13.32 20.47
CA ARG B 55 20.74 -12.63 20.89
C ARG B 55 20.89 -11.31 20.13
N ASN B 56 20.50 -11.29 18.86
CA ASN B 56 20.70 -10.13 18.00
C ASN B 56 19.40 -9.40 17.67
N ARG B 57 18.43 -9.45 18.58
CA ARG B 57 17.11 -8.88 18.30
C ARG B 57 17.12 -7.36 18.21
N ALA B 58 18.18 -6.71 18.70
CA ALA B 58 18.35 -5.28 18.52
C ALA B 58 19.54 -4.95 17.64
N LYS B 59 20.07 -5.95 16.92
CA LYS B 59 21.29 -5.81 16.15
C LYS B 59 21.08 -6.20 14.68
N GLY B 60 19.84 -6.10 14.19
CA GLY B 60 19.59 -6.25 12.77
C GLY B 60 19.31 -7.65 12.27
N GLU B 61 19.03 -8.60 13.16
CA GLU B 61 18.53 -9.91 12.76
C GLU B 61 17.01 -9.94 12.93
N LEU B 62 16.34 -10.64 12.03
CA LEU B 62 14.90 -10.76 12.08
C LEU B 62 14.46 -11.55 13.30
N PHE B 63 13.66 -10.92 14.15
CA PHE B 63 13.24 -11.53 15.40
C PHE B 63 11.75 -11.41 15.62
N TYR B 64 11.21 -10.19 15.60
CA TYR B 64 9.78 -9.99 15.80
C TYR B 64 9.43 -8.62 15.21
N GLY B 65 8.23 -8.53 14.62
CA GLY B 65 7.84 -7.30 13.95
C GLY B 65 7.93 -6.05 14.79
N ARG B 66 7.74 -6.17 16.12
CA ARG B 66 7.83 -4.99 16.97
C ARG B 66 9.24 -4.41 16.98
N ARG B 67 10.25 -5.27 16.78
CA ARG B 67 11.64 -4.81 16.61
C ARG B 67 11.91 -4.33 15.18
N GLY B 68 11.25 -4.91 14.19
CA GLY B 68 11.34 -4.46 12.81
C GLY B 68 11.57 -5.61 11.86
N THR B 69 11.39 -5.29 10.58
CA THR B 69 11.68 -6.21 9.49
C THR B 69 12.81 -5.60 8.65
N LEU B 70 13.11 -6.24 7.51
CA LEU B 70 14.17 -5.72 6.64
C LEU B 70 13.93 -4.27 6.26
N THR B 71 12.65 -3.90 6.07
CA THR B 71 12.31 -2.56 5.64
C THR B 71 12.70 -1.53 6.69
N HIS B 72 12.42 -1.83 7.96
CA HIS B 72 12.82 -0.92 9.03
C HIS B 72 14.34 -0.86 9.13
N PHE B 73 15.01 -2.01 9.06
CA PHE B 73 16.46 -2.02 9.19
C PHE B 73 17.10 -1.12 8.14
N SER B 74 16.57 -1.14 6.92
CA SER B 74 17.12 -0.31 5.86
C SER B 74 17.00 1.18 6.18
N LEU B 75 15.82 1.61 6.65
CA LEU B 75 15.64 3.00 7.05
C LEU B 75 16.55 3.37 8.23
N GLN B 76 16.63 2.48 9.22
CA GLN B 76 17.46 2.79 10.38
C GLN B 76 18.91 2.96 9.97
N GLU B 77 19.40 2.09 9.09
CA GLU B 77 20.77 2.25 8.60
C GLU B 77 20.96 3.59 7.88
N ALA B 78 19.99 3.96 7.04
CA ALA B 78 20.08 5.24 6.35
C ALA B 78 20.13 6.41 7.33
N MET B 79 19.28 6.39 8.34
CA MET B 79 19.21 7.52 9.28
C MET B 79 20.49 7.61 10.10
N CYS B 80 21.05 6.47 10.51
CA CYS B 80 22.32 6.50 11.24
C CYS B 80 23.44 7.05 10.38
N GLU B 81 23.50 6.65 9.11
N GLU B 81 23.45 6.69 9.09
CA GLU B 81 24.52 7.20 8.24
CA GLU B 81 24.51 7.17 8.20
C GLU B 81 24.35 8.71 8.11
C GLU B 81 24.37 8.66 7.92
N LEU B 82 23.14 9.16 7.80
CA LEU B 82 22.92 10.55 7.46
C LEU B 82 23.08 11.48 8.65
N GLU B 83 22.70 11.05 9.85
CA GLU B 83 22.83 11.88 11.05
C GLU B 83 24.05 11.51 11.90
N GLY B 84 24.82 10.51 11.48
CA GLY B 84 26.06 10.16 12.16
C GLY B 84 25.86 9.61 13.55
N GLY B 85 24.89 8.71 13.70
CA GLY B 85 24.52 8.15 14.97
C GLY B 85 24.84 6.66 15.07
N ALA B 86 24.70 6.15 16.29
CA ALA B 86 24.90 4.74 16.58
C ALA B 86 23.64 3.91 16.41
N GLY B 87 22.46 4.53 16.54
CA GLY B 87 21.21 3.83 16.34
C GLY B 87 20.09 4.81 16.10
N CYS B 88 19.02 4.31 15.46
CA CYS B 88 17.85 5.12 15.12
C CYS B 88 16.62 4.38 15.61
N ALA B 89 15.90 4.96 16.55
CA ALA B 89 14.63 4.41 17.01
C ALA B 89 13.48 5.02 16.22
N LEU B 90 12.44 4.22 15.95
CA LEU B 90 11.31 4.63 15.15
C LEU B 90 10.03 4.70 15.99
N PHE B 91 9.13 5.61 15.62
CA PHE B 91 7.95 5.94 16.40
C PHE B 91 6.79 6.24 15.45
N PRO B 92 5.56 6.22 15.97
CA PRO B 92 4.39 6.42 15.08
C PRO B 92 4.26 7.85 14.54
N CYS B 93 4.89 8.82 15.18
CA CYS B 93 4.87 10.20 14.68
C CYS B 93 5.96 10.97 15.41
N GLY B 94 6.13 12.23 15.00
CA GLY B 94 7.09 13.10 15.66
C GLY B 94 6.78 13.33 17.13
N ALA B 95 5.51 13.55 17.46
CA ALA B 95 5.20 13.82 18.87
C ALA B 95 5.49 12.60 19.74
N ALA B 96 5.29 11.39 19.20
CA ALA B 96 5.63 10.19 19.95
C ALA B 96 7.14 10.06 20.11
N ALA B 97 7.91 10.44 19.08
CA ALA B 97 9.35 10.42 19.24
C ALA B 97 9.80 11.36 20.33
N VAL B 98 9.25 12.58 20.38
CA VAL B 98 9.64 13.54 21.41
C VAL B 98 9.26 13.02 22.78
N ALA B 99 8.00 12.62 22.94
CA ALA B 99 7.52 12.24 24.27
C ALA B 99 8.26 11.02 24.78
N ASN B 100 8.46 10.02 23.92
CA ASN B 100 9.07 8.79 24.38
C ASN B 100 10.58 8.89 24.50
N THR B 101 11.23 9.77 23.72
CA THR B 101 12.66 9.94 23.89
C THR B 101 12.97 10.65 25.20
N ILE B 102 12.19 11.68 25.55
CA ILE B 102 12.36 12.31 26.85
C ILE B 102 12.05 11.31 27.95
N LEU B 103 10.96 10.55 27.80
CA LEU B 103 10.57 9.62 28.87
C LEU B 103 11.63 8.56 29.10
N ALA B 104 12.31 8.15 28.04
CA ALA B 104 13.31 7.09 28.12
C ALA B 104 14.48 7.45 29.02
N PHE B 105 14.67 8.74 29.33
CA PHE B 105 15.84 9.17 30.09
C PHE B 105 15.53 9.83 31.43
N VAL B 106 14.26 9.91 31.83
CA VAL B 106 13.92 10.54 33.10
C VAL B 106 13.36 9.53 34.07
N GLU B 107 13.48 9.83 35.36
CA GLU B 107 12.78 9.09 36.39
C GLU B 107 12.34 10.09 37.45
N GLN B 108 11.46 9.64 38.35
CA GLN B 108 10.95 10.54 39.39
C GLN B 108 12.10 11.22 40.12
N GLY B 109 11.96 12.52 40.32
CA GLY B 109 13.00 13.32 40.93
C GLY B 109 13.85 14.11 39.96
N ASP B 110 13.75 13.81 38.66
CA ASP B 110 14.56 14.46 37.65
C ASP B 110 13.92 15.78 37.22
N HIS B 111 14.72 16.58 36.52
CA HIS B 111 14.34 17.90 36.03
C HIS B 111 14.68 18.01 34.55
N VAL B 112 13.78 18.59 33.76
CA VAL B 112 13.99 18.82 32.34
C VAL B 112 14.08 20.32 32.10
N LEU B 113 15.06 20.72 31.30
CA LEU B 113 15.25 22.12 30.93
C LEU B 113 14.99 22.24 29.43
N MET B 114 13.94 22.98 29.04
CA MET B 114 13.43 22.96 27.68
C MET B 114 13.30 24.39 27.15
N THR B 115 13.63 24.59 25.89
CA THR B 115 13.48 25.93 25.33
C THR B 115 12.01 26.35 25.32
N ASN B 116 11.76 27.63 25.60
CA ASN B 116 10.38 28.09 25.68
C ASN B 116 9.72 28.25 24.32
N THR B 117 10.47 28.00 23.24
CA THR B 117 9.99 27.97 21.88
C THR B 117 9.74 26.56 21.37
N ALA B 118 9.76 25.58 22.26
CA ALA B 118 9.51 24.20 21.86
C ALA B 118 8.09 24.04 21.33
N TYR B 119 7.95 23.11 20.40
CA TYR B 119 6.65 22.72 19.86
C TYR B 119 5.65 22.50 20.99
N GLU B 120 4.43 23.06 20.83
CA GLU B 120 3.49 23.06 21.96
C GLU B 120 3.18 21.66 22.48
N PRO B 121 2.92 20.65 21.63
CA PRO B 121 2.73 19.28 22.18
C PRO B 121 3.91 18.76 22.98
N SER B 122 5.14 19.18 22.65
CA SER B 122 6.29 18.81 23.48
C SER B 122 6.20 19.43 24.86
N GLN B 123 5.83 20.71 24.92
CA GLN B 123 5.64 21.36 26.23
C GLN B 123 4.52 20.68 27.00
N ASP B 124 3.41 20.36 26.32
CA ASP B 124 2.26 19.77 27.02
C ASP B 124 2.60 18.38 27.55
N PHE B 125 3.43 17.61 26.82
CA PHE B 125 3.90 16.35 27.37
C PHE B 125 4.63 16.58 28.70
N CYS B 126 5.47 17.60 28.76
CA CYS B 126 6.21 17.86 30.01
C CYS B 126 5.27 18.30 31.13
N THR B 127 4.36 19.23 30.85
CA THR B 127 3.57 19.83 31.92
C THR B 127 2.36 19.00 32.31
N LYS B 128 1.88 18.12 31.42
CA LYS B 128 0.71 17.29 31.69
C LYS B 128 1.04 15.84 32.00
N ILE B 129 2.11 15.28 31.42
CA ILE B 129 2.45 13.89 31.70
C ILE B 129 3.61 13.81 32.69
N LEU B 130 4.75 14.43 32.37
CA LEU B 130 5.90 14.29 33.26
C LEU B 130 5.62 14.82 34.66
N ALA B 131 4.89 15.93 34.77
CA ALA B 131 4.73 16.57 36.07
C ALA B 131 4.02 15.64 37.06
N LYS B 132 3.06 14.85 36.61
CA LYS B 132 2.38 13.96 37.54
C LYS B 132 3.19 12.71 37.85
N LEU B 133 4.34 12.51 37.17
CA LEU B 133 5.20 11.37 37.40
C LEU B 133 6.47 11.76 38.16
N GLY B 134 6.47 12.94 38.78
CA GLY B 134 7.58 13.35 39.62
C GLY B 134 8.73 14.00 38.88
N VAL B 135 8.53 14.41 37.63
CA VAL B 135 9.57 15.03 36.82
C VAL B 135 9.15 16.48 36.55
N THR B 136 9.99 17.42 36.99
CA THR B 136 9.73 18.84 36.81
C THR B 136 10.37 19.35 35.52
N THR B 137 9.89 20.52 35.07
CA THR B 137 10.36 21.11 33.83
C THR B 137 10.52 22.61 33.99
N GLY B 138 11.70 23.11 33.61
CA GLY B 138 11.97 24.54 33.56
C GLY B 138 12.27 24.96 32.12
N TRP B 139 12.39 26.28 31.94
CA TRP B 139 12.35 26.88 30.61
C TRP B 139 13.50 27.86 30.42
N PHE B 140 13.90 28.03 29.16
CA PHE B 140 14.90 29.03 28.81
C PHE B 140 14.54 29.73 27.51
N ASP B 141 14.93 31.00 27.43
CA ASP B 141 14.81 31.77 26.19
C ASP B 141 15.75 31.19 25.15
N PRO B 142 15.33 31.13 23.87
CA PRO B 142 16.14 30.42 22.87
C PRO B 142 17.50 31.05 22.60
N LEU B 143 17.68 32.33 22.93
CA LEU B 143 18.93 33.02 22.71
C LEU B 143 19.78 33.12 23.97
N ILE B 144 19.56 32.23 24.93
CA ILE B 144 20.26 32.33 26.21
C ILE B 144 21.75 32.01 26.04
N GLY B 145 22.12 31.20 25.06
CA GLY B 145 23.52 30.84 24.89
C GLY B 145 24.14 30.32 26.17
N ALA B 146 25.32 30.84 26.52
CA ALA B 146 26.09 30.28 27.62
C ALA B 146 25.46 30.51 28.98
N ASP B 147 24.56 31.49 29.10
CA ASP B 147 23.91 31.76 30.38
C ASP B 147 22.96 30.64 30.80
N ILE B 148 22.75 29.62 29.96
CA ILE B 148 21.95 28.48 30.38
C ILE B 148 22.55 27.81 31.61
N ALA B 149 23.86 28.02 31.88
CA ALA B 149 24.51 27.31 32.97
C ALA B 149 23.85 27.60 34.31
N ASN B 150 23.32 28.81 34.48
CA ASN B 150 22.72 29.20 35.75
C ASN B 150 21.33 28.63 35.97
N LEU B 151 20.74 28.02 34.94
CA LEU B 151 19.44 27.37 35.06
C LEU B 151 19.55 25.88 35.31
N ILE B 152 20.75 25.32 35.27
CA ILE B 152 20.93 23.87 35.42
C ILE B 152 20.92 23.53 36.91
N GLN B 153 19.99 22.66 37.32
CA GLN B 153 19.86 22.21 38.70
C GLN B 153 20.67 20.94 38.93
N PRO B 154 20.93 20.59 40.19
CA PRO B 154 21.62 19.31 40.43
C PRO B 154 20.86 18.13 39.86
N ASN B 155 19.53 18.22 39.73
CA ASN B 155 18.73 17.13 39.21
C ASN B 155 18.34 17.32 37.75
N THR B 156 18.95 18.29 37.05
CA THR B 156 18.67 18.42 35.62
C THR B 156 19.27 17.24 34.87
N LYS B 157 18.41 16.42 34.27
CA LYS B 157 18.82 15.24 33.53
C LYS B 157 18.79 15.45 32.02
N VAL B 158 17.84 16.24 31.51
CA VAL B 158 17.64 16.42 30.08
C VAL B 158 17.64 17.91 29.78
N VAL B 159 18.36 18.30 28.76
CA VAL B 159 18.30 19.66 28.22
C VAL B 159 17.76 19.54 26.79
N PHE B 160 16.62 20.16 26.53
CA PHE B 160 15.86 19.93 25.30
C PHE B 160 15.89 21.20 24.44
N LEU B 161 16.51 21.08 23.28
CA LEU B 161 16.66 22.18 22.32
C LEU B 161 15.68 22.03 21.16
N GLU B 162 15.38 23.16 20.51
CA GLU B 162 14.63 23.13 19.26
C GLU B 162 15.06 24.36 18.46
N SER B 163 15.79 24.12 17.38
CA SER B 163 16.41 25.20 16.63
C SER B 163 16.22 24.95 15.14
N PRO B 164 15.53 25.83 14.40
N PRO B 164 15.52 25.83 14.42
CA PRO B 164 14.79 27.02 14.85
CA PRO B 164 14.81 27.02 14.87
C PRO B 164 13.63 26.63 15.76
C PRO B 164 13.60 26.65 15.72
N GLY B 165 13.13 27.58 16.54
CA GLY B 165 11.98 27.33 17.38
C GLY B 165 10.71 27.20 16.56
N SER B 166 9.71 26.58 17.18
CA SER B 166 8.40 26.45 16.54
C SER B 166 7.76 27.82 16.39
N ILE B 167 7.15 28.05 15.22
CA ILE B 167 6.35 29.24 14.94
C ILE B 167 7.21 30.48 14.78
N THR B 168 7.99 30.82 15.81
CA THR B 168 8.71 32.10 15.83
C THR B 168 10.13 32.01 15.28
N MET B 169 10.68 30.81 15.10
CA MET B 169 11.85 30.54 14.26
C MET B 169 13.19 31.00 14.84
N GLU B 170 13.27 31.28 16.14
CA GLU B 170 14.55 31.70 16.72
C GLU B 170 15.56 30.55 16.68
N VAL B 171 16.81 30.87 16.28
CA VAL B 171 17.88 29.89 16.17
C VAL B 171 18.76 29.94 17.42
N HIS B 172 18.99 28.78 18.06
CA HIS B 172 19.87 28.71 19.23
C HIS B 172 21.33 28.88 18.80
N ASP B 173 22.16 29.30 19.77
CA ASP B 173 23.62 29.17 19.68
C ASP B 173 23.99 27.83 20.32
N VAL B 174 23.86 26.74 19.52
CA VAL B 174 24.09 25.41 20.07
C VAL B 174 25.50 25.23 20.63
N PRO B 175 26.56 25.66 19.95
CA PRO B 175 27.90 25.53 20.58
C PRO B 175 27.97 26.17 21.97
N ALA B 176 27.37 27.35 22.15
CA ALA B 176 27.46 27.99 23.47
C ALA B 176 26.63 27.23 24.50
N ILE B 177 25.46 26.73 24.10
CA ILE B 177 24.62 25.99 25.04
C ILE B 177 25.30 24.69 25.45
N VAL B 178 25.77 23.93 24.48
CA VAL B 178 26.36 22.62 24.78
C VAL B 178 27.58 22.79 25.67
N ALA B 179 28.44 23.78 25.37
CA ALA B 179 29.63 23.97 26.19
C ALA B 179 29.25 24.31 27.62
N ALA B 180 28.22 25.12 27.80
CA ALA B 180 27.80 25.48 29.16
C ALA B 180 27.21 24.27 29.87
N VAL B 181 26.42 23.46 29.16
CA VAL B 181 25.88 22.26 29.80
C VAL B 181 27.00 21.31 30.19
N ARG B 182 27.99 21.12 29.32
CA ARG B 182 29.03 20.15 29.63
C ARG B 182 29.95 20.62 30.76
N ARG B 183 30.09 21.93 30.96
N ARG B 183 30.07 21.94 30.95
CA ARG B 183 30.90 22.41 32.07
CA ARG B 183 30.88 22.44 32.04
C ARG B 183 30.22 22.15 33.40
C ARG B 183 30.23 22.16 33.39
N VAL B 184 28.91 22.33 33.47
CA VAL B 184 28.18 22.20 34.73
C VAL B 184 27.69 20.78 34.95
N ALA B 185 27.09 20.17 33.92
CA ALA B 185 26.46 18.85 34.05
C ALA B 185 26.88 17.99 32.87
N PRO B 186 28.11 17.49 32.87
CA PRO B 186 28.60 16.71 31.72
C PRO B 186 27.76 15.48 31.40
N GLU B 187 27.13 14.85 32.38
CA GLU B 187 26.39 13.61 32.15
C GLU B 187 24.97 13.85 31.67
N ALA B 188 24.52 15.10 31.52
CA ALA B 188 23.16 15.34 31.08
C ALA B 188 22.96 14.83 29.66
N ILE B 189 21.71 14.52 29.34
CA ILE B 189 21.32 14.12 28.00
C ILE B 189 20.82 15.35 27.26
N ILE B 190 21.53 15.75 26.22
CA ILE B 190 21.14 16.91 25.43
C ILE B 190 20.39 16.40 24.21
N MET B 191 19.15 16.86 24.02
CA MET B 191 18.32 16.45 22.91
C MET B 191 17.93 17.66 22.07
N ILE B 192 17.63 17.42 20.80
CA ILE B 192 17.16 18.48 19.93
C ILE B 192 16.04 17.96 19.04
N ASP B 193 15.01 18.76 18.88
CA ASP B 193 14.02 18.53 17.84
C ASP B 193 14.54 19.22 16.60
N ASN B 194 15.06 18.41 15.66
CA ASN B 194 15.79 18.85 14.48
C ASN B 194 14.95 18.71 13.22
N THR B 195 13.62 18.83 13.37
CA THR B 195 12.71 18.60 12.25
C THR B 195 12.89 19.64 11.15
N TRP B 196 13.08 20.91 11.51
CA TRP B 196 13.12 21.96 10.49
C TRP B 196 14.28 21.74 9.54
N ALA B 197 15.42 21.26 10.05
CA ALA B 197 16.60 20.95 9.26
C ALA B 197 16.52 19.59 8.58
N ALA B 198 15.43 18.84 8.79
CA ALA B 198 15.29 17.48 8.27
C ALA B 198 16.47 16.59 8.67
N GLY B 199 17.10 16.93 9.80
CA GLY B 199 18.24 16.19 10.30
C GLY B 199 19.52 16.30 9.49
N VAL B 200 19.49 16.95 8.33
CA VAL B 200 20.66 17.00 7.47
C VAL B 200 21.21 18.40 7.27
N LEU B 201 20.42 19.45 7.48
CA LEU B 201 20.93 20.82 7.36
C LEU B 201 21.63 21.29 8.64
N PHE B 202 21.51 20.51 9.72
CA PHE B 202 22.20 20.77 10.97
C PHE B 202 22.58 19.41 11.54
N LYS B 203 23.88 19.11 11.59
N LYS B 203 23.89 19.13 11.60
CA LYS B 203 24.33 17.77 12.00
CA LYS B 203 24.39 17.82 12.02
C LYS B 203 24.51 17.80 13.52
C LYS B 203 24.51 17.84 13.54
N ALA B 204 23.38 17.63 14.21
CA ALA B 204 23.31 17.84 15.65
C ALA B 204 24.33 17.02 16.43
N LEU B 205 24.51 15.75 16.07
N LEU B 205 24.49 15.74 16.09
CA LEU B 205 25.41 14.89 16.83
CA LEU B 205 25.42 14.92 16.87
C LEU B 205 26.87 15.26 16.64
C LEU B 205 26.85 15.43 16.76
N ASP B 206 27.20 16.06 15.63
CA ASP B 206 28.54 16.61 15.50
C ASP B 206 28.77 17.81 16.41
N PHE B 207 27.71 18.39 16.96
CA PHE B 207 27.79 19.53 17.87
C PHE B 207 27.79 19.12 19.34
N GLY B 208 27.85 17.83 19.63
CA GLY B 208 27.83 17.37 21.01
C GLY B 208 26.45 17.15 21.59
N ILE B 209 25.40 17.31 20.79
CA ILE B 209 24.08 16.88 21.20
C ILE B 209 24.05 15.35 21.18
N ASP B 210 23.31 14.76 22.11
CA ASP B 210 23.26 13.32 22.27
C ASP B 210 22.22 12.63 21.37
N ILE B 211 21.08 13.27 21.15
CA ILE B 211 19.98 12.66 20.40
C ILE B 211 19.32 13.72 19.53
N SER B 212 19.14 13.38 18.26
CA SER B 212 18.50 14.23 17.27
C SER B 212 17.15 13.61 16.93
N ILE B 213 16.06 14.31 17.26
CA ILE B 213 14.71 13.82 17.06
C ILE B 213 14.09 14.52 15.87
N GLN B 214 13.34 13.79 15.04
CA GLN B 214 12.64 14.41 13.94
C GLN B 214 11.21 13.89 13.84
N ALA B 215 10.32 14.78 13.43
CA ALA B 215 9.05 14.39 12.83
C ALA B 215 9.38 14.10 11.37
N ALA B 216 9.66 12.85 11.08
CA ALA B 216 9.91 12.44 9.70
C ALA B 216 8.67 12.66 8.83
N THR B 217 7.50 12.80 9.45
CA THR B 217 6.28 13.33 8.88
C THR B 217 6.46 14.51 7.95
N LYS B 218 7.46 15.36 8.22
N LYS B 218 7.42 15.39 8.25
CA LYS B 218 7.57 16.65 7.52
CA LYS B 218 7.58 16.63 7.50
C LYS B 218 8.37 16.53 6.23
C LYS B 218 8.44 16.38 6.27
N TYR B 219 9.66 16.91 6.22
CA TYR B 219 10.42 16.88 4.98
C TYR B 219 10.88 15.49 4.57
N LEU B 220 11.12 14.56 5.50
CA LEU B 220 11.57 13.23 5.05
C LEU B 220 10.51 12.54 4.23
N ILE B 221 9.27 12.47 4.74
CA ILE B 221 8.16 11.95 3.93
C ILE B 221 7.93 12.84 2.73
N GLY B 222 7.82 14.15 2.95
CA GLY B 222 7.85 15.14 1.90
C GLY B 222 6.58 15.34 1.11
N HIS B 223 5.52 14.59 1.41
CA HIS B 223 4.32 14.63 0.60
C HIS B 223 3.05 14.69 1.44
N SER B 224 3.17 14.95 2.73
CA SER B 224 2.04 15.22 3.61
C SER B 224 1.12 14.02 3.81
N ASP B 225 1.59 12.79 3.51
CA ASP B 225 0.73 11.61 3.52
C ASP B 225 1.28 10.45 4.33
N GLY B 226 2.18 10.70 5.24
CA GLY B 226 2.62 9.69 6.17
C GLY B 226 3.06 10.35 7.45
N MET B 227 2.97 9.62 8.56
CA MET B 227 3.41 10.14 9.85
C MET B 227 4.35 9.13 10.49
N ILE B 228 5.43 9.65 11.07
CA ILE B 228 6.52 8.82 11.57
C ILE B 228 7.50 9.71 12.32
N GLY B 229 8.00 9.23 13.44
CA GLY B 229 9.03 9.92 14.20
C GLY B 229 10.30 9.10 14.23
N THR B 230 11.43 9.80 14.29
CA THR B 230 12.73 9.16 14.42
C THR B 230 13.52 9.82 15.54
N ALA B 231 14.37 9.02 16.19
CA ALA B 231 15.34 9.57 17.12
C ALA B 231 16.68 8.87 16.90
N VAL B 232 17.71 9.64 16.54
CA VAL B 232 19.04 9.11 16.26
C VAL B 232 19.94 9.51 17.43
N ALA B 233 20.53 8.52 18.08
CA ALA B 233 21.31 8.73 19.28
C ALA B 233 22.77 8.36 19.05
N ASN B 234 23.65 9.02 19.78
CA ASN B 234 25.06 8.64 19.84
C ASN B 234 25.23 7.31 20.58
N ALA B 235 26.46 6.80 20.59
CA ALA B 235 26.71 5.50 21.21
C ALA B 235 26.43 5.51 22.70
N ARG B 236 26.66 6.66 23.35
CA ARG B 236 26.47 6.72 24.80
C ARG B 236 25.03 6.48 25.19
N CYS B 237 24.09 6.98 24.38
CA CYS B 237 22.68 7.00 24.76
C CYS B 237 21.84 5.97 24.03
N TRP B 238 22.40 5.27 23.05
CA TRP B 238 21.57 4.47 22.15
C TRP B 238 20.83 3.35 22.89
N GLU B 239 21.55 2.58 23.72
CA GLU B 239 20.94 1.40 24.31
C GLU B 239 19.75 1.78 25.20
N GLN B 240 19.90 2.83 26.01
CA GLN B 240 18.79 3.27 26.85
C GLN B 240 17.61 3.75 26.02
N LEU B 241 17.89 4.54 24.98
CA LEU B 241 16.81 4.99 24.09
C LEU B 241 16.09 3.81 23.47
N CYS B 242 16.85 2.90 22.87
CA CYS B 242 16.28 1.77 22.15
C CYS B 242 15.41 0.94 23.08
N GLU B 243 15.96 0.56 24.23
CA GLU B 243 15.28 -0.43 25.06
C GLU B 243 14.09 0.18 25.79
N ASN B 244 14.17 1.44 26.22
CA ASN B 244 13.04 2.03 26.91
C ASN B 244 11.92 2.43 25.94
N ALA B 245 12.25 2.88 24.74
CA ALA B 245 11.21 3.10 23.73
C ALA B 245 10.51 1.80 23.37
N TYR B 246 11.27 0.70 23.31
CA TYR B 246 10.69 -0.59 22.99
C TYR B 246 9.74 -1.04 24.09
N LEU B 247 10.09 -0.75 25.34
CA LEU B 247 9.21 -1.12 26.43
C LEU B 247 7.88 -0.38 26.37
N MET B 248 7.83 0.78 25.71
CA MET B 248 6.60 1.51 25.49
C MET B 248 5.92 1.08 24.20
N GLY B 249 6.44 0.04 23.53
CA GLY B 249 5.87 -0.47 22.30
C GLY B 249 6.01 0.44 21.11
N GLN B 250 7.03 1.31 21.09
CA GLN B 250 7.12 2.27 20.00
C GLN B 250 7.73 1.63 18.76
N MET B 251 7.03 1.81 17.64
CA MET B 251 7.44 1.30 16.34
C MET B 251 6.67 2.07 15.29
N ILE B 252 7.04 1.83 14.03
CA ILE B 252 6.32 2.32 12.87
C ILE B 252 6.04 1.14 11.96
N ASP B 253 5.00 1.25 11.15
CA ASP B 253 4.69 0.20 10.19
C ASP B 253 5.71 0.17 9.05
N ALA B 254 5.86 -1.02 8.48
CA ALA B 254 6.88 -1.21 7.45
C ALA B 254 6.63 -0.32 6.23
N ASP B 255 5.38 -0.10 5.84
CA ASP B 255 5.14 0.70 4.64
C ASP B 255 5.54 2.16 4.84
N THR B 256 5.25 2.72 6.03
CA THR B 256 5.68 4.09 6.26
C THR B 256 7.20 4.18 6.35
N ALA B 257 7.85 3.14 6.89
CA ALA B 257 9.31 3.11 6.86
C ALA B 257 9.82 3.14 5.43
N TYR B 258 9.23 2.32 4.55
CA TYR B 258 9.59 2.33 3.13
C TYR B 258 9.42 3.73 2.52
N MET B 259 8.32 4.40 2.85
N MET B 259 8.31 4.39 2.83
CA MET B 259 8.05 5.71 2.25
CA MET B 259 8.05 5.70 2.24
C MET B 259 8.99 6.77 2.80
C MET B 259 9.01 6.75 2.78
N THR B 260 9.49 6.60 4.01
CA THR B 260 10.47 7.53 4.55
C THR B 260 11.81 7.37 3.84
N SER B 261 12.28 6.13 3.69
CA SER B 261 13.46 5.87 2.88
C SER B 261 13.32 6.46 1.49
N ARG B 262 12.13 6.30 0.89
CA ARG B 262 11.88 6.80 -0.45
C ARG B 262 11.96 8.31 -0.50
N GLY B 263 11.45 8.99 0.53
CA GLY B 263 11.54 10.43 0.61
C GLY B 263 12.96 10.94 0.65
N LEU B 264 13.86 10.18 1.28
CA LEU B 264 15.26 10.59 1.33
C LEU B 264 15.82 10.82 -0.06
N ARG B 265 15.34 10.05 -1.04
CA ARG B 265 15.94 10.06 -2.37
C ARG B 265 15.70 11.37 -3.13
N THR B 266 14.73 12.19 -2.73
CA THR B 266 14.51 13.50 -3.33
C THR B 266 14.69 14.64 -2.34
N LEU B 267 15.13 14.34 -1.12
CA LEU B 267 15.21 15.37 -0.09
C LEU B 267 16.13 16.52 -0.48
N GLY B 268 17.26 16.21 -1.12
CA GLY B 268 18.20 17.27 -1.46
C GLY B 268 17.63 18.24 -2.48
N VAL B 269 17.12 17.70 -3.59
N VAL B 269 17.08 17.69 -3.57
CA VAL B 269 16.52 18.56 -4.61
CA VAL B 269 16.53 18.56 -4.61
C VAL B 269 15.36 19.36 -4.03
C VAL B 269 15.32 19.33 -4.10
N ARG B 270 14.52 18.73 -3.22
CA ARG B 270 13.39 19.46 -2.64
C ARG B 270 13.87 20.59 -1.74
N LEU B 271 14.74 20.29 -0.79
CA LEU B 271 15.21 21.31 0.14
C LEU B 271 15.84 22.50 -0.58
N ARG B 272 16.61 22.26 -1.63
CA ARG B 272 17.22 23.40 -2.32
C ARG B 272 16.15 24.33 -2.90
N GLN B 273 15.06 23.75 -3.42
CA GLN B 273 13.97 24.58 -3.92
C GLN B 273 13.24 25.31 -2.80
N HIS B 274 12.96 24.61 -1.69
CA HIS B 274 12.30 25.26 -0.55
C HIS B 274 13.13 26.43 -0.04
N HIS B 275 14.45 26.26 0.01
CA HIS B 275 15.34 27.33 0.48
C HIS B 275 15.29 28.52 -0.46
N GLU B 276 15.51 28.27 -1.75
CA GLU B 276 15.53 29.36 -2.73
C GLU B 276 14.21 30.11 -2.72
N SER B 277 13.10 29.39 -2.77
CA SER B 277 11.80 30.07 -2.82
C SER B 277 11.47 30.77 -1.52
N SER B 278 11.70 30.13 -0.38
CA SER B 278 11.29 30.77 0.85
C SER B 278 12.14 32.00 1.17
N LEU B 279 13.42 31.97 0.83
CA LEU B 279 14.25 33.14 1.08
C LEU B 279 13.80 34.31 0.20
N ARG B 280 13.48 34.03 -1.06
N ARG B 280 13.45 34.03 -1.05
CA ARG B 280 12.93 35.06 -1.93
CA ARG B 280 12.94 35.07 -1.93
C ARG B 280 11.69 35.69 -1.31
C ARG B 280 11.65 35.69 -1.38
N VAL B 281 10.74 34.86 -0.86
CA VAL B 281 9.52 35.39 -0.28
C VAL B 281 9.84 36.23 0.97
N ALA B 282 10.72 35.72 1.83
CA ALA B 282 11.10 36.44 3.04
C ALA B 282 11.70 37.80 2.73
N GLU B 283 12.57 37.87 1.71
CA GLU B 283 13.20 39.12 1.33
C GLU B 283 12.16 40.12 0.86
N TRP B 284 11.17 39.65 0.10
CA TRP B 284 10.09 40.52 -0.35
C TRP B 284 9.25 41.00 0.82
N LEU B 285 8.92 40.10 1.73
CA LEU B 285 8.14 40.49 2.91
C LEU B 285 8.91 41.48 3.76
N ALA B 286 10.24 41.34 3.84
CA ALA B 286 11.04 42.17 4.74
C ALA B 286 11.12 43.61 4.29
N GLN B 287 10.76 43.91 3.05
CA GLN B 287 10.66 45.29 2.59
C GLN B 287 9.21 45.70 2.36
N HIS B 288 8.25 44.89 2.81
CA HIS B 288 6.86 45.16 2.50
C HIS B 288 6.24 46.08 3.55
N PRO B 289 5.47 47.10 3.13
CA PRO B 289 4.92 48.06 4.10
C PRO B 289 3.88 47.49 5.07
N GLN B 290 3.29 46.33 4.79
CA GLN B 290 2.29 45.74 5.69
C GLN B 290 2.88 44.69 6.61
N VAL B 291 4.20 44.58 6.65
CA VAL B 291 4.91 43.56 7.44
C VAL B 291 5.77 44.27 8.46
N ALA B 292 5.63 43.86 9.72
CA ALA B 292 6.42 44.44 10.80
C ALA B 292 7.74 43.72 11.03
N ARG B 293 7.78 42.41 10.76
CA ARG B 293 8.94 41.59 11.09
C ARG B 293 8.87 40.32 10.25
N VAL B 294 10.04 39.82 9.84
CA VAL B 294 10.14 38.52 9.19
C VAL B 294 11.05 37.62 10.01
N ASN B 295 10.56 36.41 10.32
CA ASN B 295 11.28 35.41 11.10
C ASN B 295 11.69 34.27 10.16
N HIS B 296 12.84 34.41 9.51
CA HIS B 296 13.37 33.36 8.63
C HIS B 296 14.83 33.18 9.00
N PRO B 297 15.24 32.00 9.48
CA PRO B 297 16.66 31.82 9.88
C PRO B 297 17.68 32.26 8.84
N ALA B 298 17.39 32.09 7.56
CA ALA B 298 18.34 32.45 6.51
C ALA B 298 18.33 33.93 6.17
N LEU B 299 17.40 34.71 6.72
CA LEU B 299 17.31 36.13 6.40
C LEU B 299 18.18 36.94 7.35
N PRO B 300 19.17 37.69 6.87
CA PRO B 300 19.94 38.57 7.76
C PRO B 300 19.02 39.44 8.61
N GLY B 301 19.31 39.48 9.91
CA GLY B 301 18.54 40.24 10.87
C GLY B 301 17.55 39.42 11.67
N SER B 302 17.20 38.23 11.21
CA SER B 302 16.31 37.37 11.96
C SER B 302 17.03 36.86 13.21
N LYS B 303 16.24 36.49 14.23
CA LYS B 303 16.81 36.10 15.52
C LYS B 303 17.63 34.83 15.39
N GLY B 304 18.92 34.92 15.72
CA GLY B 304 19.81 33.79 15.62
C GLY B 304 20.34 33.53 14.24
N HIS B 305 20.10 34.44 13.29
CA HIS B 305 20.56 34.23 11.92
C HIS B 305 22.07 33.99 11.87
N GLU B 306 22.85 34.67 12.71
CA GLU B 306 24.29 34.48 12.67
C GLU B 306 24.68 33.05 13.04
N PHE B 307 23.91 32.41 13.92
CA PHE B 307 24.17 31.02 14.25
C PHE B 307 23.74 30.08 13.12
N TRP B 308 22.61 30.38 12.48
CA TRP B 308 22.21 29.60 11.31
C TRP B 308 23.30 29.64 10.24
N LYS B 309 23.85 30.84 10.01
CA LYS B 309 24.86 31.01 8.97
C LYS B 309 26.11 30.20 9.27
N ARG B 310 26.49 30.12 10.55
CA ARG B 310 27.71 29.43 10.97
C ARG B 310 27.52 27.92 11.08
N ASP B 311 26.35 27.47 11.56
CA ASP B 311 26.19 26.08 11.98
C ASP B 311 25.35 25.22 11.05
N PHE B 312 24.57 25.80 10.16
CA PHE B 312 23.73 25.03 9.24
C PHE B 312 24.37 24.98 7.86
N SER B 313 23.96 23.98 7.07
CA SER B 313 24.42 23.83 5.70
C SER B 313 23.34 24.23 4.68
N GLY B 314 22.22 24.76 5.15
CA GLY B 314 21.15 25.17 4.27
C GLY B 314 19.91 25.50 5.08
N SER B 315 18.82 25.79 4.36
CA SER B 315 17.55 26.16 4.95
C SER B 315 16.43 25.32 4.35
N SER B 316 15.35 25.16 5.10
CA SER B 316 14.13 24.62 4.55
C SER B 316 13.16 25.76 4.20
N GLY B 317 11.87 25.47 4.10
CA GLY B 317 10.92 26.43 3.57
C GLY B 317 9.85 26.92 4.52
N LEU B 318 9.96 26.58 5.80
CA LEU B 318 9.04 27.05 6.84
C LEU B 318 9.57 28.29 7.53
N PHE B 319 8.73 29.33 7.64
CA PHE B 319 9.10 30.56 8.34
C PHE B 319 7.83 31.33 8.68
N SER B 320 7.99 32.47 9.35
CA SER B 320 6.83 33.26 9.71
C SER B 320 7.12 34.74 9.54
N PHE B 321 6.05 35.53 9.55
CA PHE B 321 6.18 36.98 9.54
C PHE B 321 5.05 37.57 10.38
N VAL B 322 5.24 38.83 10.79
CA VAL B 322 4.30 39.54 11.64
C VAL B 322 3.69 40.67 10.84
N LEU B 323 2.36 40.73 10.84
CA LEU B 323 1.62 41.79 10.16
C LEU B 323 1.70 43.08 10.95
N ASN B 324 1.36 44.19 10.28
N ASN B 324 1.39 44.20 10.29
CA ASN B 324 1.37 45.52 10.85
CA ASN B 324 1.44 45.49 10.96
C ASN B 324 0.19 45.78 11.78
C ASN B 324 0.22 45.76 11.82
N LYS B 325 -0.71 44.81 11.95
CA LYS B 325 -1.83 44.96 12.85
C LYS B 325 -2.30 43.58 13.27
N ARG B 326 -3.12 43.54 14.32
CA ARG B 326 -3.81 42.33 14.74
C ARG B 326 -5.13 42.26 13.98
N LEU B 327 -5.28 41.25 13.14
CA LEU B 327 -6.49 41.12 12.33
C LEU B 327 -7.69 40.74 13.21
N THR B 328 -8.82 41.38 12.96
CA THR B 328 -10.07 40.98 13.58
C THR B 328 -10.61 39.72 12.90
N ASP B 329 -11.72 39.20 13.44
CA ASP B 329 -12.25 37.95 12.91
C ASP B 329 -12.68 38.15 11.46
N ALA B 330 -13.30 39.30 11.16
CA ALA B 330 -13.69 39.55 9.78
C ALA B 330 -12.48 39.70 8.88
N GLU B 331 -11.42 40.37 9.38
CA GLU B 331 -10.23 40.56 8.57
C GLU B 331 -9.48 39.25 8.36
N LEU B 332 -9.37 38.44 9.41
N LEU B 332 -9.39 38.42 9.40
CA LEU B 332 -8.71 37.13 9.28
CA LEU B 332 -8.70 37.14 9.27
C LEU B 332 -9.38 36.30 8.19
C LEU B 332 -9.38 36.26 8.22
N ALA B 333 -10.71 36.26 8.20
CA ALA B 333 -11.43 35.47 7.20
C ALA B 333 -11.26 36.04 5.81
N ALA B 334 -11.32 37.37 5.66
CA ALA B 334 -11.10 37.96 4.34
C ALA B 334 -9.71 37.61 3.83
N TYR B 335 -8.73 37.59 4.72
CA TYR B 335 -7.35 37.26 4.33
C TYR B 335 -7.22 35.77 4.01
N LEU B 336 -7.45 34.91 5.00
CA LEU B 336 -7.11 33.50 4.85
C LEU B 336 -8.07 32.74 3.94
N ASP B 337 -9.36 33.08 3.94
CA ASP B 337 -10.33 32.27 3.22
C ASP B 337 -10.19 32.38 1.70
N ASN B 338 -9.46 33.37 1.20
CA ASN B 338 -9.52 33.70 -0.21
C ASN B 338 -8.18 33.55 -0.92
N PHE B 339 -7.23 32.84 -0.31
CA PHE B 339 -6.01 32.47 -1.03
C PHE B 339 -6.32 31.45 -2.12
N SER B 340 -5.58 31.54 -3.23
CA SER B 340 -5.73 30.63 -4.35
C SER B 340 -4.74 29.48 -4.32
N LEU B 341 -3.53 29.68 -3.79
CA LEU B 341 -2.50 28.65 -3.78
C LEU B 341 -2.12 28.20 -2.38
N PHE B 342 -1.99 29.12 -1.43
CA PHE B 342 -1.74 28.74 -0.06
C PHE B 342 -3.01 28.12 0.54
N SER B 343 -2.84 27.02 1.26
N SER B 343 -2.84 27.05 1.30
CA SER B 343 -3.92 26.34 1.95
CA SER B 343 -3.97 26.40 1.94
C SER B 343 -3.72 26.46 3.45
C SER B 343 -3.74 26.28 3.44
N MET B 344 -4.84 26.40 4.19
CA MET B 344 -4.79 26.32 5.64
C MET B 344 -4.77 24.87 6.07
N ALA B 345 -3.69 24.47 6.73
CA ALA B 345 -3.58 23.14 7.31
C ALA B 345 -2.43 23.17 8.28
N TYR B 346 -2.44 22.22 9.21
CA TYR B 346 -1.27 21.98 10.05
C TYR B 346 -0.29 21.08 9.31
N SER B 347 0.86 20.85 9.93
CA SER B 347 2.00 20.19 9.30
C SER B 347 2.64 21.08 8.24
N TRP B 348 3.65 20.54 7.57
CA TRP B 348 4.52 21.28 6.66
C TRP B 348 5.57 20.30 6.16
N GLY B 349 6.49 20.76 5.33
CA GLY B 349 7.49 19.87 4.77
C GLY B 349 7.08 19.18 3.49
N GLY B 350 5.90 19.45 2.97
CA GLY B 350 5.42 18.82 1.76
C GLY B 350 5.68 19.66 0.53
N PHE B 351 5.11 19.22 -0.58
CA PHE B 351 5.31 19.90 -1.83
C PHE B 351 4.45 21.15 -1.99
N GLU B 352 3.45 21.33 -1.15
CA GLU B 352 2.50 22.43 -1.31
C GLU B 352 2.72 23.50 -0.24
N SER B 353 2.27 24.71 -0.57
CA SER B 353 2.41 25.85 0.32
C SER B 353 1.23 25.97 1.27
N LEU B 354 1.52 26.35 2.50
CA LEU B 354 0.55 26.39 3.57
C LEU B 354 0.63 27.73 4.30
N ILE B 355 -0.48 28.11 4.92
CA ILE B 355 -0.56 29.35 5.68
C ILE B 355 -1.43 29.13 6.92
N LEU B 356 -0.97 29.68 8.05
CA LEU B 356 -1.73 29.67 9.29
C LEU B 356 -1.49 31.00 9.99
N ALA B 357 -2.47 31.43 10.78
CA ALA B 357 -2.34 32.65 11.58
C ALA B 357 -2.31 32.29 13.06
N ASN B 358 -1.50 33.03 13.82
CA ASN B 358 -1.43 32.91 15.27
C ASN B 358 -1.52 34.33 15.83
N GLN B 359 -2.46 34.58 16.73
CA GLN B 359 -2.50 35.88 17.37
C GLN B 359 -1.43 35.97 18.47
N PRO B 360 -0.91 37.19 18.73
CA PRO B 360 0.21 37.30 19.67
C PRO B 360 -0.08 36.76 21.06
N GLU B 361 -1.27 37.02 21.59
CA GLU B 361 -1.57 36.54 22.93
C GLU B 361 -1.67 35.01 22.95
N HIS B 362 -2.03 34.38 21.83
CA HIS B 362 -1.97 32.91 21.75
C HIS B 362 -0.54 32.41 21.87
N ILE B 363 0.38 33.07 21.16
CA ILE B 363 1.79 32.68 21.25
C ILE B 363 2.33 32.92 22.66
N ALA B 364 1.99 34.06 23.27
CA ALA B 364 2.46 34.32 24.61
C ALA B 364 2.05 33.20 25.56
N ALA B 365 0.84 32.68 25.39
CA ALA B 365 0.37 31.62 26.28
C ALA B 365 1.17 30.32 26.13
N ILE B 366 1.86 30.12 25.00
CA ILE B 366 2.71 28.96 24.83
C ILE B 366 4.17 29.37 24.81
N ARG B 367 4.49 30.48 25.48
CA ARG B 367 5.88 30.87 25.75
C ARG B 367 5.98 30.92 27.27
N PRO B 368 6.24 29.79 27.91
CA PRO B 368 6.19 29.76 29.39
C PRO B 368 7.18 30.73 30.02
N GLU B 369 6.70 31.39 31.06
CA GLU B 369 7.53 32.31 31.85
C GLU B 369 8.08 33.44 30.99
N ALA B 370 7.49 33.69 29.82
CA ALA B 370 8.00 34.70 28.92
C ALA B 370 6.87 35.46 28.27
N GLU B 371 7.21 36.63 27.73
CA GLU B 371 6.30 37.50 27.01
C GLU B 371 6.69 37.51 25.53
N VAL B 372 5.73 37.91 24.66
CA VAL B 372 6.07 38.16 23.26
C VAL B 372 6.39 39.63 23.07
N ASP B 373 7.23 39.93 22.07
CA ASP B 373 7.70 41.27 21.81
C ASP B 373 7.15 41.84 20.50
N PHE B 374 5.98 41.35 20.08
CA PHE B 374 5.29 41.88 18.91
C PHE B 374 3.81 41.90 19.24
N SER B 375 3.06 42.68 18.45
CA SER B 375 1.63 42.85 18.67
C SER B 375 0.76 42.61 17.44
N GLY B 376 1.35 42.39 16.26
CA GLY B 376 0.55 42.04 15.11
C GLY B 376 0.25 40.53 15.02
N THR B 377 -0.70 40.18 14.16
CA THR B 377 -0.96 38.78 13.88
C THR B 377 0.27 38.17 13.23
N LEU B 378 0.71 37.01 13.73
CA LEU B 378 1.79 36.25 13.12
C LEU B 378 1.25 35.28 12.08
N ILE B 379 1.85 35.28 10.89
CA ILE B 379 1.48 34.38 9.81
C ILE B 379 2.63 33.40 9.63
N ARG B 380 2.35 32.10 9.72
CA ARG B 380 3.37 31.09 9.44
C ARG B 380 3.14 30.55 8.03
N LEU B 381 4.19 30.56 7.23
CA LEU B 381 4.16 30.09 5.86
C LEU B 381 5.01 28.84 5.70
N HIS B 382 4.48 27.84 5.00
CA HIS B 382 5.31 26.82 4.40
C HIS B 382 5.38 27.08 2.91
N ILE B 383 6.59 27.26 2.39
CA ILE B 383 6.80 27.53 0.97
C ILE B 383 7.09 26.20 0.30
N GLY B 384 6.18 25.76 -0.55
CA GLY B 384 6.29 24.52 -1.27
C GLY B 384 7.01 24.69 -2.58
N LEU B 385 6.66 23.84 -3.55
CA LEU B 385 7.39 23.70 -4.80
C LEU B 385 6.70 24.44 -5.95
N GLU B 386 5.65 25.21 -5.68
CA GLU B 386 4.99 26.00 -6.72
C GLU B 386 5.94 27.08 -7.24
N ASN B 387 5.59 27.63 -8.40
CA ASN B 387 6.36 28.76 -8.93
C ASN B 387 6.31 29.93 -7.96
N VAL B 388 7.48 30.48 -7.63
CA VAL B 388 7.54 31.46 -6.54
C VAL B 388 6.83 32.75 -6.91
N ASP B 389 6.85 33.13 -8.19
CA ASP B 389 6.13 34.33 -8.60
C ASP B 389 4.63 34.15 -8.44
N ASP B 390 4.11 32.94 -8.64
CA ASP B 390 2.69 32.68 -8.40
C ASP B 390 2.37 32.81 -6.92
N LEU B 391 3.28 32.30 -6.06
CA LEU B 391 3.07 32.42 -4.62
C LEU B 391 3.13 33.87 -4.17
N LEU B 392 4.05 34.66 -4.72
CA LEU B 392 4.12 36.06 -4.36
C LEU B 392 2.85 36.79 -4.78
N ALA B 393 2.30 36.46 -5.95
CA ALA B 393 1.07 37.12 -6.37
C ALA B 393 -0.08 36.76 -5.45
N ASP B 394 -0.11 35.52 -4.95
CA ASP B 394 -1.14 35.11 -3.99
C ASP B 394 -1.00 35.90 -2.69
N LEU B 395 0.22 36.05 -2.20
CA LEU B 395 0.41 36.83 -0.98
C LEU B 395 0.07 38.29 -1.20
N ALA B 396 0.44 38.84 -2.37
CA ALA B 396 0.12 40.23 -2.66
C ALA B 396 -1.39 40.46 -2.68
N ALA B 397 -2.13 39.52 -3.28
CA ALA B 397 -3.58 39.64 -3.29
C ALA B 397 -4.12 39.58 -1.86
N GLY B 398 -3.50 38.74 -1.02
CA GLY B 398 -3.86 38.72 0.38
C GLY B 398 -3.66 40.06 1.06
N PHE B 399 -2.51 40.69 0.83
CA PHE B 399 -2.27 42.00 1.43
C PHE B 399 -3.32 43.01 1.00
N ALA B 400 -3.74 42.96 -0.27
CA ALA B 400 -4.74 43.91 -0.75
C ALA B 400 -6.07 43.74 -0.04
N ARG B 401 -6.36 42.54 0.50
CA ARG B 401 -7.61 42.28 1.19
C ARG B 401 -7.63 42.80 2.62
N ILE B 402 -6.49 43.26 3.16
CA ILE B 402 -6.45 43.69 4.55
C ILE B 402 -5.74 45.04 4.68
N VAL B 403 -5.51 45.70 3.55
CA VAL B 403 -4.73 46.94 3.59
C VAL B 403 -5.54 48.01 4.30
N HIS C 13 -26.22 -12.57 15.43
CA HIS C 13 -26.09 -11.40 14.56
C HIS C 13 -24.67 -10.89 14.45
N LEU C 14 -23.74 -11.57 15.12
CA LEU C 14 -22.37 -11.09 15.15
C LEU C 14 -21.77 -11.03 13.75
N ASP C 15 -22.05 -12.05 12.93
CA ASP C 15 -21.46 -12.04 11.60
C ASP C 15 -21.94 -10.86 10.78
N THR C 16 -23.23 -10.55 10.86
CA THR C 16 -23.76 -9.37 10.18
C THR C 16 -23.11 -8.09 10.72
N ALA C 17 -22.97 -7.98 12.04
CA ALA C 17 -22.33 -6.81 12.63
C ALA C 17 -20.87 -6.69 12.18
N LEU C 18 -20.15 -7.81 12.13
CA LEU C 18 -18.75 -7.76 11.70
C LEU C 18 -18.61 -7.32 10.24
N VAL C 19 -19.52 -7.77 9.38
CA VAL C 19 -19.50 -7.35 7.98
C VAL C 19 -19.76 -5.87 7.82
N ASN C 20 -20.61 -5.30 8.67
CA ASN C 20 -21.09 -3.94 8.46
C ASN C 20 -20.50 -2.88 9.38
N ALA C 21 -19.82 -3.25 10.44
CA ALA C 21 -19.37 -2.27 11.44
C ALA C 21 -18.42 -1.25 10.82
N GLY C 22 -18.74 0.03 11.03
CA GLY C 22 -17.91 1.12 10.54
C GLY C 22 -18.07 1.43 9.07
N ARG C 23 -18.89 0.67 8.33
CA ARG C 23 -18.95 0.82 6.87
C ARG C 23 -20.12 1.72 6.46
N ARG C 24 -19.96 3.01 6.74
CA ARG C 24 -20.95 4.01 6.42
C ARG C 24 -20.48 4.85 5.24
N LYS C 25 -21.44 5.36 4.48
CA LYS C 25 -21.16 6.11 3.26
C LYS C 25 -20.17 7.24 3.49
N LYS C 26 -20.21 7.91 4.66
CA LYS C 26 -19.29 9.02 4.86
C LYS C 26 -17.83 8.58 4.82
N TYR C 27 -17.56 7.30 5.10
CA TYR C 27 -16.20 6.76 5.08
C TYR C 27 -15.89 6.00 3.80
N THR C 28 -16.88 5.34 3.22
CA THR C 28 -16.67 4.47 2.05
C THR C 28 -16.81 5.23 0.73
N GLN C 29 -17.67 6.25 0.70
CA GLN C 29 -17.77 7.13 -0.46
C GLN C 29 -18.07 6.35 -1.74
N GLY C 30 -18.80 5.25 -1.62
CA GLY C 30 -19.21 4.48 -2.76
C GLY C 30 -18.57 3.11 -2.87
N SER C 31 -17.41 2.91 -2.25
CA SER C 31 -16.82 1.58 -2.28
C SER C 31 -17.39 0.74 -1.14
N VAL C 32 -17.05 -0.55 -1.14
CA VAL C 32 -17.49 -1.43 -0.07
C VAL C 32 -16.75 -1.11 1.23
N ASN C 33 -15.46 -0.88 1.13
CA ASN C 33 -14.62 -0.59 2.28
C ASN C 33 -14.35 0.91 2.39
N SER C 34 -13.89 1.33 3.56
N SER C 34 -13.90 1.33 3.57
CA SER C 34 -13.57 2.74 3.74
CA SER C 34 -13.52 2.72 3.75
C SER C 34 -12.44 3.15 2.80
C SER C 34 -12.50 3.12 2.69
N VAL C 35 -12.49 4.41 2.35
CA VAL C 35 -11.36 4.95 1.62
C VAL C 35 -10.15 4.96 2.55
N ILE C 36 -8.96 4.92 1.93
CA ILE C 36 -7.71 5.09 2.65
C ILE C 36 -7.28 6.54 2.45
N GLN C 37 -7.38 7.32 3.51
CA GLN C 37 -7.03 8.73 3.49
C GLN C 37 -5.72 8.84 4.25
N ARG C 38 -4.62 9.05 3.52
CA ARG C 38 -3.29 9.21 4.12
C ARG C 38 -3.04 10.69 4.35
N ALA C 39 -2.72 11.03 5.59
CA ALA C 39 -2.58 12.47 5.86
C ALA C 39 -1.91 12.86 7.17
N SER C 40 -1.08 13.89 7.08
CA SER C 40 -0.65 14.61 8.30
C SER C 40 -1.54 15.85 8.20
N SER C 41 -1.27 16.72 7.22
CA SER C 41 -2.09 17.90 6.94
C SER C 41 -3.51 17.53 6.54
N LEU C 42 -4.47 18.19 7.18
CA LEU C 42 -5.87 18.18 6.76
C LEU C 42 -6.31 19.62 6.54
N VAL C 43 -6.90 19.88 5.38
CA VAL C 43 -7.05 21.24 4.87
C VAL C 43 -8.39 21.81 5.31
N PHE C 44 -8.35 23.03 5.84
CA PHE C 44 -9.54 23.77 6.25
C PHE C 44 -9.91 24.76 5.15
N ASP C 45 -11.14 24.68 4.65
CA ASP C 45 -11.55 25.56 3.56
C ASP C 45 -11.66 27.01 4.01
N THR C 46 -12.01 27.23 5.28
CA THR C 46 -12.23 28.55 5.81
C THR C 46 -11.79 28.57 7.27
N VAL C 47 -11.60 29.78 7.79
CA VAL C 47 -11.34 29.96 9.21
C VAL C 47 -12.49 29.38 10.03
N GLU C 48 -13.72 29.57 9.56
CA GLU C 48 -14.87 29.01 10.26
C GLU C 48 -14.77 27.48 10.37
N ALA C 49 -14.35 26.82 9.28
CA ALA C 49 -14.23 25.38 9.32
C ALA C 49 -13.08 24.95 10.25
N LYS C 50 -12.01 25.72 10.28
CA LYS C 50 -10.90 25.38 11.17
C LYS C 50 -11.32 25.51 12.62
N LYS C 51 -12.08 26.56 12.96
N LYS C 51 -12.10 26.55 12.94
CA LYS C 51 -12.55 26.69 14.33
CA LYS C 51 -12.58 26.74 14.29
C LYS C 51 -13.42 25.51 14.73
C LYS C 51 -13.45 25.56 14.73
N HIS C 52 -14.31 25.08 13.84
CA HIS C 52 -15.16 23.95 14.15
C HIS C 52 -14.35 22.68 14.33
N ALA C 53 -13.37 22.47 13.45
CA ALA C 53 -12.56 21.27 13.55
C ALA C 53 -11.73 21.27 14.82
N THR C 54 -11.24 22.45 15.23
CA THR C 54 -10.48 22.55 16.47
C THR C 54 -11.34 22.17 17.67
N ARG C 55 -12.53 22.76 17.78
CA ARG C 55 -13.41 22.39 18.90
C ARG C 55 -13.67 20.89 18.91
N ASN C 56 -13.80 20.29 17.74
CA ASN C 56 -14.21 18.90 17.59
C ASN C 56 -13.06 17.98 17.17
N ARG C 57 -11.83 18.36 17.52
CA ARG C 57 -10.68 17.61 17.05
C ARG C 57 -10.59 16.22 17.65
N ALA C 58 -11.30 15.96 18.75
CA ALA C 58 -11.38 14.60 19.29
C ALA C 58 -12.79 14.02 19.18
N LYS C 59 -13.63 14.61 18.31
CA LYS C 59 -15.03 14.25 18.17
C LYS C 59 -15.38 13.95 16.71
N GLY C 60 -14.40 13.50 15.93
CA GLY C 60 -14.71 12.95 14.62
C GLY C 60 -14.73 13.94 13.48
N GLU C 61 -14.22 15.15 13.67
CA GLU C 61 -14.03 16.08 12.57
C GLU C 61 -12.57 16.04 12.16
N LEU C 62 -12.34 16.14 10.86
CA LEU C 62 -10.98 16.15 10.33
C LEU C 62 -10.23 17.37 10.85
N PHE C 63 -9.11 17.13 11.50
CA PHE C 63 -8.35 18.19 12.14
C PHE C 63 -6.85 18.05 11.88
N TYR C 64 -6.29 16.89 12.22
CA TYR C 64 -4.87 16.64 12.01
C TYR C 64 -4.63 15.14 12.02
N GLY C 65 -3.68 14.70 11.19
CA GLY C 65 -3.47 13.27 11.02
C GLY C 65 -3.13 12.51 12.30
N ARG C 66 -2.54 13.18 13.29
CA ARG C 66 -2.25 12.49 14.55
C ARG C 66 -3.53 12.12 15.28
N ARG C 67 -4.60 12.90 15.10
CA ARG C 67 -5.92 12.52 15.62
C ARG C 67 -6.59 11.46 14.75
N GLY C 68 -6.38 11.51 13.44
CA GLY C 68 -6.90 10.50 12.54
C GLY C 68 -7.51 11.11 11.29
N THR C 69 -7.73 10.25 10.31
CA THR C 69 -8.41 10.60 9.08
C THR C 69 -9.69 9.78 9.02
N LEU C 70 -10.44 9.91 7.91
CA LEU C 70 -11.66 9.12 7.76
C LEU C 70 -11.42 7.64 8.00
N THR C 71 -10.26 7.13 7.60
CA THR C 71 -9.98 5.70 7.70
C THR C 71 -9.92 5.26 9.16
N HIS C 72 -9.26 6.06 9.99
CA HIS C 72 -9.24 5.79 11.41
C HIS C 72 -10.62 5.90 12.02
N PHE C 73 -11.36 6.95 11.65
CA PHE C 73 -12.69 7.16 12.25
C PHE C 73 -13.58 5.94 11.99
N SER C 74 -13.46 5.35 10.79
CA SER C 74 -14.27 4.18 10.47
C SER C 74 -13.92 3.00 11.34
N LEU C 75 -12.62 2.72 11.52
CA LEU C 75 -12.19 1.66 12.42
C LEU C 75 -12.63 1.93 13.85
N GLN C 76 -12.47 3.16 14.32
CA GLN C 76 -12.85 3.48 15.69
C GLN C 76 -14.34 3.22 15.90
N GLU C 77 -15.16 3.64 14.94
CA GLU C 77 -16.59 3.38 15.04
C GLU C 77 -16.86 1.88 15.12
N ALA C 78 -16.20 1.09 14.28
CA ALA C 78 -16.43 -0.35 14.27
C ALA C 78 -16.08 -0.96 15.62
N MET C 79 -14.93 -0.58 16.18
CA MET C 79 -14.48 -1.16 17.45
C MET C 79 -15.42 -0.78 18.58
N CYS C 80 -15.91 0.46 18.60
CA CYS C 80 -16.84 0.87 19.64
C CYS C 80 -18.14 0.08 19.54
N GLU C 81 -18.63 -0.13 18.33
N GLU C 81 -18.59 -0.20 18.32
CA GLU C 81 -19.83 -0.94 18.18
CA GLU C 81 -19.85 -0.93 18.15
C GLU C 81 -19.60 -2.34 18.70
C GLU C 81 -19.70 -2.39 18.53
N LEU C 82 -18.55 -2.99 18.21
CA LEU C 82 -18.34 -4.41 18.49
C LEU C 82 -18.02 -4.67 19.95
N GLU C 83 -17.30 -3.78 20.63
CA GLU C 83 -16.95 -3.97 22.03
C GLU C 83 -17.83 -3.17 22.99
N GLY C 84 -18.78 -2.39 22.47
CA GLY C 84 -19.72 -1.68 23.34
C GLY C 84 -19.13 -0.54 24.13
N GLY C 85 -18.20 0.22 23.54
CA GLY C 85 -17.50 1.27 24.23
C GLY C 85 -17.92 2.66 23.77
N ALA C 86 -17.41 3.67 24.52
CA ALA C 86 -17.63 5.06 24.21
C ALA C 86 -16.59 5.63 23.26
N GLY C 87 -15.40 5.04 23.24
CA GLY C 87 -14.37 5.45 22.31
C GLY C 87 -13.30 4.40 22.20
N CYS C 88 -12.53 4.47 21.11
CA CYS C 88 -11.47 3.50 20.82
C CYS C 88 -10.20 4.27 20.48
N ALA C 89 -9.16 4.08 21.28
CA ALA C 89 -7.86 4.70 21.02
C ALA C 89 -6.99 3.72 20.24
N LEU C 90 -6.19 4.24 19.32
CA LEU C 90 -5.35 3.43 18.45
C LEU C 90 -3.87 3.65 18.76
N PHE C 91 -3.09 2.59 18.58
CA PHE C 91 -1.69 2.55 18.95
C PHE C 91 -0.88 1.78 17.92
N PRO C 92 0.45 1.96 17.91
CA PRO C 92 1.27 1.28 16.89
C PRO C 92 1.34 -0.23 17.04
N CYS C 93 1.07 -0.76 18.23
CA CYS C 93 1.01 -2.20 18.42
C CYS C 93 0.29 -2.49 19.73
N GLY C 94 0.07 -3.78 20.00
CA GLY C 94 -0.56 -4.16 21.25
C GLY C 94 0.25 -3.74 22.46
N ALA C 95 1.58 -3.88 22.40
CA ALA C 95 2.37 -3.54 23.57
C ALA C 95 2.30 -2.05 23.86
N ALA C 96 2.21 -1.22 22.82
CA ALA C 96 2.03 0.21 23.02
C ALA C 96 0.66 0.50 23.61
N ALA C 97 -0.37 -0.22 23.17
CA ALA C 97 -1.69 -0.05 23.76
C ALA C 97 -1.70 -0.36 25.26
N VAL C 98 -1.10 -1.49 25.66
CA VAL C 98 -1.04 -1.84 27.09
C VAL C 98 -0.27 -0.75 27.85
N ALA C 99 0.95 -0.46 27.41
CA ALA C 99 1.80 0.43 28.17
C ALA C 99 1.16 1.82 28.30
N ASN C 100 0.61 2.32 27.21
CA ASN C 100 0.07 3.67 27.23
C ASN C 100 -1.30 3.74 27.87
N THR C 101 -2.08 2.67 27.83
CA THR C 101 -3.36 2.70 28.53
C THR C 101 -3.14 2.70 30.04
N ILE C 102 -2.21 1.88 30.53
CA ILE C 102 -1.88 1.95 31.96
C ILE C 102 -1.34 3.33 32.32
N LEU C 103 -0.39 3.83 31.53
CA LEU C 103 0.25 5.10 31.85
C LEU C 103 -0.78 6.23 31.89
N ALA C 104 -1.81 6.14 31.05
CA ALA C 104 -2.80 7.19 30.96
C ALA C 104 -3.57 7.38 32.27
N PHE C 105 -3.53 6.40 33.17
CA PHE C 105 -4.33 6.45 34.38
C PHE C 105 -3.54 6.39 35.68
N VAL C 106 -2.21 6.42 35.64
CA VAL C 106 -1.42 6.39 36.86
C VAL C 106 -0.66 7.71 37.04
N GLU C 107 -0.30 7.96 38.30
CA GLU C 107 0.61 9.03 38.63
C GLU C 107 1.48 8.59 39.80
N GLN C 108 2.54 9.34 40.04
CA GLN C 108 3.43 9.07 41.16
C GLN C 108 2.62 8.81 42.42
N GLY C 109 2.95 7.72 43.11
CA GLY C 109 2.29 7.32 44.33
C GLY C 109 1.22 6.26 44.14
N ASP C 110 0.79 6.02 42.91
CA ASP C 110 -0.24 5.03 42.63
C ASP C 110 0.34 3.62 42.67
N HIS C 111 -0.56 2.64 42.71
CA HIS C 111 -0.24 1.23 42.73
C HIS C 111 -1.07 0.53 41.66
N VAL C 112 -0.43 -0.41 40.95
CA VAL C 112 -1.08 -1.22 39.92
C VAL C 112 -1.12 -2.66 40.44
N LEU C 113 -2.26 -3.32 40.27
CA LEU C 113 -2.43 -4.72 40.68
C LEU C 113 -2.69 -5.52 39.40
N MET C 114 -1.76 -6.40 39.04
CA MET C 114 -1.74 -7.08 37.74
C MET C 114 -1.70 -8.59 37.93
N THR C 115 -2.41 -9.33 37.06
CA THR C 115 -2.37 -10.79 37.12
C THR C 115 -0.95 -11.28 36.84
N ASN C 116 -0.51 -12.31 37.59
CA ASN C 116 0.86 -12.78 37.38
C ASN C 116 1.02 -13.55 36.07
N THR C 117 -0.07 -13.79 35.33
CA THR C 117 -0.04 -14.39 34.02
C THR C 117 -0.09 -13.37 32.89
N ALA C 118 0.11 -12.09 33.22
CA ALA C 118 0.11 -11.07 32.18
C ALA C 118 1.25 -11.31 31.19
N TYR C 119 0.98 -10.98 29.93
CA TYR C 119 2.00 -10.94 28.89
C TYR C 119 3.29 -10.32 29.41
N GLU C 120 4.42 -10.97 29.12
CA GLU C 120 5.67 -10.54 29.73
C GLU C 120 6.03 -9.09 29.45
N PRO C 121 5.91 -8.57 28.22
CA PRO C 121 6.16 -7.14 28.03
C PRO C 121 5.29 -6.24 28.86
N SER C 122 4.06 -6.66 29.18
CA SER C 122 3.22 -5.85 30.06
C SER C 122 3.81 -5.80 31.46
N GLN C 123 4.29 -6.93 31.95
CA GLN C 123 4.98 -6.96 33.24
C GLN C 123 6.22 -6.08 33.21
N ASP C 124 7.03 -6.20 32.14
CA ASP C 124 8.27 -5.45 32.06
C ASP C 124 8.03 -3.96 32.00
N PHE C 125 6.95 -3.53 31.33
CA PHE C 125 6.59 -2.11 31.39
C PHE C 125 6.38 -1.67 32.84
N CYS C 126 5.67 -2.49 33.61
CA CYS C 126 5.40 -2.13 35.00
C CYS C 126 6.67 -2.09 35.84
N THR C 127 7.50 -3.13 35.75
CA THR C 127 8.66 -3.23 36.63
C THR C 127 9.82 -2.33 36.20
N LYS C 128 9.94 -2.06 34.90
CA LYS C 128 11.10 -1.32 34.40
C LYS C 128 10.79 0.13 34.05
N ILE C 129 9.55 0.45 33.68
CA ILE C 129 9.18 1.84 33.41
C ILE C 129 8.43 2.46 34.59
N LEU C 130 7.31 1.84 35.00
CA LEU C 130 6.48 2.46 36.01
C LEU C 130 7.22 2.63 37.33
N ALA C 131 8.02 1.63 37.71
CA ALA C 131 8.68 1.66 39.02
C ALA C 131 9.53 2.92 39.20
N LYS C 132 10.29 3.30 38.17
CA LYS C 132 11.18 4.45 38.32
C LYS C 132 10.43 5.78 38.25
N LEU C 133 9.13 5.73 37.94
CA LEU C 133 8.25 6.90 37.93
C LEU C 133 7.36 6.97 39.16
N GLY C 134 7.70 6.20 40.21
CA GLY C 134 6.96 6.27 41.45
C GLY C 134 5.65 5.52 41.48
N VAL C 135 5.44 4.57 40.56
CA VAL C 135 4.25 3.74 40.54
C VAL C 135 4.67 2.31 40.84
N THR C 136 4.08 1.71 41.87
CA THR C 136 4.40 0.35 42.26
C THR C 136 3.41 -0.63 41.66
N THR C 137 3.83 -1.89 41.58
CA THR C 137 3.03 -2.93 40.97
C THR C 137 3.09 -4.16 41.85
N GLY C 138 1.91 -4.70 42.14
CA GLY C 138 1.77 -5.97 42.82
C GLY C 138 1.00 -6.94 41.94
N TRP C 139 0.93 -8.19 42.40
CA TRP C 139 0.60 -9.34 41.56
C TRP C 139 -0.47 -10.20 42.20
N PHE C 140 -1.19 -10.95 41.36
CA PHE C 140 -2.20 -11.87 41.87
C PHE C 140 -2.34 -13.09 40.97
N ASP C 141 -2.66 -14.21 41.61
CA ASP C 141 -2.92 -15.47 40.90
C ASP C 141 -4.19 -15.33 40.07
N PRO C 142 -4.20 -15.87 38.84
CA PRO C 142 -5.36 -15.64 37.96
C PRO C 142 -6.67 -16.23 38.49
N LEU C 143 -6.61 -17.23 39.36
CA LEU C 143 -7.82 -17.83 39.91
C LEU C 143 -8.19 -17.23 41.27
N ILE C 144 -7.64 -16.06 41.60
CA ILE C 144 -7.88 -15.51 42.93
C ILE C 144 -9.35 -15.17 43.15
N GLY C 145 -10.08 -14.83 42.09
CA GLY C 145 -11.49 -14.55 42.23
C GLY C 145 -11.76 -13.47 43.27
N ALA C 146 -12.75 -13.73 44.12
CA ALA C 146 -13.20 -12.73 45.09
C ALA C 146 -12.13 -12.38 46.12
N ASP C 147 -11.13 -13.25 46.31
CA ASP C 147 -10.09 -12.96 47.29
C ASP C 147 -9.15 -11.84 46.85
N ILE C 148 -9.32 -11.30 45.64
CA ILE C 148 -8.49 -10.17 45.23
C ILE C 148 -8.73 -8.96 46.13
N ALA C 149 -9.86 -8.91 46.82
CA ALA C 149 -10.14 -7.78 47.70
C ALA C 149 -9.02 -7.57 48.71
N ASN C 150 -8.44 -8.67 49.21
CA ASN C 150 -7.41 -8.59 50.24
C ASN C 150 -6.15 -7.91 49.74
N LEU C 151 -5.95 -7.84 48.42
CA LEU C 151 -4.72 -7.31 47.84
C LEU C 151 -4.84 -5.87 47.42
N ILE C 152 -6.03 -5.28 47.50
CA ILE C 152 -6.24 -3.92 47.04
C ILE C 152 -5.78 -2.97 48.14
N GLN C 153 -4.85 -2.09 47.81
CA GLN C 153 -4.27 -1.12 48.71
C GLN C 153 -5.00 0.21 48.57
N PRO C 154 -4.90 1.10 49.55
CA PRO C 154 -5.58 2.39 49.42
C PRO C 154 -5.16 3.20 48.20
N ASN C 155 -3.95 2.98 47.68
CA ASN C 155 -3.45 3.71 46.53
C ASN C 155 -3.58 2.93 45.23
N THR C 156 -4.28 1.80 45.24
CA THR C 156 -4.46 1.02 44.02
C THR C 156 -5.37 1.76 43.06
N LYS C 157 -4.83 2.14 41.91
CA LYS C 157 -5.54 2.89 40.90
C LYS C 157 -5.99 2.02 39.73
N VAL C 158 -5.21 0.98 39.39
CA VAL C 158 -5.47 0.15 38.22
C VAL C 158 -5.44 -1.30 38.65
N VAL C 159 -6.41 -2.07 38.18
CA VAL C 159 -6.42 -3.53 38.31
C VAL C 159 -6.41 -4.07 36.89
N PHE C 160 -5.38 -4.86 36.57
CA PHE C 160 -5.10 -5.26 35.20
C PHE C 160 -5.31 -6.77 35.06
N LEU C 161 -6.25 -7.16 34.20
CA LEU C 161 -6.63 -8.54 33.97
C LEU C 161 -6.14 -8.99 32.60
N GLU C 162 -5.96 -10.31 32.47
CA GLU C 162 -5.66 -10.89 31.15
C GLU C 162 -6.26 -12.29 31.19
N SER C 163 -7.32 -12.50 30.42
CA SER C 163 -8.04 -13.76 30.47
C SER C 163 -8.39 -14.22 29.08
N PRO C 164 -7.96 -15.42 28.67
N PRO C 164 -7.96 -15.42 28.67
CA PRO C 164 -7.02 -16.33 29.33
CA PRO C 164 -7.02 -16.33 29.36
C PRO C 164 -5.63 -15.70 29.50
C PRO C 164 -5.63 -15.71 29.49
N GLY C 165 -4.82 -16.24 30.41
CA GLY C 165 -3.49 -15.70 30.62
C GLY C 165 -2.54 -16.05 29.49
N SER C 166 -1.44 -15.30 29.42
CA SER C 166 -0.42 -15.59 28.43
C SER C 166 0.22 -16.94 28.72
N ILE C 167 0.41 -17.72 27.65
CA ILE C 167 1.19 -18.96 27.66
C ILE C 167 0.44 -20.10 28.34
N THR C 168 0.06 -19.90 29.61
CA THR C 168 -0.53 -20.95 30.41
C THR C 168 -2.06 -20.96 30.41
N MET C 169 -2.70 -19.91 29.89
CA MET C 169 -4.10 -19.93 29.45
C MET C 169 -5.14 -19.97 30.56
N GLU C 170 -4.80 -19.63 31.80
CA GLU C 170 -5.79 -19.67 32.87
C GLU C 170 -6.84 -18.59 32.65
N VAL C 171 -8.11 -18.95 32.88
CA VAL C 171 -9.23 -18.03 32.70
C VAL C 171 -9.66 -17.47 34.06
N HIS C 172 -9.74 -16.13 34.15
CA HIS C 172 -10.21 -15.49 35.38
C HIS C 172 -11.70 -15.73 35.57
N ASP C 173 -12.14 -15.63 36.83
CA ASP C 173 -13.55 -15.46 37.17
C ASP C 173 -13.80 -13.95 37.22
N VAL C 174 -14.02 -13.37 36.04
CA VAL C 174 -14.16 -11.92 35.97
C VAL C 174 -15.30 -11.39 36.84
N PRO C 175 -16.48 -12.00 36.84
CA PRO C 175 -17.54 -11.48 37.73
C PRO C 175 -17.12 -11.40 39.19
N ALA C 176 -16.44 -12.42 39.69
CA ALA C 176 -15.98 -12.40 41.08
C ALA C 176 -14.93 -11.31 41.31
N ILE C 177 -13.98 -11.16 40.38
CA ILE C 177 -12.94 -10.16 40.56
C ILE C 177 -13.54 -8.76 40.53
N VAL C 178 -14.38 -8.49 39.54
CA VAL C 178 -14.93 -7.15 39.39
C VAL C 178 -15.78 -6.78 40.60
N ALA C 179 -16.62 -7.70 41.08
CA ALA C 179 -17.46 -7.40 42.23
C ALA C 179 -16.62 -7.07 43.45
N ALA C 180 -15.53 -7.80 43.66
CA ALA C 180 -14.66 -7.55 44.80
C ALA C 180 -14.00 -6.18 44.68
N VAL C 181 -13.48 -5.85 43.50
CA VAL C 181 -12.87 -4.53 43.29
C VAL C 181 -13.88 -3.43 43.56
N ARG C 182 -15.11 -3.55 43.05
CA ARG C 182 -16.07 -2.48 43.22
C ARG C 182 -16.50 -2.33 44.66
N ARG C 183 -16.50 -3.41 45.44
N ARG C 183 -16.47 -3.41 45.44
CA ARG C 183 -16.84 -3.30 46.86
CA ARG C 183 -16.83 -3.34 46.86
C ARG C 183 -15.78 -2.49 47.61
C ARG C 183 -15.78 -2.57 47.66
N VAL C 184 -14.51 -2.72 47.30
CA VAL C 184 -13.40 -2.15 48.07
C VAL C 184 -12.89 -0.85 47.47
N ALA C 185 -12.83 -0.76 46.15
CA ALA C 185 -12.25 0.39 45.45
C ALA C 185 -13.10 0.69 44.22
N PRO C 186 -14.30 1.23 44.42
CA PRO C 186 -15.20 1.41 43.27
C PRO C 186 -14.66 2.32 42.17
N GLU C 187 -13.76 3.24 42.48
CA GLU C 187 -13.24 4.18 41.50
C GLU C 187 -12.06 3.62 40.72
N ALA C 188 -11.58 2.43 41.07
CA ALA C 188 -10.42 1.88 40.38
C ALA C 188 -10.71 1.75 38.90
N ILE C 189 -9.64 1.77 38.13
CA ILE C 189 -9.73 1.55 36.68
C ILE C 189 -9.41 0.08 36.45
N ILE C 190 -10.40 -0.69 36.01
CA ILE C 190 -10.22 -2.12 35.69
C ILE C 190 -9.99 -2.23 34.20
N MET C 191 -8.88 -2.85 33.83
CA MET C 191 -8.49 -3.05 32.44
C MET C 191 -8.31 -4.53 32.16
N ILE C 192 -8.50 -4.92 30.90
CA ILE C 192 -8.22 -6.30 30.50
C ILE C 192 -7.49 -6.31 29.17
N ASP C 193 -6.49 -7.17 29.05
CA ASP C 193 -5.90 -7.51 27.75
C ASP C 193 -6.76 -8.64 27.18
N ASN C 194 -7.61 -8.29 26.22
CA ASN C 194 -8.65 -9.16 25.68
C ASN C 194 -8.28 -9.67 24.28
N THR C 195 -6.97 -9.79 24.02
CA THR C 195 -6.48 -10.18 22.70
C THR C 195 -6.94 -11.59 22.30
N TRP C 196 -6.90 -12.54 23.23
CA TRP C 196 -7.21 -13.92 22.88
C TRP C 196 -8.65 -14.06 22.36
N ALA C 197 -9.57 -13.31 22.95
CA ALA C 197 -10.98 -13.30 22.55
C ALA C 197 -11.24 -12.39 21.36
N ALA C 198 -10.22 -11.70 20.86
CA ALA C 198 -10.38 -10.75 19.75
C ALA C 198 -11.42 -9.68 20.08
N GLY C 199 -11.59 -9.41 21.37
CA GLY C 199 -12.58 -8.47 21.83
C GLY C 199 -14.02 -8.86 21.66
N VAL C 200 -14.32 -9.95 20.94
CA VAL C 200 -15.70 -10.30 20.60
C VAL C 200 -16.14 -11.60 21.21
N LEU C 201 -15.24 -12.48 21.63
CA LEU C 201 -15.65 -13.71 22.29
C LEU C 201 -15.86 -13.51 23.78
N PHE C 202 -15.47 -12.36 24.31
CA PHE C 202 -15.69 -11.97 25.70
C PHE C 202 -15.97 -10.48 25.69
N LYS C 203 -17.20 -10.11 26.07
N LYS C 203 -17.22 -10.10 25.99
CA LYS C 203 -17.66 -8.72 25.99
CA LYS C 203 -17.60 -8.68 25.92
C LYS C 203 -17.30 -8.01 27.29
C LYS C 203 -17.29 -8.02 27.26
N ALA C 204 -16.02 -7.64 27.39
CA ALA C 204 -15.46 -7.21 28.67
C ALA C 204 -16.22 -6.04 29.29
N LEU C 205 -16.62 -5.05 28.48
N LEU C 205 -16.59 -5.05 28.49
CA LEU C 205 -17.27 -3.86 29.00
CA LEU C 205 -17.26 -3.89 29.09
C LEU C 205 -18.70 -4.13 29.49
C LEU C 205 -18.59 -4.28 29.73
N ASP C 206 -19.26 -5.30 29.18
CA ASP C 206 -20.53 -5.75 29.74
C ASP C 206 -20.35 -6.40 31.11
N PHE C 207 -19.13 -6.73 31.50
CA PHE C 207 -18.81 -7.31 32.80
C PHE C 207 -18.36 -6.26 33.81
N GLY C 208 -18.41 -4.97 33.46
CA GLY C 208 -18.01 -3.94 34.38
C GLY C 208 -16.54 -3.59 34.34
N ILE C 209 -15.79 -4.16 33.41
CA ILE C 209 -14.44 -3.70 33.12
C ILE C 209 -14.52 -2.36 32.42
N ASP C 210 -13.55 -1.47 32.70
CA ASP C 210 -13.57 -0.12 32.18
C ASP C 210 -12.96 0.00 30.79
N ILE C 211 -11.91 -0.78 30.51
CA ILE C 211 -11.17 -0.66 29.25
C ILE C 211 -10.78 -2.04 28.77
N SER C 212 -11.04 -2.32 27.49
CA SER C 212 -10.67 -3.57 26.85
C SER C 212 -9.57 -3.26 25.84
N ILE C 213 -8.39 -3.85 26.05
CA ILE C 213 -7.21 -3.61 25.22
C ILE C 213 -6.97 -4.83 24.35
N GLN C 214 -6.59 -4.61 23.09
CA GLN C 214 -6.24 -5.72 22.23
C GLN C 214 -5.00 -5.43 21.42
N ALA C 215 -4.22 -6.48 21.19
CA ALA C 215 -3.24 -6.48 20.11
C ALA C 215 -4.01 -6.85 18.86
N ALA C 216 -4.48 -5.84 18.13
CA ALA C 216 -5.21 -6.10 16.89
C ALA C 216 -4.31 -6.78 15.86
N THR C 217 -3.01 -6.72 16.09
CA THR C 217 -1.99 -7.54 15.44
C THR C 217 -2.37 -9.00 15.26
N LYS C 218 -3.16 -9.57 16.18
N LYS C 218 -3.12 -9.56 16.21
CA LYS C 218 -3.39 -11.02 16.18
CA LYS C 218 -3.43 -10.97 16.17
C LYS C 218 -4.59 -11.44 15.32
C LYS C 218 -4.67 -11.22 15.32
N TYR C 219 -5.76 -11.68 15.92
CA TYR C 219 -6.90 -12.12 15.11
C TYR C 219 -7.56 -11.02 14.27
N LEU C 220 -7.57 -9.77 14.73
CA LEU C 220 -8.25 -8.75 13.93
C LEU C 220 -7.56 -8.59 12.58
N ILE C 221 -6.24 -8.40 12.57
CA ILE C 221 -5.49 -8.39 11.31
C ILE C 221 -5.59 -9.76 10.62
N GLY C 222 -5.31 -10.82 11.37
CA GLY C 222 -5.62 -12.18 10.95
C GLY C 222 -4.68 -12.80 9.94
N HIS C 223 -3.66 -12.09 9.50
CA HIS C 223 -2.77 -12.59 8.44
C HIS C 223 -1.30 -12.38 8.76
N SER C 224 -0.95 -12.02 10.00
CA SER C 224 0.42 -11.96 10.46
C SER C 224 1.25 -10.86 9.79
N ASP C 225 0.61 -9.87 9.15
CA ASP C 225 1.31 -8.86 8.37
C ASP C 225 0.96 -7.41 8.71
N GLY C 226 0.46 -7.16 9.91
CA GLY C 226 0.31 -5.80 10.39
C GLY C 226 0.39 -5.83 11.89
N MET C 227 0.74 -4.68 12.46
CA MET C 227 0.77 -4.51 13.90
C MET C 227 -0.02 -3.27 14.26
N ILE C 228 -0.80 -3.37 15.34
CA ILE C 228 -1.70 -2.30 15.76
C ILE C 228 -2.28 -2.68 17.10
N GLY C 229 -2.44 -1.72 18.00
CA GLY C 229 -3.16 -1.92 19.24
C GLY C 229 -4.39 -1.05 19.31
N THR C 230 -5.39 -1.53 20.07
CA THR C 230 -6.61 -0.79 20.30
C THR C 230 -6.93 -0.82 21.78
N ALA C 231 -7.58 0.23 22.25
CA ALA C 231 -8.15 0.23 23.60
C ALA C 231 -9.52 0.87 23.53
N VAL C 232 -10.55 0.12 23.93
CA VAL C 232 -11.93 0.59 23.91
C VAL C 232 -12.35 0.83 25.35
N ALA C 233 -12.74 2.06 25.65
CA ALA C 233 -13.06 2.48 27.00
C ALA C 233 -14.54 2.82 27.13
N ASN C 234 -15.06 2.65 28.34
CA ASN C 234 -16.39 3.12 28.66
C ASN C 234 -16.41 4.64 28.77
N ALA C 235 -17.62 5.17 28.95
CA ALA C 235 -17.81 6.62 28.99
C ALA C 235 -17.03 7.25 30.13
N ARG C 236 -16.98 6.58 31.29
CA ARG C 236 -16.29 7.14 32.45
C ARG C 236 -14.81 7.39 32.18
N CYS C 237 -14.16 6.51 31.41
CA CYS C 237 -12.71 6.55 31.28
C CYS C 237 -12.22 7.07 29.94
N TRP C 238 -13.12 7.33 28.98
CA TRP C 238 -12.69 7.59 27.62
C TRP C 238 -11.86 8.87 27.50
N GLU C 239 -12.33 9.99 28.07
CA GLU C 239 -11.63 11.25 27.84
C GLU C 239 -10.19 11.19 28.33
N GLN C 240 -9.97 10.58 29.51
CA GLN C 240 -8.62 10.49 30.05
C GLN C 240 -7.74 9.58 29.19
N LEU C 241 -8.29 8.44 28.73
CA LEU C 241 -7.52 7.56 27.86
C LEU C 241 -7.16 8.29 26.56
N CYS C 242 -8.17 8.88 25.93
CA CYS C 242 -7.96 9.55 24.66
C CYS C 242 -6.91 10.65 24.77
N GLU C 243 -7.07 11.54 25.74
CA GLU C 243 -6.20 12.71 25.75
C GLU C 243 -4.79 12.38 26.23
N ASN C 244 -4.64 11.45 27.19
CA ASN C 244 -3.30 11.13 27.66
C ASN C 244 -2.53 10.30 26.64
N ALA C 245 -3.21 9.37 25.95
CA ALA C 245 -2.56 8.64 24.87
C ALA C 245 -2.14 9.58 23.76
N TYR C 246 -2.96 10.59 23.46
CA TYR C 246 -2.59 11.54 22.42
C TYR C 246 -1.38 12.38 22.85
N LEU C 247 -1.29 12.73 24.14
CA LEU C 247 -0.11 13.49 24.60
C LEU C 247 1.17 12.68 24.45
N MET C 248 1.08 11.36 24.42
CA MET C 248 2.22 10.50 24.13
C MET C 248 2.37 10.24 22.63
N GLY C 249 1.60 10.92 21.79
CA GLY C 249 1.73 10.75 20.36
C GLY C 249 1.30 9.42 19.81
N GLN C 250 0.42 8.70 20.51
CA GLN C 250 0.05 7.37 20.06
C GLN C 250 -1.00 7.43 18.94
N MET C 251 -0.71 6.71 17.86
CA MET C 251 -1.56 6.63 16.68
C MET C 251 -1.14 5.38 15.91
N ILE C 252 -1.91 5.05 14.88
CA ILE C 252 -1.58 4.03 13.91
C ILE C 252 -1.72 4.65 12.53
N ASP C 253 -0.97 4.12 11.55
CA ASP C 253 -1.09 4.61 10.19
C ASP C 253 -2.42 4.20 9.57
N ALA C 254 -2.86 5.02 8.59
CA ALA C 254 -4.16 4.81 7.97
C ALA C 254 -4.27 3.46 7.29
N ASP C 255 -3.20 2.98 6.66
CA ASP C 255 -3.29 1.72 5.94
C ASP C 255 -3.48 0.53 6.89
N THR C 256 -2.78 0.52 8.04
CA THR C 256 -3.02 -0.56 8.98
C THR C 256 -4.41 -0.47 9.58
N ALA C 257 -4.92 0.75 9.79
CA ALA C 257 -6.31 0.89 10.23
C ALA C 257 -7.26 0.26 9.23
N TYR C 258 -7.06 0.55 7.93
CA TYR C 258 -7.86 -0.07 6.88
C TYR C 258 -7.78 -1.58 6.92
N MET C 259 -6.58 -2.13 7.10
N MET C 259 -6.57 -2.14 7.09
CA MET C 259 -6.41 -3.58 7.11
CA MET C 259 -6.41 -3.58 7.11
C MET C 259 -7.04 -4.22 8.35
C MET C 259 -7.05 -4.21 8.35
N THR C 260 -7.14 -3.46 9.45
CA THR C 260 -7.82 -3.97 10.64
C THR C 260 -9.32 -4.03 10.41
N SER C 261 -9.91 -2.96 9.88
CA SER C 261 -11.31 -2.99 9.50
C SER C 261 -11.59 -4.15 8.55
N ARG C 262 -10.67 -4.38 7.61
CA ARG C 262 -10.83 -5.43 6.60
C ARG C 262 -10.79 -6.82 7.24
N GLY C 263 -9.93 -6.98 8.25
CA GLY C 263 -9.87 -8.24 8.97
C GLY C 263 -11.16 -8.57 9.71
N LEU C 264 -11.86 -7.54 10.20
CA LEU C 264 -13.14 -7.80 10.88
C LEU C 264 -14.09 -8.59 10.01
N ARG C 265 -14.01 -8.39 8.68
CA ARG C 265 -15.02 -8.91 7.78
C ARG C 265 -14.95 -10.42 7.64
N THR C 266 -13.85 -11.03 8.02
CA THR C 266 -13.73 -12.48 8.01
C THR C 266 -13.51 -13.05 9.41
N LEU C 267 -13.55 -12.21 10.46
CA LEU C 267 -13.19 -12.65 11.80
C LEU C 267 -14.08 -13.79 12.27
N GLY C 268 -15.37 -13.72 11.98
CA GLY C 268 -16.29 -14.74 12.46
C GLY C 268 -16.01 -16.11 11.86
N VAL C 269 -15.95 -16.19 10.53
N VAL C 269 -15.91 -16.17 10.54
CA VAL C 269 -15.66 -17.47 9.89
CA VAL C 269 -15.67 -17.44 9.86
C VAL C 269 -14.31 -17.98 10.33
C VAL C 269 -14.29 -17.98 10.21
N ARG C 270 -13.31 -17.10 10.44
CA ARG C 270 -12.00 -17.55 10.88
C ARG C 270 -12.07 -18.13 12.29
N LEU C 271 -12.61 -17.37 13.25
CA LEU C 271 -12.64 -17.83 14.63
C LEU C 271 -13.36 -19.16 14.77
N ARG C 272 -14.45 -19.36 14.03
CA ARG C 272 -15.16 -20.64 14.16
C ARG C 272 -14.26 -21.80 13.76
N GLN C 273 -13.44 -21.61 12.73
CA GLN C 273 -12.55 -22.68 12.30
C GLN C 273 -11.40 -22.87 13.30
N HIS C 274 -10.84 -21.77 13.83
CA HIS C 274 -9.80 -21.89 14.85
C HIS C 274 -10.32 -22.62 16.09
N HIS C 275 -11.54 -22.31 16.52
CA HIS C 275 -12.17 -23.01 17.64
C HIS C 275 -12.31 -24.48 17.35
N GLU C 276 -12.96 -24.82 16.22
CA GLU C 276 -13.19 -26.23 15.90
C GLU C 276 -11.89 -27.01 15.85
N SER C 277 -10.91 -26.49 15.12
CA SER C 277 -9.68 -27.24 14.94
C SER C 277 -8.87 -27.30 16.23
N SER C 278 -8.78 -26.19 16.96
CA SER C 278 -7.94 -26.22 18.16
C SER C 278 -8.52 -27.11 19.25
N LEU C 279 -9.85 -27.15 19.38
CA LEU C 279 -10.44 -28.02 20.39
C LEU C 279 -10.24 -29.49 20.02
N ARG C 280 -10.35 -29.83 18.73
N ARG C 280 -10.35 -29.83 18.73
CA ARG C 280 -10.07 -31.18 18.29
CA ARG C 280 -10.07 -31.18 18.29
C ARG C 280 -8.64 -31.58 18.66
C ARG C 280 -8.64 -31.58 18.67
N VAL C 281 -7.67 -30.70 18.36
CA VAL C 281 -6.28 -31.00 18.70
C VAL C 281 -6.13 -31.16 20.22
N ALA C 282 -6.75 -30.26 20.99
CA ALA C 282 -6.63 -30.34 22.45
C ALA C 282 -7.20 -31.64 23.00
N GLU C 283 -8.34 -32.08 22.48
CA GLU C 283 -8.93 -33.33 22.93
C GLU C 283 -8.00 -34.50 22.64
N TRP C 284 -7.39 -34.50 21.45
CA TRP C 284 -6.42 -35.54 21.12
C TRP C 284 -5.22 -35.50 22.06
N LEU C 285 -4.70 -34.30 22.33
CA LEU C 285 -3.55 -34.19 23.22
C LEU C 285 -3.92 -34.62 24.64
N ALA C 286 -5.17 -34.38 25.05
CA ALA C 286 -5.57 -34.69 26.41
C ALA C 286 -5.63 -36.20 26.67
N GLN C 287 -5.64 -37.03 25.63
CA GLN C 287 -5.58 -38.48 25.79
C GLN C 287 -4.24 -39.07 25.36
N HIS C 288 -3.25 -38.23 25.11
CA HIS C 288 -2.00 -38.71 24.52
C HIS C 288 -1.01 -39.10 25.60
N PRO C 289 -0.34 -40.25 25.48
CA PRO C 289 0.56 -40.70 26.55
C PRO C 289 1.77 -39.79 26.77
N GLN C 290 2.16 -38.98 25.79
CA GLN C 290 3.33 -38.13 25.94
C GLN C 290 2.97 -36.74 26.46
N VAL C 291 1.73 -36.52 26.89
CA VAL C 291 1.24 -35.23 27.32
C VAL C 291 0.81 -35.30 28.77
N ALA C 292 1.31 -34.37 29.59
CA ALA C 292 0.96 -34.36 31.01
C ALA C 292 -0.26 -33.50 31.32
N ARG C 293 -0.52 -32.46 30.52
CA ARG C 293 -1.60 -31.53 30.80
C ARG C 293 -1.87 -30.73 29.54
N VAL C 294 -3.12 -30.35 29.34
CA VAL C 294 -3.55 -29.50 28.23
C VAL C 294 -4.20 -28.23 28.79
N ASN C 295 -3.74 -27.08 28.33
CA ASN C 295 -4.25 -25.78 28.77
C ASN C 295 -5.01 -25.17 27.60
N HIS C 296 -6.31 -25.43 27.55
CA HIS C 296 -7.17 -24.87 26.51
C HIS C 296 -8.46 -24.43 27.18
N PRO C 297 -8.83 -23.15 27.13
CA PRO C 297 -10.03 -22.69 27.84
C PRO C 297 -11.29 -23.46 27.53
N ALA C 298 -11.45 -23.94 26.28
CA ALA C 298 -12.65 -24.66 25.89
C ALA C 298 -12.62 -26.13 26.29
N LEU C 299 -11.51 -26.63 26.83
CA LEU C 299 -11.39 -28.04 27.17
C LEU C 299 -11.83 -28.27 28.61
N PRO C 300 -12.83 -29.11 28.86
CA PRO C 300 -13.22 -29.37 30.25
C PRO C 300 -12.03 -29.83 31.07
N GLY C 301 -11.92 -29.29 32.29
CA GLY C 301 -10.81 -29.59 33.19
C GLY C 301 -9.68 -28.58 33.16
N SER C 302 -9.61 -27.74 32.13
CA SER C 302 -8.57 -26.73 32.06
C SER C 302 -8.83 -25.63 33.10
N LYS C 303 -7.77 -24.95 33.53
CA LYS C 303 -7.92 -24.00 34.62
C LYS C 303 -8.86 -22.86 34.20
N GLY C 304 -9.96 -22.70 34.92
CA GLY C 304 -10.94 -21.67 34.62
C GLY C 304 -11.88 -22.00 33.50
N HIS C 305 -11.88 -23.23 33.00
CA HIS C 305 -12.82 -23.63 31.96
C HIS C 305 -14.26 -23.29 32.32
N GLU C 306 -14.65 -23.48 33.57
CA GLU C 306 -16.05 -23.22 33.89
C GLU C 306 -16.39 -21.75 33.71
N PHE C 307 -15.40 -20.85 33.88
CA PHE C 307 -15.65 -19.43 33.64
C PHE C 307 -15.69 -19.14 32.15
N TRP C 308 -14.83 -19.80 31.37
CA TRP C 308 -14.91 -19.66 29.92
C TRP C 308 -16.29 -20.08 29.41
N LYS C 309 -16.79 -21.21 29.90
CA LYS C 309 -18.06 -21.74 29.43
C LYS C 309 -19.21 -20.79 29.75
N ARG C 310 -19.13 -20.12 30.90
CA ARG C 310 -20.21 -19.24 31.34
C ARG C 310 -20.12 -17.86 30.71
N ASP C 311 -18.90 -17.34 30.47
CA ASP C 311 -18.70 -15.94 30.18
C ASP C 311 -18.28 -15.63 28.75
N PHE C 312 -17.80 -16.62 28.01
CA PHE C 312 -17.36 -16.42 26.64
C PHE C 312 -18.40 -17.00 25.68
N SER C 313 -18.41 -16.48 24.45
CA SER C 313 -19.30 -16.95 23.40
C SER C 313 -18.58 -17.81 22.38
N GLY C 314 -17.30 -18.08 22.59
CA GLY C 314 -16.57 -18.97 21.71
C GLY C 314 -15.12 -19.02 22.14
N SER C 315 -14.30 -19.66 21.30
CA SER C 315 -12.88 -19.83 21.53
C SER C 315 -12.10 -19.41 20.29
N SER C 316 -10.87 -18.97 20.50
CA SER C 316 -9.95 -18.82 19.39
C SER C 316 -9.10 -20.09 19.29
N GLY C 317 -7.93 -19.99 18.67
CA GLY C 317 -7.12 -21.14 18.37
C GLY C 317 -5.78 -21.26 19.07
N LEU C 318 -5.48 -20.39 20.04
CA LEU C 318 -4.21 -20.42 20.75
C LEU C 318 -4.36 -21.17 22.07
N PHE C 319 -3.46 -22.11 22.32
CA PHE C 319 -3.51 -22.85 23.58
C PHE C 319 -2.14 -23.48 23.82
N SER C 320 -1.99 -24.20 24.92
CA SER C 320 -0.71 -24.82 25.21
C SER C 320 -0.92 -26.18 25.86
N PHE C 321 0.17 -26.93 25.96
CA PHE C 321 0.16 -28.22 26.64
C PHE C 321 1.55 -28.48 27.21
N VAL C 322 1.59 -29.38 28.17
CA VAL C 322 2.82 -29.69 28.91
C VAL C 322 3.23 -31.11 28.58
N LEU C 323 4.50 -31.30 28.21
CA LEU C 323 5.05 -32.62 27.93
C LEU C 323 5.37 -33.37 29.23
N ASN C 324 5.59 -34.68 29.09
N ASN C 324 5.59 -34.67 29.11
CA ASN C 324 5.90 -35.56 30.21
CA ASN C 324 5.88 -35.50 30.28
C ASN C 324 7.36 -35.46 30.69
C ASN C 324 7.26 -35.23 30.87
N LYS C 325 8.12 -34.49 30.18
CA LYS C 325 9.47 -34.25 30.65
C LYS C 325 9.88 -32.84 30.23
N ARG C 326 10.91 -32.34 30.91
CA ARG C 326 11.60 -31.14 30.47
C ARG C 326 12.58 -31.56 29.37
N LEU C 327 12.32 -31.14 28.14
CA LEU C 327 13.18 -31.51 27.02
C LEU C 327 14.53 -30.82 27.12
N THR C 328 15.58 -31.56 26.75
CA THR C 328 16.88 -30.95 26.64
C THR C 328 16.94 -30.10 25.37
N ASP C 329 18.01 -29.30 25.25
CA ASP C 329 18.17 -28.53 24.03
C ASP C 329 18.30 -29.43 22.81
N ALA C 330 18.93 -30.60 22.96
CA ALA C 330 19.04 -31.51 21.83
C ALA C 330 17.66 -32.04 21.43
N GLU C 331 16.81 -32.33 22.42
CA GLU C 331 15.47 -32.80 22.11
C GLU C 331 14.61 -31.68 21.53
N LEU C 332 14.77 -30.45 22.03
CA LEU C 332 14.03 -29.33 21.46
C LEU C 332 14.33 -29.17 19.96
N ALA C 333 15.59 -29.34 19.57
CA ALA C 333 15.94 -29.21 18.16
C ALA C 333 15.35 -30.35 17.34
N ALA C 334 15.49 -31.59 17.83
CA ALA C 334 14.89 -32.73 17.14
C ALA C 334 13.39 -32.55 16.96
N TYR C 335 12.71 -32.06 18.00
CA TYR C 335 11.27 -31.84 17.95
C TYR C 335 10.92 -30.68 17.01
N LEU C 336 11.39 -29.48 17.35
CA LEU C 336 10.92 -28.26 16.69
C LEU C 336 11.47 -28.05 15.29
N ASP C 337 12.70 -28.50 15.01
CA ASP C 337 13.31 -28.16 13.74
C ASP C 337 12.69 -28.92 12.58
N ASN C 338 11.94 -29.99 12.83
CA ASN C 338 11.56 -30.94 11.79
C ASN C 338 10.05 -31.02 11.57
N PHE C 339 9.28 -30.05 12.06
CA PHE C 339 7.87 -29.98 11.67
C PHE C 339 7.72 -29.60 10.21
N SER C 340 6.66 -30.09 9.59
CA SER C 340 6.39 -29.80 8.19
C SER C 340 5.37 -28.68 8.00
N LEU C 341 4.46 -28.51 8.93
CA LEU C 341 3.39 -27.53 8.80
C LEU C 341 3.42 -26.47 9.87
N PHE C 342 3.64 -26.86 11.13
CA PHE C 342 3.86 -25.89 12.20
C PHE C 342 5.20 -25.22 12.02
N SER C 343 5.22 -23.90 12.22
N SER C 343 5.25 -23.91 12.25
CA SER C 343 6.43 -23.10 12.14
CA SER C 343 6.50 -23.18 12.17
C SER C 343 6.72 -22.45 13.49
C SER C 343 6.72 -22.37 13.45
N MET C 344 7.99 -22.16 13.75
CA MET C 344 8.37 -21.39 14.94
C MET C 344 8.36 -19.90 14.62
N ALA C 345 7.57 -19.15 15.38
CA ALA C 345 7.55 -17.70 15.25
C ALA C 345 6.79 -17.19 16.46
N TYR C 346 7.06 -15.95 16.82
CA TYR C 346 6.23 -15.27 17.81
C TYR C 346 4.97 -14.74 17.13
N SER C 347 4.07 -14.21 17.93
CA SER C 347 2.74 -13.80 17.47
C SER C 347 1.87 -15.03 17.18
N TRP C 348 0.66 -14.75 16.73
CA TRP C 348 -0.39 -15.75 16.57
C TRP C 348 -1.62 -15.05 16.03
N GLY C 349 -2.72 -15.77 15.84
CA GLY C 349 -3.92 -15.16 15.33
C GLY C 349 -4.03 -15.11 13.83
N GLY C 350 -3.06 -15.66 13.11
CA GLY C 350 -3.09 -15.68 11.66
C GLY C 350 -3.65 -16.97 11.09
N PHE C 351 -3.47 -17.12 9.78
CA PHE C 351 -4.03 -18.27 9.09
C PHE C 351 -3.18 -19.53 9.20
N GLU C 352 -1.93 -19.42 9.67
CA GLU C 352 -1.05 -20.56 9.72
C GLU C 352 -0.81 -21.00 11.16
N SER C 353 -0.40 -22.25 11.30
CA SER C 353 -0.15 -22.83 12.62
C SER C 353 1.29 -22.60 13.07
N LEU C 354 1.43 -22.30 14.36
CA LEU C 354 2.73 -21.98 14.96
C LEU C 354 2.97 -22.84 16.19
N ILE C 355 4.26 -23.02 16.51
CA ILE C 355 4.67 -23.81 17.66
C ILE C 355 5.88 -23.14 18.31
N LEU C 356 5.86 -23.06 19.64
CA LEU C 356 6.98 -22.59 20.44
C LEU C 356 7.07 -23.39 21.74
N ALA C 357 8.29 -23.55 22.24
CA ALA C 357 8.54 -24.23 23.51
C ALA C 357 8.94 -23.23 24.59
N ASN C 358 8.52 -23.53 25.82
CA ASN C 358 8.84 -22.72 26.98
C ASN C 358 9.27 -23.65 28.11
N GLN C 359 10.45 -23.43 28.66
CA GLN C 359 10.81 -24.31 29.76
C GLN C 359 10.12 -23.88 31.04
N PRO C 360 9.83 -24.82 31.92
CA PRO C 360 9.05 -24.48 33.13
C PRO C 360 9.72 -23.44 34.00
N GLU C 361 11.04 -23.49 34.13
CA GLU C 361 11.73 -22.51 34.96
C GLU C 361 11.76 -21.13 34.31
N HIS C 362 11.66 -21.07 32.98
CA HIS C 362 11.55 -19.77 32.30
C HIS C 362 10.18 -19.15 32.54
N ILE C 363 9.14 -19.96 32.54
CA ILE C 363 7.81 -19.46 32.89
C ILE C 363 7.76 -19.03 34.35
N ALA C 364 8.35 -19.81 35.25
CA ALA C 364 8.34 -19.42 36.66
C ALA C 364 8.94 -18.03 36.84
N ALA C 365 9.96 -17.70 36.03
CA ALA C 365 10.65 -16.42 36.16
C ALA C 365 9.79 -15.25 35.72
N ILE C 366 8.73 -15.51 34.95
CA ILE C 366 7.78 -14.47 34.55
C ILE C 366 6.43 -14.71 35.21
N ARG C 367 6.45 -15.38 36.37
CA ARG C 367 5.28 -15.50 37.24
C ARG C 367 5.68 -14.84 38.56
N PRO C 368 5.56 -13.52 38.66
CA PRO C 368 6.10 -12.83 39.83
C PRO C 368 5.45 -13.30 41.12
N GLU C 369 6.29 -13.57 42.12
CA GLU C 369 5.89 -13.98 43.47
C GLU C 369 5.15 -15.31 43.49
N ALA C 370 5.35 -16.15 42.48
CA ALA C 370 4.64 -17.41 42.34
C ALA C 370 5.54 -18.43 41.68
N GLU C 371 5.15 -19.70 41.81
CA GLU C 371 5.85 -20.81 41.17
C GLU C 371 4.92 -21.47 40.16
N VAL C 372 5.49 -22.28 39.28
CA VAL C 372 4.69 -23.11 38.38
C VAL C 372 4.42 -24.43 39.07
N ASP C 373 3.32 -25.07 38.68
CA ASP C 373 2.92 -26.36 39.25
C ASP C 373 3.12 -27.50 38.26
N PHE C 374 4.11 -27.36 37.39
CA PHE C 374 4.48 -28.40 36.43
C PHE C 374 5.98 -28.30 36.22
N SER C 375 6.57 -29.40 35.73
CA SER C 375 8.02 -29.47 35.52
C SER C 375 8.38 -29.91 34.11
N GLY C 376 7.39 -30.16 33.26
CA GLY C 376 7.68 -30.48 31.88
C GLY C 376 7.76 -29.25 31.00
N THR C 377 8.36 -29.44 29.82
CA THR C 377 8.39 -28.37 28.82
C THR C 377 6.97 -28.04 28.37
N LEU C 378 6.66 -26.76 28.30
CA LEU C 378 5.37 -26.29 27.81
C LEU C 378 5.49 -25.94 26.32
N ILE C 379 4.56 -26.45 25.53
CA ILE C 379 4.47 -26.18 24.09
C ILE C 379 3.23 -25.32 23.87
N ARG C 380 3.42 -24.13 23.31
CA ARG C 380 2.29 -23.29 22.92
C ARG C 380 2.02 -23.47 21.44
N LEU C 381 0.76 -23.77 21.10
CA LEU C 381 0.34 -23.93 19.72
C LEU C 381 -0.61 -22.83 19.31
N HIS C 382 -0.41 -22.29 18.11
CA HIS C 382 -1.47 -21.57 17.43
C HIS C 382 -2.00 -22.50 16.34
N ILE C 383 -3.29 -22.81 16.40
CA ILE C 383 -3.91 -23.66 15.39
C ILE C 383 -4.53 -22.77 14.31
N GLY C 384 -3.95 -22.82 13.12
CA GLY C 384 -4.41 -22.03 11.96
C GLY C 384 -5.52 -22.72 11.19
N LEU C 385 -5.59 -22.41 9.88
CA LEU C 385 -6.68 -22.82 9.01
C LEU C 385 -6.34 -24.04 8.15
N GLU C 386 -5.20 -24.68 8.38
CA GLU C 386 -4.87 -25.89 7.63
C GLU C 386 -5.83 -27.03 8.00
N ASN C 387 -5.81 -28.07 7.20
CA ASN C 387 -6.65 -29.22 7.49
C ASN C 387 -6.19 -29.85 8.80
N VAL C 388 -7.14 -30.07 9.71
CA VAL C 388 -6.76 -30.45 11.07
C VAL C 388 -6.11 -31.82 11.10
N ASP C 389 -6.50 -32.72 10.20
CA ASP C 389 -5.86 -34.04 10.20
C ASP C 389 -4.39 -33.94 9.80
N ASP C 390 -4.05 -33.01 8.90
CA ASP C 390 -2.65 -32.79 8.55
C ASP C 390 -1.87 -32.26 9.74
N LEU C 391 -2.49 -31.36 10.52
CA LEU C 391 -1.82 -30.82 11.70
C LEU C 391 -1.62 -31.88 12.76
N LEU C 392 -2.63 -32.74 12.96
CA LEU C 392 -2.49 -33.83 13.91
C LEU C 392 -1.35 -34.77 13.51
N ALA C 393 -1.24 -35.07 12.21
CA ALA C 393 -0.17 -35.94 11.75
C ALA C 393 1.20 -35.29 11.97
N ASP C 394 1.29 -33.97 11.77
CA ASP C 394 2.54 -33.24 12.05
C ASP C 394 2.90 -33.34 13.52
N LEU C 395 1.92 -33.16 14.41
CA LEU C 395 2.18 -33.27 15.85
C LEU C 395 2.58 -34.70 16.23
N ALA C 396 1.92 -35.69 15.62
CA ALA C 396 2.27 -37.07 15.93
C ALA C 396 3.71 -37.38 15.52
N ALA C 397 4.12 -36.91 14.36
CA ALA C 397 5.51 -37.12 13.94
C ALA C 397 6.47 -36.46 14.92
N GLY C 398 6.11 -35.28 15.43
CA GLY C 398 6.93 -34.66 16.46
C GLY C 398 7.05 -35.53 17.71
N PHE C 399 5.93 -36.09 18.17
CA PHE C 399 5.99 -36.96 19.35
C PHE C 399 6.95 -38.12 19.11
N ALA C 400 6.95 -38.68 17.90
CA ALA C 400 7.79 -39.83 17.61
C ALA C 400 9.27 -39.46 17.65
N ARG C 401 9.61 -38.20 17.38
CA ARG C 401 11.00 -37.78 17.41
C ARG C 401 11.54 -37.61 18.83
N ILE C 402 10.67 -37.60 19.85
CA ILE C 402 11.10 -37.42 21.23
C ILE C 402 10.67 -38.57 22.14
N VAL C 403 10.05 -39.61 21.59
CA VAL C 403 9.46 -40.65 22.42
C VAL C 403 10.57 -41.40 23.15
N HIS D 13 -6.93 -32.04 1.75
CA HIS D 13 -5.71 -31.27 1.98
C HIS D 13 -5.73 -29.92 1.26
N LEU D 14 -6.88 -29.54 0.70
CA LEU D 14 -6.96 -28.25 0.01
C LEU D 14 -6.68 -27.09 0.96
N ASP D 15 -7.22 -27.14 2.19
CA ASP D 15 -6.99 -26.04 3.13
C ASP D 15 -5.52 -25.89 3.45
N THR D 16 -4.81 -27.00 3.64
CA THR D 16 -3.37 -26.94 3.85
C THR D 16 -2.65 -26.36 2.64
N ALA D 17 -3.03 -26.79 1.44
CA ALA D 17 -2.40 -26.26 0.23
C ALA D 17 -2.66 -24.77 0.08
N LEU D 18 -3.88 -24.33 0.37
CA LEU D 18 -4.20 -22.90 0.26
C LEU D 18 -3.38 -22.08 1.24
N VAL D 19 -3.14 -22.59 2.45
CA VAL D 19 -2.34 -21.86 3.43
C VAL D 19 -0.90 -21.76 2.99
N ASN D 20 -0.38 -22.76 2.29
CA ASN D 20 1.06 -22.83 2.03
C ASN D 20 1.48 -22.57 0.60
N ALA D 21 0.56 -22.51 -0.34
CA ALA D 21 0.94 -22.42 -1.75
C ALA D 21 1.71 -21.12 -2.01
N GLY D 22 2.88 -21.24 -2.63
CA GLY D 22 3.72 -20.11 -2.95
C GLY D 22 4.51 -19.53 -1.80
N ARG D 23 4.31 -20.00 -0.56
CA ARG D 23 4.96 -19.41 0.61
C ARG D 23 6.25 -20.17 0.91
N ARG D 24 7.28 -19.85 0.13
CA ARG D 24 8.62 -20.40 0.27
C ARG D 24 9.57 -19.29 0.70
N LYS D 25 10.66 -19.67 1.38
CA LYS D 25 11.55 -18.68 1.97
C LYS D 25 12.17 -17.75 0.93
N LYS D 26 12.41 -18.24 -0.30
N LYS D 26 12.41 -18.27 -0.29
CA LYS D 26 13.00 -17.34 -1.29
CA LYS D 26 12.92 -17.44 -1.38
C LYS D 26 12.09 -16.15 -1.58
C LYS D 26 12.10 -16.17 -1.52
N TYR D 27 10.78 -16.28 -1.34
CA TYR D 27 9.88 -15.15 -1.49
C TYR D 27 9.54 -14.44 -0.18
N THR D 28 9.49 -15.17 0.94
CA THR D 28 9.05 -14.57 2.20
C THR D 28 10.20 -13.96 2.98
N GLN D 29 11.41 -14.48 2.80
CA GLN D 29 12.61 -13.93 3.44
C GLN D 29 12.45 -13.80 4.95
N GLY D 30 11.68 -14.70 5.54
CA GLY D 30 11.52 -14.75 6.99
C GLY D 30 10.15 -14.37 7.49
N SER D 31 9.37 -13.65 6.72
CA SER D 31 8.01 -13.36 7.14
C SER D 31 7.08 -14.50 6.75
N VAL D 32 5.84 -14.43 7.23
CA VAL D 32 4.86 -15.44 6.88
C VAL D 32 4.47 -15.32 5.42
N ASN D 33 4.23 -14.11 4.95
CA ASN D 33 3.81 -13.85 3.58
C ASN D 33 5.00 -13.39 2.75
N SER D 34 4.83 -13.43 1.44
N SER D 34 4.83 -13.43 1.44
CA SER D 34 5.91 -12.96 0.55
CA SER D 34 5.87 -12.93 0.54
C SER D 34 6.20 -11.48 0.83
C SER D 34 6.21 -11.49 0.90
N VAL D 35 7.45 -11.10 0.61
CA VAL D 35 7.78 -9.69 0.63
C VAL D 35 7.05 -9.04 -0.54
N ILE D 36 6.85 -7.73 -0.43
N ILE D 36 6.80 -7.74 -0.40
CA ILE D 36 6.31 -6.91 -1.51
CA ILE D 36 6.32 -6.91 -1.50
C ILE D 36 7.50 -6.18 -2.13
C ILE D 36 7.55 -6.25 -2.09
N GLN D 37 7.88 -6.61 -3.32
CA GLN D 37 9.02 -6.07 -4.02
C GLN D 37 8.45 -5.25 -5.17
N ARG D 38 8.51 -3.93 -5.02
CA ARG D 38 7.96 -3.00 -6.00
C ARG D 38 9.11 -2.61 -6.92
N ALA D 39 8.94 -2.83 -8.22
CA ALA D 39 10.06 -2.55 -9.11
C ALA D 39 9.64 -2.45 -10.55
N SER D 40 10.29 -1.53 -11.25
CA SER D 40 10.48 -1.66 -12.69
C SER D 40 11.90 -2.18 -12.88
N SER D 41 12.88 -1.32 -12.61
CA SER D 41 14.28 -1.72 -12.67
C SER D 41 14.60 -2.85 -11.70
N LEU D 42 15.30 -3.86 -12.21
CA LEU D 42 15.91 -4.91 -11.40
C LEU D 42 17.39 -4.96 -11.73
N VAL D 43 18.22 -4.97 -10.71
CA VAL D 43 19.64 -4.66 -10.88
C VAL D 43 20.44 -5.94 -11.14
N PHE D 44 21.34 -5.87 -12.11
CA PHE D 44 22.26 -6.96 -12.43
C PHE D 44 23.64 -6.59 -11.91
N ASP D 45 24.23 -7.47 -11.09
CA ASP D 45 25.51 -7.13 -10.49
C ASP D 45 26.67 -7.23 -11.48
N THR D 46 26.51 -8.08 -12.49
CA THR D 46 27.54 -8.29 -13.50
C THR D 46 26.87 -8.56 -14.85
N VAL D 47 27.69 -8.44 -15.90
CA VAL D 47 27.25 -8.82 -17.25
C VAL D 47 26.78 -10.27 -17.27
N GLU D 48 27.53 -11.17 -16.63
N GLU D 48 27.55 -11.17 -16.63
CA GLU D 48 27.10 -12.57 -16.65
CA GLU D 48 27.17 -12.57 -16.57
C GLU D 48 25.78 -12.77 -15.91
C GLU D 48 25.80 -12.74 -15.93
N ALA D 49 25.55 -12.02 -14.82
CA ALA D 49 24.27 -12.16 -14.14
C ALA D 49 23.14 -11.66 -15.03
N LYS D 50 23.40 -10.60 -15.80
CA LYS D 50 22.40 -10.10 -16.73
C LYS D 50 22.10 -11.13 -17.82
N LYS D 51 23.12 -11.80 -18.34
CA LYS D 51 22.87 -12.82 -19.36
C LYS D 51 22.04 -13.97 -18.78
N HIS D 52 22.35 -14.38 -17.56
CA HIS D 52 21.58 -15.45 -16.94
C HIS D 52 20.13 -15.04 -16.72
N ALA D 53 19.91 -13.81 -16.25
CA ALA D 53 18.55 -13.31 -16.05
C ALA D 53 17.79 -13.25 -17.37
N THR D 54 18.46 -12.85 -18.44
CA THR D 54 17.80 -12.76 -19.74
C THR D 54 17.34 -14.13 -20.21
N ARG D 55 18.23 -15.13 -20.12
N ARG D 55 18.21 -15.14 -20.09
CA ARG D 55 17.84 -16.49 -20.49
CA ARG D 55 17.83 -16.49 -20.49
C ARG D 55 16.63 -16.94 -19.67
C ARG D 55 16.67 -17.00 -19.65
N ASN D 56 16.54 -16.53 -18.41
CA ASN D 56 15.54 -17.02 -17.47
C ASN D 56 14.47 -15.98 -17.17
N ARG D 57 14.25 -15.05 -18.10
CA ARG D 57 13.35 -13.94 -17.89
C ARG D 57 11.90 -14.36 -17.74
N ALA D 58 11.53 -15.55 -18.21
CA ALA D 58 10.20 -16.09 -18.02
C ALA D 58 10.21 -17.33 -17.14
N LYS D 59 11.31 -17.54 -16.40
CA LYS D 59 11.51 -18.74 -15.60
C LYS D 59 11.92 -18.40 -14.17
N GLY D 60 11.48 -17.26 -13.65
CA GLY D 60 11.58 -16.98 -12.24
C GLY D 60 12.87 -16.31 -11.79
N GLU D 61 13.69 -15.81 -12.71
CA GLU D 61 14.82 -14.97 -12.36
C GLU D 61 14.43 -13.51 -12.51
N LEU D 62 14.88 -12.67 -11.58
CA LEU D 62 14.58 -11.26 -11.66
C LEU D 62 15.24 -10.66 -12.89
N PHE D 63 14.44 -9.98 -13.71
CA PHE D 63 14.86 -9.47 -15.00
C PHE D 63 14.33 -8.05 -15.25
N TYR D 64 13.02 -7.87 -15.18
CA TYR D 64 12.40 -6.56 -15.36
C TYR D 64 11.02 -6.62 -14.75
N GLY D 65 10.56 -5.50 -14.20
CA GLY D 65 9.30 -5.49 -13.49
C GLY D 65 8.10 -5.91 -14.33
N ARG D 66 8.16 -5.71 -15.66
CA ARG D 66 7.03 -6.12 -16.50
C ARG D 66 6.87 -7.63 -16.51
N ARG D 67 7.96 -8.37 -16.32
CA ARG D 67 7.89 -9.81 -16.13
C ARG D 67 7.49 -10.19 -14.71
N GLY D 68 7.88 -9.38 -13.72
CA GLY D 68 7.51 -9.62 -12.33
C GLY D 68 8.69 -9.51 -11.38
N THR D 69 8.34 -9.45 -10.11
CA THR D 69 9.28 -9.46 -9.00
C THR D 69 9.02 -10.72 -8.17
N LEU D 70 9.75 -10.86 -7.06
CA LEU D 70 9.51 -11.99 -6.16
C LEU D 70 8.04 -12.13 -5.80
N THR D 71 7.34 -11.02 -5.63
CA THR D 71 5.94 -11.08 -5.17
C THR D 71 5.07 -11.73 -6.23
N HIS D 72 5.27 -11.38 -7.49
CA HIS D 72 4.52 -12.03 -8.56
C HIS D 72 4.89 -13.50 -8.67
N PHE D 73 6.19 -13.82 -8.59
CA PHE D 73 6.63 -15.20 -8.73
C PHE D 73 5.96 -16.08 -7.68
N SER D 74 5.80 -15.55 -6.47
CA SER D 74 5.16 -16.31 -5.40
C SER D 74 3.71 -16.61 -5.75
N LEU D 75 2.97 -15.59 -6.21
CA LEU D 75 1.59 -15.82 -6.63
C LEU D 75 1.49 -16.80 -7.78
N GLN D 76 2.34 -16.63 -8.80
CA GLN D 76 2.31 -17.52 -9.96
C GLN D 76 2.55 -18.97 -9.55
N GLU D 77 3.49 -19.18 -8.64
CA GLU D 77 3.77 -20.53 -8.15
C GLU D 77 2.55 -21.09 -7.44
N ALA D 78 1.90 -20.27 -6.61
CA ALA D 78 0.69 -20.71 -5.90
C ALA D 78 -0.41 -21.09 -6.88
N MET D 79 -0.66 -20.27 -7.89
CA MET D 79 -1.74 -20.55 -8.85
C MET D 79 -1.45 -21.80 -9.65
N CYS D 80 -0.19 -22.01 -10.04
CA CYS D 80 0.14 -23.22 -10.78
C CYS D 80 -0.06 -24.47 -9.93
N GLU D 81 0.32 -24.42 -8.66
N GLU D 81 0.25 -24.39 -8.64
CA GLU D 81 0.06 -25.54 -7.78
CA GLU D 81 0.08 -25.53 -7.75
C GLU D 81 -1.43 -25.80 -7.66
C GLU D 81 -1.40 -25.81 -7.49
N LEU D 82 -2.19 -24.76 -7.31
CA LEU D 82 -3.61 -24.95 -7.01
C LEU D 82 -4.43 -25.36 -8.22
N GLU D 83 -4.09 -24.88 -9.41
CA GLU D 83 -4.84 -25.22 -10.61
C GLU D 83 -4.15 -26.29 -11.47
N GLY D 84 -2.98 -26.76 -11.07
CA GLY D 84 -2.33 -27.85 -11.79
C GLY D 84 -1.78 -27.47 -13.14
N GLY D 85 -1.21 -26.28 -13.27
CA GLY D 85 -0.75 -25.78 -14.54
C GLY D 85 0.76 -25.66 -14.65
N ALA D 86 1.21 -25.39 -15.88
CA ALA D 86 2.62 -25.15 -16.19
C ALA D 86 3.04 -23.70 -15.98
N GLY D 87 2.11 -22.76 -16.09
CA GLY D 87 2.42 -21.36 -15.88
C GLY D 87 1.15 -20.58 -15.64
N CYS D 88 1.32 -19.43 -14.99
CA CYS D 88 0.22 -18.53 -14.66
C CYS D 88 0.57 -17.13 -15.14
N ALA D 89 -0.19 -16.61 -16.11
CA ALA D 89 -0.03 -15.24 -16.55
C ALA D 89 -0.95 -14.32 -15.75
N LEU D 90 -0.48 -13.11 -15.46
CA LEU D 90 -1.19 -12.12 -14.67
C LEU D 90 -1.61 -10.92 -15.52
N PHE D 91 -2.72 -10.31 -15.15
CA PHE D 91 -3.40 -9.27 -15.91
C PHE D 91 -3.99 -8.26 -14.96
N PRO D 92 -4.31 -7.05 -15.47
CA PRO D 92 -4.84 -6.01 -14.59
C PRO D 92 -6.24 -6.29 -14.06
N CYS D 93 -7.02 -7.14 -14.72
CA CYS D 93 -8.34 -7.53 -14.23
C CYS D 93 -8.78 -8.76 -14.98
N GLY D 94 -9.91 -9.33 -14.55
CA GLY D 94 -10.47 -10.49 -15.23
C GLY D 94 -10.74 -10.26 -16.70
N ALA D 95 -11.33 -9.10 -17.04
CA ALA D 95 -11.67 -8.86 -18.44
C ALA D 95 -10.43 -8.79 -19.30
N ALA D 96 -9.33 -8.25 -18.76
CA ALA D 96 -8.06 -8.23 -19.49
C ALA D 96 -7.52 -9.64 -19.68
N ALA D 97 -7.70 -10.50 -18.66
CA ALA D 97 -7.26 -11.88 -18.79
C ALA D 97 -8.03 -12.59 -19.90
N VAL D 98 -9.35 -12.40 -19.95
CA VAL D 98 -10.14 -13.05 -20.99
C VAL D 98 -9.73 -12.53 -22.36
N ALA D 99 -9.71 -11.20 -22.52
CA ALA D 99 -9.46 -10.62 -23.83
C ALA D 99 -8.07 -10.99 -24.33
N ASN D 100 -7.06 -10.86 -23.49
CA ASN D 100 -5.70 -11.11 -23.92
C ASN D 100 -5.38 -12.58 -24.05
N THR D 101 -6.03 -13.45 -23.26
CA THR D 101 -5.79 -14.88 -23.43
C THR D 101 -6.38 -15.35 -24.77
N ILE D 102 -7.59 -14.91 -25.12
CA ILE D 102 -8.13 -15.23 -26.44
C ILE D 102 -7.22 -14.66 -27.52
N LEU D 103 -6.88 -13.37 -27.40
CA LEU D 103 -6.09 -12.71 -28.46
C LEU D 103 -4.77 -13.44 -28.70
N ALA D 104 -4.18 -13.98 -27.63
CA ALA D 104 -2.89 -14.66 -27.73
C ALA D 104 -2.91 -15.84 -28.67
N PHE D 105 -4.09 -16.41 -28.93
CA PHE D 105 -4.18 -17.65 -29.70
C PHE D 105 -4.89 -17.51 -31.03
N VAL D 106 -5.21 -16.29 -31.49
CA VAL D 106 -5.94 -16.11 -32.74
C VAL D 106 -5.16 -15.26 -33.73
N GLU D 107 -5.55 -15.40 -34.99
CA GLU D 107 -5.05 -14.59 -36.07
C GLU D 107 -6.18 -14.40 -37.08
N GLN D 108 -5.98 -13.43 -37.98
CA GLN D 108 -6.98 -13.18 -39.02
C GLN D 108 -7.38 -14.47 -39.70
N GLY D 109 -8.69 -14.70 -39.80
CA GLY D 109 -9.23 -15.88 -40.43
C GLY D 109 -9.66 -16.97 -39.47
N ASP D 110 -9.27 -16.89 -38.20
CA ASP D 110 -9.64 -17.89 -37.22
C ASP D 110 -11.10 -17.71 -36.79
N HIS D 111 -11.62 -18.75 -36.13
CA HIS D 111 -12.97 -18.81 -35.59
C HIS D 111 -12.91 -19.21 -34.13
N VAL D 112 -13.72 -18.53 -33.31
CA VAL D 112 -13.87 -18.80 -31.89
C VAL D 112 -15.28 -19.30 -31.66
N LEU D 113 -15.42 -20.36 -30.87
CA LEU D 113 -16.72 -20.89 -30.49
C LEU D 113 -16.90 -20.64 -29.00
N MET D 114 -17.92 -19.85 -28.63
CA MET D 114 -18.08 -19.38 -27.26
C MET D 114 -19.48 -19.70 -26.75
N THR D 115 -19.56 -20.10 -25.48
CA THR D 115 -20.87 -20.32 -24.88
C THR D 115 -21.70 -19.04 -24.90
N ASN D 116 -23.00 -19.17 -25.18
CA ASN D 116 -23.85 -17.99 -25.28
C ASN D 116 -24.17 -17.39 -23.91
N THR D 117 -23.74 -18.07 -22.85
CA THR D 117 -23.86 -17.60 -21.47
C THR D 117 -22.58 -16.95 -20.97
N ALA D 118 -21.62 -16.68 -21.86
CA ALA D 118 -20.41 -16.00 -21.44
C ALA D 118 -20.72 -14.61 -20.87
N TYR D 119 -19.87 -14.21 -19.94
CA TYR D 119 -19.87 -12.86 -19.39
C TYR D 119 -19.94 -11.83 -20.52
N GLU D 120 -20.81 -10.83 -20.36
CA GLU D 120 -21.07 -9.90 -21.45
C GLU D 120 -19.82 -9.19 -21.96
N PRO D 121 -18.93 -8.67 -21.12
CA PRO D 121 -17.69 -8.07 -21.65
C PRO D 121 -16.86 -9.03 -22.48
N SER D 122 -16.92 -10.34 -22.19
CA SER D 122 -16.20 -11.32 -23.00
C SER D 122 -16.81 -11.40 -24.40
N GLN D 123 -18.15 -11.40 -24.43
CA GLN D 123 -18.85 -11.37 -25.72
C GLN D 123 -18.52 -10.11 -26.49
N ASP D 124 -18.52 -8.96 -25.79
CA ASP D 124 -18.27 -7.68 -26.46
C ASP D 124 -16.85 -7.60 -26.99
N PHE D 125 -15.88 -8.17 -26.27
CA PHE D 125 -14.54 -8.26 -26.83
C PHE D 125 -14.57 -9.01 -28.17
N CYS D 126 -15.30 -10.13 -28.23
CA CYS D 126 -15.36 -10.90 -29.47
C CYS D 126 -16.05 -10.13 -30.59
N THR D 127 -17.21 -9.53 -30.31
CA THR D 127 -17.98 -8.92 -31.38
C THR D 127 -17.48 -7.53 -31.78
N LYS D 128 -16.81 -6.82 -30.87
CA LYS D 128 -16.40 -5.44 -31.14
C LYS D 128 -14.90 -5.26 -31.31
N ILE D 129 -14.07 -6.18 -30.82
CA ILE D 129 -12.63 -6.15 -31.09
C ILE D 129 -12.22 -7.24 -32.10
N LEU D 130 -12.52 -8.51 -31.79
CA LEU D 130 -12.03 -9.58 -32.66
C LEU D 130 -12.59 -9.47 -34.06
N ALA D 131 -13.88 -9.10 -34.19
CA ALA D 131 -14.51 -9.14 -35.49
C ALA D 131 -13.79 -8.26 -36.50
N LYS D 132 -13.36 -7.07 -36.08
CA LYS D 132 -12.70 -6.17 -37.02
C LYS D 132 -11.26 -6.57 -37.29
N LEU D 133 -10.75 -7.56 -36.57
CA LEU D 133 -9.45 -8.14 -36.81
C LEU D 133 -9.55 -9.40 -37.64
N GLY D 134 -10.73 -9.68 -38.19
CA GLY D 134 -10.87 -10.84 -39.04
C GLY D 134 -11.06 -12.14 -38.31
N VAL D 135 -11.44 -12.10 -37.05
CA VAL D 135 -11.68 -13.30 -36.26
C VAL D 135 -13.17 -13.39 -35.99
N THR D 136 -13.79 -14.49 -36.41
CA THR D 136 -15.22 -14.71 -36.28
C THR D 136 -15.55 -15.48 -35.00
N THR D 137 -16.72 -15.19 -34.42
CA THR D 137 -17.18 -15.86 -33.21
C THR D 137 -18.55 -16.47 -33.46
N GLY D 138 -18.66 -17.78 -33.17
CA GLY D 138 -19.92 -18.47 -33.13
C GLY D 138 -20.25 -18.87 -31.70
N TRP D 139 -21.49 -19.35 -31.52
CA TRP D 139 -22.07 -19.47 -30.21
C TRP D 139 -22.71 -20.82 -30.02
N PHE D 140 -22.80 -21.24 -28.75
CA PHE D 140 -23.48 -22.50 -28.43
C PHE D 140 -24.23 -22.42 -27.11
N ASP D 141 -25.32 -23.18 -27.04
CA ASP D 141 -26.07 -23.36 -25.81
C ASP D 141 -25.23 -24.08 -24.77
N PRO D 142 -25.27 -23.65 -23.51
CA PRO D 142 -24.35 -24.23 -22.51
C PRO D 142 -24.56 -25.71 -22.26
N LEU D 143 -25.74 -26.25 -22.57
CA LEU D 143 -26.02 -27.67 -22.36
C LEU D 143 -25.82 -28.49 -23.63
N ILE D 144 -25.09 -27.96 -24.61
CA ILE D 144 -24.92 -28.65 -25.88
C ILE D 144 -24.19 -29.97 -25.73
N GLY D 145 -23.27 -30.07 -24.76
CA GLY D 145 -22.56 -31.32 -24.56
C GLY D 145 -21.86 -31.80 -25.82
N ALA D 146 -22.03 -33.09 -26.12
CA ALA D 146 -21.31 -33.73 -27.23
C ALA D 146 -21.68 -33.14 -28.58
N ASP D 147 -22.84 -32.50 -28.70
CA ASP D 147 -23.27 -31.97 -29.98
C ASP D 147 -22.45 -30.76 -30.42
N ILE D 148 -21.55 -30.28 -29.57
CA ILE D 148 -20.68 -29.19 -30.00
C ILE D 148 -19.85 -29.60 -31.20
N ALA D 149 -19.62 -30.91 -31.41
CA ALA D 149 -18.79 -31.33 -32.53
C ALA D 149 -19.32 -30.78 -33.84
N ASN D 150 -20.64 -30.68 -33.97
CA ASN D 150 -21.25 -30.23 -35.22
C ASN D 150 -20.99 -28.76 -35.51
N LEU D 151 -20.55 -27.99 -34.52
CA LEU D 151 -20.32 -26.57 -34.69
C LEU D 151 -18.87 -26.22 -34.97
N ILE D 152 -17.97 -27.19 -34.86
CA ILE D 152 -16.54 -26.94 -35.03
C ILE D 152 -16.25 -26.86 -36.52
N GLN D 153 -15.62 -25.76 -36.93
CA GLN D 153 -15.31 -25.46 -38.32
C GLN D 153 -13.84 -25.73 -38.60
N PRO D 154 -13.45 -25.86 -39.86
CA PRO D 154 -12.03 -26.04 -40.17
C PRO D 154 -11.14 -24.96 -39.56
N ASN D 155 -11.65 -23.75 -39.40
CA ASN D 155 -10.87 -22.64 -38.87
C ASN D 155 -11.11 -22.39 -37.39
N THR D 156 -11.85 -23.27 -36.69
CA THR D 156 -12.06 -23.07 -35.26
C THR D 156 -10.76 -23.32 -34.50
N LYS D 157 -10.30 -22.28 -33.82
CA LYS D 157 -9.04 -22.29 -33.08
C LYS D 157 -9.24 -22.31 -31.58
N VAL D 158 -10.32 -21.71 -31.09
CA VAL D 158 -10.56 -21.54 -29.66
C VAL D 158 -11.99 -21.97 -29.37
N VAL D 159 -12.16 -22.76 -28.32
CA VAL D 159 -13.46 -23.10 -27.76
C VAL D 159 -13.48 -22.54 -26.34
N PHE D 160 -14.41 -21.62 -26.08
CA PHE D 160 -14.44 -20.86 -24.84
C PHE D 160 -15.67 -21.22 -24.01
N LEU D 161 -15.39 -21.76 -22.82
CA LEU D 161 -16.39 -22.26 -21.89
C LEU D 161 -16.51 -21.32 -20.71
N GLU D 162 -17.68 -21.34 -20.07
CA GLU D 162 -17.88 -20.61 -18.81
C GLU D 162 -18.92 -21.39 -18.03
N SER D 163 -18.49 -22.01 -16.95
CA SER D 163 -19.35 -22.92 -16.19
C SER D 163 -19.16 -22.69 -14.70
N PRO D 164 -20.22 -22.37 -13.96
N PRO D 164 -20.22 -22.33 -13.96
CA PRO D 164 -21.56 -21.97 -14.41
CA PRO D 164 -21.57 -22.00 -14.46
C PRO D 164 -21.52 -20.74 -15.30
C PRO D 164 -21.55 -20.72 -15.28
N GLY D 165 -22.56 -20.54 -16.10
CA GLY D 165 -22.64 -19.36 -16.94
C GLY D 165 -22.89 -18.09 -16.16
N SER D 166 -22.57 -16.96 -16.78
CA SER D 166 -22.86 -15.68 -16.14
C SER D 166 -24.36 -15.49 -16.01
N ILE D 167 -24.76 -14.98 -14.84
CA ILE D 167 -26.12 -14.55 -14.52
C ILE D 167 -27.10 -15.72 -14.35
N THR D 168 -27.25 -16.53 -15.39
CA THR D 168 -28.23 -17.61 -15.41
C THR D 168 -27.70 -18.96 -14.91
N MET D 169 -26.40 -19.10 -14.74
CA MET D 169 -25.79 -20.15 -13.90
C MET D 169 -25.81 -21.55 -14.49
N GLU D 170 -26.05 -21.70 -15.80
CA GLU D 170 -26.07 -23.04 -16.37
C GLU D 170 -24.70 -23.68 -16.31
N VAL D 171 -24.65 -24.97 -15.92
CA VAL D 171 -23.40 -25.72 -15.80
C VAL D 171 -23.19 -26.58 -17.05
N HIS D 172 -22.02 -26.45 -17.68
CA HIS D 172 -21.68 -27.29 -18.81
C HIS D 172 -21.45 -28.74 -18.37
N ASP D 173 -21.59 -29.65 -19.33
CA ASP D 173 -21.05 -31.02 -19.24
C ASP D 173 -19.65 -30.98 -19.86
N VAL D 174 -18.66 -30.55 -19.07
CA VAL D 174 -17.31 -30.37 -19.62
C VAL D 174 -16.74 -31.66 -20.19
N PRO D 175 -16.83 -32.80 -19.50
CA PRO D 175 -16.26 -34.02 -20.11
C PRO D 175 -16.82 -34.29 -21.49
N ALA D 176 -18.13 -34.08 -21.70
CA ALA D 176 -18.71 -34.34 -23.02
C ALA D 176 -18.23 -33.32 -24.05
N ILE D 177 -18.11 -32.04 -23.64
CA ILE D 177 -17.65 -31.01 -24.58
C ILE D 177 -16.21 -31.29 -24.98
N VAL D 178 -15.34 -31.52 -24.00
CA VAL D 178 -13.92 -31.71 -24.28
C VAL D 178 -13.71 -32.94 -25.18
N ALA D 179 -14.36 -34.06 -24.85
CA ALA D 179 -14.18 -35.25 -25.67
C ALA D 179 -14.62 -35.00 -27.12
N ALA D 180 -15.71 -34.26 -27.32
CA ALA D 180 -16.16 -33.96 -28.67
C ALA D 180 -15.17 -33.07 -29.40
N VAL D 181 -14.65 -32.03 -28.74
CA VAL D 181 -13.65 -31.18 -29.37
C VAL D 181 -12.43 -31.99 -29.75
N ARG D 182 -11.95 -32.85 -28.85
CA ARG D 182 -10.73 -33.59 -29.15
C ARG D 182 -10.91 -34.59 -30.27
N ARG D 183 -12.13 -35.08 -30.49
N ARG D 183 -12.13 -35.04 -30.52
CA ARG D 183 -12.37 -36.00 -31.60
CA ARG D 183 -12.36 -36.00 -31.59
C ARG D 183 -12.18 -35.28 -32.94
C ARG D 183 -12.34 -35.33 -32.97
N VAL D 184 -12.65 -34.05 -33.05
CA VAL D 184 -12.71 -33.34 -34.32
C VAL D 184 -11.51 -32.43 -34.52
N ALA D 185 -11.06 -31.77 -33.46
CA ALA D 185 -10.02 -30.74 -33.56
C ALA D 185 -9.18 -30.80 -32.30
N PRO D 186 -8.39 -31.86 -32.13
CA PRO D 186 -7.66 -32.02 -30.87
C PRO D 186 -6.66 -30.93 -30.61
N GLU D 187 -6.20 -30.22 -31.64
CA GLU D 187 -5.24 -29.14 -31.42
C GLU D 187 -5.90 -27.84 -30.98
N ALA D 188 -7.23 -27.77 -30.97
CA ALA D 188 -7.91 -26.53 -30.59
C ALA D 188 -7.53 -26.13 -29.16
N ILE D 189 -7.63 -24.85 -28.87
CA ILE D 189 -7.36 -24.33 -27.54
C ILE D 189 -8.69 -24.23 -26.80
N ILE D 190 -8.88 -25.04 -25.77
CA ILE D 190 -10.07 -25.00 -24.95
C ILE D 190 -9.77 -24.16 -23.72
N MET D 191 -10.56 -23.11 -23.52
CA MET D 191 -10.40 -22.18 -22.41
C MET D 191 -11.67 -22.18 -21.59
N ILE D 192 -11.55 -21.85 -20.31
CA ILE D 192 -12.72 -21.67 -19.47
C ILE D 192 -12.53 -20.45 -18.59
N ASP D 193 -13.60 -19.66 -18.45
CA ASP D 193 -13.69 -18.67 -17.39
C ASP D 193 -14.20 -19.39 -16.15
N ASN D 194 -13.28 -19.65 -15.22
CA ASN D 194 -13.47 -20.46 -14.02
C ASN D 194 -13.58 -19.61 -12.77
N THR D 195 -14.07 -18.37 -12.93
CA THR D 195 -14.18 -17.42 -11.82
C THR D 195 -15.13 -17.91 -10.72
N TRP D 196 -16.31 -18.43 -11.07
CA TRP D 196 -17.29 -18.80 -10.06
C TRP D 196 -16.74 -19.86 -9.11
N ALA D 197 -15.94 -20.79 -9.63
CA ALA D 197 -15.31 -21.84 -8.84
C ALA D 197 -14.02 -21.39 -8.15
N ALA D 198 -13.61 -20.14 -8.37
CA ALA D 198 -12.35 -19.61 -7.84
C ALA D 198 -11.16 -20.47 -8.25
N GLY D 199 -11.29 -21.15 -9.38
CA GLY D 199 -10.27 -22.05 -9.87
C GLY D 199 -10.04 -23.30 -9.06
N VAL D 200 -10.68 -23.45 -7.90
CA VAL D 200 -10.41 -24.57 -7.01
C VAL D 200 -11.60 -25.49 -6.81
N LEU D 201 -12.84 -25.04 -7.02
CA LEU D 201 -13.99 -25.92 -6.90
C LEU D 201 -14.21 -26.74 -8.16
N PHE D 202 -13.53 -26.40 -9.24
CA PHE D 202 -13.59 -27.15 -10.49
C PHE D 202 -12.17 -27.14 -11.05
N LYS D 203 -11.54 -28.32 -11.13
N LYS D 203 -11.50 -28.30 -11.08
CA LYS D 203 -10.14 -28.45 -11.52
CA LYS D 203 -10.10 -28.35 -11.49
C LYS D 203 -10.08 -28.56 -13.05
C LYS D 203 -10.06 -28.54 -13.01
N ALA D 204 -10.22 -27.41 -13.71
CA ALA D 204 -10.42 -27.41 -15.15
C ALA D 204 -9.34 -28.14 -15.92
N LEU D 205 -8.08 -27.97 -15.52
N LEU D 205 -8.07 -27.95 -15.54
CA LEU D 205 -6.99 -28.55 -16.29
CA LEU D 205 -7.02 -28.58 -16.34
C LEU D 205 -6.94 -30.07 -16.17
C LEU D 205 -7.09 -30.10 -16.25
N ASP D 206 -7.52 -30.64 -15.10
CA ASP D 206 -7.66 -32.08 -14.97
C ASP D 206 -8.74 -32.64 -15.89
N PHE D 207 -9.61 -31.79 -16.44
CA PHE D 207 -10.65 -32.22 -17.35
C PHE D 207 -10.24 -32.08 -18.82
N GLY D 208 -9.01 -31.71 -19.09
CA GLY D 208 -8.56 -31.58 -20.45
C GLY D 208 -8.75 -30.20 -21.04
N ILE D 209 -9.18 -29.24 -20.24
CA ILE D 209 -9.18 -27.84 -20.67
C ILE D 209 -7.73 -27.37 -20.69
N ASP D 210 -7.39 -26.50 -21.66
CA ASP D 210 -6.01 -26.02 -21.81
C ASP D 210 -5.67 -24.85 -20.90
N ILE D 211 -6.61 -23.93 -20.69
CA ILE D 211 -6.35 -22.69 -19.96
C ILE D 211 -7.54 -22.38 -19.07
N SER D 212 -7.27 -22.14 -17.80
CA SER D 212 -8.27 -21.75 -16.80
C SER D 212 -8.05 -20.27 -16.46
N ILE D 213 -9.02 -19.45 -16.79
CA ILE D 213 -8.96 -18.00 -16.61
C ILE D 213 -9.83 -17.63 -15.41
N GLN D 214 -9.36 -16.70 -14.58
CA GLN D 214 -10.16 -16.19 -13.50
C GLN D 214 -10.07 -14.68 -13.38
N ALA D 215 -11.18 -14.07 -13.00
CA ALA D 215 -11.18 -12.76 -12.36
C ALA D 215 -10.83 -12.97 -10.90
N ALA D 216 -9.53 -12.88 -10.59
CA ALA D 216 -9.08 -12.98 -9.20
C ALA D 216 -9.66 -11.87 -8.34
N THR D 217 -10.14 -10.81 -8.97
CA THR D 217 -11.01 -9.78 -8.42
C THR D 217 -12.08 -10.31 -7.49
N LYS D 218 -12.62 -11.50 -7.77
N LYS D 218 -12.64 -11.48 -7.81
CA LYS D 218 -13.81 -11.99 -7.09
CA LYS D 218 -13.78 -12.00 -7.07
C LYS D 218 -13.48 -12.73 -5.79
C LYS D 218 -13.30 -12.76 -5.85
N TYR D 219 -13.50 -14.07 -5.78
CA TYR D 219 -13.25 -14.78 -4.52
C TYR D 219 -11.78 -14.79 -4.11
N LEU D 220 -10.82 -14.75 -5.05
CA LEU D 220 -9.43 -14.83 -4.60
C LEU D 220 -9.07 -13.60 -3.76
N ILE D 221 -9.35 -12.41 -4.27
CA ILE D 221 -9.19 -11.19 -3.46
C ILE D 221 -10.12 -11.22 -2.25
N GLY D 222 -11.41 -11.50 -2.49
CA GLY D 222 -12.36 -11.84 -1.44
C GLY D 222 -12.93 -10.68 -0.64
N HIS D 223 -12.50 -9.46 -0.93
CA HIS D 223 -12.88 -8.30 -0.12
C HIS D 223 -13.31 -7.11 -0.96
N SER D 224 -13.51 -7.28 -2.26
CA SER D 224 -14.09 -6.26 -3.13
C SER D 224 -13.18 -5.05 -3.32
N ASP D 225 -11.87 -5.17 -3.05
CA ASP D 225 -10.96 -4.03 -3.03
C ASP D 225 -9.67 -4.23 -3.84
N GLY D 226 -9.69 -5.11 -4.80
CA GLY D 226 -8.58 -5.26 -5.72
C GLY D 226 -9.08 -5.87 -6.99
N MET D 227 -8.40 -5.59 -8.09
CA MET D 227 -8.75 -6.13 -9.38
C MET D 227 -7.51 -6.77 -9.99
N ILE D 228 -7.70 -7.95 -10.58
CA ILE D 228 -6.60 -8.74 -11.10
C ILE D 228 -7.18 -9.93 -11.87
N GLY D 229 -6.56 -10.27 -12.99
CA GLY D 229 -6.89 -11.48 -13.73
C GLY D 229 -5.74 -12.47 -13.73
N THR D 230 -6.08 -13.74 -13.82
CA THR D 230 -5.11 -14.81 -13.93
C THR D 230 -5.51 -15.75 -15.07
N ALA D 231 -4.51 -16.38 -15.68
CA ALA D 231 -4.76 -17.42 -16.67
C ALA D 231 -3.71 -18.49 -16.46
N VAL D 232 -4.14 -19.70 -16.10
CA VAL D 232 -3.25 -20.81 -15.82
C VAL D 232 -3.35 -21.77 -16.99
N ALA D 233 -2.21 -22.05 -17.64
CA ALA D 233 -2.17 -22.85 -18.85
C ALA D 233 -1.42 -24.16 -18.61
N ASN D 234 -1.79 -25.17 -19.38
CA ASN D 234 -1.01 -26.40 -19.44
C ASN D 234 0.28 -26.19 -20.22
N ALA D 235 1.12 -27.22 -20.22
CA ALA D 235 2.45 -27.10 -20.82
C ALA D 235 2.37 -26.83 -22.31
N ARG D 236 1.38 -27.40 -22.99
CA ARG D 236 1.25 -27.22 -24.43
C ARG D 236 1.04 -25.75 -24.79
N CYS D 237 0.29 -25.01 -23.98
CA CYS D 237 -0.18 -23.69 -24.35
C CYS D 237 0.56 -22.55 -23.63
N TRP D 238 1.39 -22.88 -22.64
CA TRP D 238 1.95 -21.88 -21.76
C TRP D 238 2.85 -20.87 -22.48
N GLU D 239 3.79 -21.34 -23.30
N GLU D 239 3.77 -21.34 -23.32
CA GLU D 239 4.73 -20.39 -23.89
CA GLU D 239 4.75 -20.41 -23.90
C GLU D 239 4.00 -19.34 -24.72
C GLU D 239 4.08 -19.36 -24.79
N GLN D 240 3.07 -19.77 -25.57
CA GLN D 240 2.35 -18.81 -26.40
C GLN D 240 1.54 -17.84 -25.55
N LEU D 241 0.86 -18.33 -24.51
CA LEU D 241 0.12 -17.43 -23.64
C LEU D 241 1.04 -16.43 -22.99
N CYS D 242 2.11 -16.93 -22.39
CA CYS D 242 3.04 -16.07 -21.66
C CYS D 242 3.61 -14.98 -22.55
N GLU D 243 4.12 -15.36 -23.71
CA GLU D 243 4.85 -14.42 -24.53
C GLU D 243 3.92 -13.43 -25.22
N ASN D 244 2.74 -13.88 -25.63
CA ASN D 244 1.83 -12.96 -26.28
C ASN D 244 1.18 -12.00 -25.31
N ALA D 245 0.81 -12.49 -24.11
CA ALA D 245 0.33 -11.56 -23.09
C ALA D 245 1.40 -10.53 -22.76
N TYR D 246 2.66 -10.95 -22.71
CA TYR D 246 3.76 -10.02 -22.42
C TYR D 246 3.92 -8.97 -23.53
N LEU D 247 3.75 -9.38 -24.79
CA LEU D 247 3.83 -8.43 -25.90
C LEU D 247 2.72 -7.40 -25.85
N MET D 248 1.58 -7.73 -25.22
CA MET D 248 0.51 -6.77 -24.96
C MET D 248 0.72 -5.99 -23.67
N GLY D 249 1.84 -6.19 -22.98
CA GLY D 249 2.13 -5.43 -21.79
C GLY D 249 1.30 -5.82 -20.59
N GLN D 250 0.75 -7.04 -20.57
CA GLN D 250 -0.13 -7.42 -19.48
C GLN D 250 0.66 -7.83 -18.25
N MET D 251 0.31 -7.23 -17.12
CA MET D 251 0.90 -7.49 -15.83
C MET D 251 -0.08 -6.98 -14.77
N ILE D 252 0.23 -7.28 -13.52
CA ILE D 252 -0.46 -6.71 -12.37
C ILE D 252 0.60 -6.10 -11.46
N ASP D 253 0.21 -5.11 -10.67
CA ASP D 253 1.14 -4.55 -9.69
C ASP D 253 1.47 -5.53 -8.56
N ALA D 254 2.66 -5.36 -7.99
CA ALA D 254 3.12 -6.26 -6.93
C ALA D 254 2.19 -6.27 -5.74
N ASP D 255 1.62 -5.13 -5.36
CA ASP D 255 0.78 -5.10 -4.17
C ASP D 255 -0.51 -5.89 -4.37
N THR D 256 -1.12 -5.78 -5.55
CA THR D 256 -2.31 -6.59 -5.80
C THR D 256 -1.96 -8.07 -5.87
N ALA D 257 -0.79 -8.41 -6.42
CA ALA D 257 -0.34 -9.80 -6.39
C ALA D 257 -0.22 -10.31 -4.95
N TYR D 258 0.39 -9.52 -4.06
CA TYR D 258 0.45 -9.85 -2.65
C TYR D 258 -0.94 -10.07 -2.08
N MET D 259 -1.88 -9.17 -2.37
N MET D 259 -1.88 -9.18 -2.39
CA MET D 259 -3.21 -9.32 -1.79
CA MET D 259 -3.22 -9.30 -1.79
C MET D 259 -3.94 -10.54 -2.33
C MET D 259 -3.96 -10.52 -2.33
N THR D 260 -3.63 -10.96 -3.54
CA THR D 260 -4.26 -12.17 -4.08
C THR D 260 -3.73 -13.42 -3.38
N SER D 261 -2.40 -13.53 -3.22
CA SER D 261 -1.81 -14.58 -2.42
C SER D 261 -2.43 -14.60 -1.02
N ARG D 262 -2.61 -13.41 -0.43
CA ARG D 262 -3.16 -13.30 0.91
C ARG D 262 -4.60 -13.80 0.95
N GLY D 263 -5.36 -13.52 -0.10
CA GLY D 263 -6.74 -13.99 -0.19
C GLY D 263 -6.83 -15.51 -0.24
N LEU D 264 -5.85 -16.16 -0.87
CA LEU D 264 -5.87 -17.62 -0.91
C LEU D 264 -5.94 -18.22 0.48
N ARG D 265 -5.33 -17.54 1.46
CA ARG D 265 -5.16 -18.13 2.78
C ARG D 265 -6.48 -18.29 3.54
N THR D 266 -7.53 -17.53 3.19
CA THR D 266 -8.85 -17.70 3.78
C THR D 266 -9.89 -18.21 2.80
N LEU D 267 -9.48 -18.55 1.57
CA LEU D 267 -10.44 -18.91 0.53
C LEU D 267 -11.27 -20.13 0.92
N GLY D 268 -10.65 -21.14 1.53
CA GLY D 268 -11.39 -22.34 1.89
C GLY D 268 -12.48 -22.07 2.92
N VAL D 269 -12.13 -21.43 4.04
N VAL D 269 -12.13 -21.40 4.02
CA VAL D 269 -13.15 -21.12 5.04
CA VAL D 269 -13.13 -21.13 5.05
C VAL D 269 -14.24 -20.24 4.44
C VAL D 269 -14.20 -20.15 4.56
N ARG D 270 -13.85 -19.24 3.65
CA ARG D 270 -14.84 -18.35 3.07
C ARG D 270 -15.79 -19.12 2.15
N LEU D 271 -15.24 -19.88 1.20
CA LEU D 271 -16.10 -20.61 0.26
C LEU D 271 -17.08 -21.54 0.97
N ARG D 272 -16.63 -22.22 2.04
CA ARG D 272 -17.55 -23.12 2.73
C ARG D 272 -18.73 -22.35 3.29
N GLN D 273 -18.50 -21.15 3.81
CA GLN D 273 -19.61 -20.35 4.32
C GLN D 273 -20.50 -19.85 3.19
N HIS D 274 -19.92 -19.37 2.09
CA HIS D 274 -20.73 -18.95 0.93
C HIS D 274 -21.60 -20.11 0.42
N HIS D 275 -21.02 -21.31 0.36
CA HIS D 275 -21.78 -22.50 -0.08
C HIS D 275 -22.92 -22.78 0.87
N GLU D 276 -22.61 -22.89 2.16
CA GLU D 276 -23.65 -23.25 3.13
C GLU D 276 -24.79 -22.22 3.09
N SER D 277 -24.44 -20.94 3.16
CA SER D 277 -25.47 -19.91 3.20
C SER D 277 -26.23 -19.83 1.88
N SER D 278 -25.53 -19.85 0.73
CA SER D 278 -26.26 -19.67 -0.52
C SER D 278 -27.18 -20.85 -0.80
N LEU D 279 -26.77 -22.07 -0.44
CA LEU D 279 -27.65 -23.22 -0.66
C LEU D 279 -28.88 -23.12 0.21
N ARG D 280 -28.72 -22.69 1.47
N ARG D 280 -28.73 -22.67 1.45
CA ARG D 280 -29.88 -22.46 2.33
CA ARG D 280 -29.89 -22.47 2.32
C ARG D 280 -30.83 -21.47 1.68
C ARG D 280 -30.83 -21.44 1.74
N VAL D 281 -30.30 -20.33 1.23
CA VAL D 281 -31.14 -19.31 0.60
C VAL D 281 -31.83 -19.90 -0.62
N ALA D 282 -31.08 -20.65 -1.45
CA ALA D 282 -31.67 -21.20 -2.67
C ALA D 282 -32.79 -22.18 -2.34
N GLU D 283 -32.59 -23.04 -1.33
CA GLU D 283 -33.63 -23.98 -0.92
C GLU D 283 -34.88 -23.26 -0.45
N TRP D 284 -34.70 -22.17 0.30
CA TRP D 284 -35.82 -21.38 0.79
C TRP D 284 -36.55 -20.69 -0.35
N LEU D 285 -35.79 -20.09 -1.27
CA LEU D 285 -36.42 -19.46 -2.42
C LEU D 285 -37.22 -20.47 -3.24
N ALA D 286 -36.72 -21.70 -3.36
CA ALA D 286 -37.40 -22.69 -4.20
C ALA D 286 -38.78 -23.04 -3.66
N GLN D 287 -38.99 -22.88 -2.36
CA GLN D 287 -40.31 -23.15 -1.79
C GLN D 287 -41.20 -21.92 -1.76
N HIS D 288 -40.69 -20.77 -2.19
CA HIS D 288 -41.39 -19.51 -1.97
C HIS D 288 -42.45 -19.27 -3.04
N PRO D 289 -43.64 -18.80 -2.68
CA PRO D 289 -44.70 -18.61 -3.69
C PRO D 289 -44.42 -17.51 -4.69
N GLN D 290 -43.53 -16.57 -4.39
CA GLN D 290 -43.23 -15.49 -5.32
C GLN D 290 -42.05 -15.78 -6.22
N VAL D 291 -41.53 -17.01 -6.19
CA VAL D 291 -40.36 -17.42 -6.96
C VAL D 291 -40.76 -18.48 -7.98
N ALA D 292 -40.46 -18.24 -9.25
CA ALA D 292 -40.78 -19.16 -10.33
C ALA D 292 -39.69 -20.21 -10.53
N ARG D 293 -38.42 -19.81 -10.38
N ARG D 293 -38.42 -19.83 -10.46
CA ARG D 293 -37.30 -20.69 -10.66
CA ARG D 293 -37.36 -20.82 -10.58
C ARG D 293 -36.12 -20.23 -9.83
C ARG D 293 -36.07 -20.27 -9.98
N VAL D 294 -35.29 -21.17 -9.38
CA VAL D 294 -34.01 -20.85 -8.74
C VAL D 294 -32.88 -21.43 -9.58
N ASN D 295 -31.92 -20.59 -9.96
CA ASN D 295 -30.77 -21.00 -10.73
C ASN D 295 -29.56 -21.03 -9.79
N HIS D 296 -29.35 -22.17 -9.15
CA HIS D 296 -28.20 -22.37 -8.28
C HIS D 296 -27.59 -23.71 -8.68
N PRO D 297 -26.32 -23.75 -9.08
CA PRO D 297 -25.73 -25.02 -9.54
C PRO D 297 -25.88 -26.16 -8.55
N ALA D 298 -25.93 -25.87 -7.25
CA ALA D 298 -26.04 -26.92 -6.24
C ALA D 298 -27.46 -27.32 -5.93
N LEU D 299 -28.47 -26.60 -6.47
CA LEU D 299 -29.87 -26.91 -6.18
C LEU D 299 -30.36 -27.96 -7.15
N PRO D 300 -30.96 -29.04 -6.67
CA PRO D 300 -31.55 -30.01 -7.60
C PRO D 300 -32.51 -29.33 -8.55
N GLY D 301 -32.51 -29.80 -9.80
CA GLY D 301 -33.36 -29.24 -10.83
C GLY D 301 -32.76 -28.09 -11.63
N SER D 302 -31.71 -27.47 -11.13
N SER D 302 -31.72 -27.45 -11.12
CA SER D 302 -31.10 -26.35 -11.84
CA SER D 302 -31.12 -26.35 -11.87
C SER D 302 -30.37 -26.87 -13.08
C SER D 302 -30.39 -26.89 -13.09
N LYS D 303 -30.25 -26.04 -14.11
CA LYS D 303 -29.67 -26.49 -15.37
C LYS D 303 -28.21 -26.91 -15.20
N GLY D 304 -27.92 -28.17 -15.53
CA GLY D 304 -26.59 -28.72 -15.36
C GLY D 304 -26.23 -29.11 -13.95
N HIS D 305 -27.20 -29.12 -13.02
CA HIS D 305 -26.91 -29.49 -11.64
C HIS D 305 -26.22 -30.84 -11.57
N GLU D 306 -26.62 -31.81 -12.38
N GLU D 306 -26.66 -31.82 -12.37
N GLU D 306 -26.62 -31.80 -12.42
CA GLU D 306 -25.97 -33.12 -12.28
CA GLU D 306 -26.02 -33.12 -12.41
CA GLU D 306 -26.03 -33.13 -12.39
C GLU D 306 -24.50 -33.06 -12.64
C GLU D 306 -24.51 -32.97 -12.58
C GLU D 306 -24.54 -33.09 -12.70
N PHE D 307 -24.11 -32.13 -13.52
CA PHE D 307 -22.69 -31.98 -13.84
C PHE D 307 -21.96 -31.28 -12.71
N TRP D 308 -22.59 -30.29 -12.07
CA TRP D 308 -22.00 -29.69 -10.87
C TRP D 308 -21.74 -30.74 -9.79
N LYS D 309 -22.75 -31.59 -9.52
CA LYS D 309 -22.59 -32.54 -8.44
C LYS D 309 -21.48 -33.54 -8.76
N ARG D 310 -21.34 -33.90 -10.03
CA ARG D 310 -20.34 -34.87 -10.45
C ARG D 310 -18.93 -34.29 -10.53
N ASP D 311 -18.78 -33.04 -11.00
CA ASP D 311 -17.50 -32.52 -11.44
C ASP D 311 -16.90 -31.46 -10.53
N PHE D 312 -17.68 -30.86 -9.63
CA PHE D 312 -17.20 -29.84 -8.70
C PHE D 312 -17.02 -30.43 -7.31
N SER D 313 -16.18 -29.77 -6.52
CA SER D 313 -15.95 -30.15 -5.13
C SER D 313 -16.64 -29.21 -4.15
N GLY D 314 -17.42 -28.27 -4.65
CA GLY D 314 -18.15 -27.36 -3.80
C GLY D 314 -18.84 -26.30 -4.63
N SER D 315 -19.46 -25.36 -3.92
CA SER D 315 -20.16 -24.22 -4.52
C SER D 315 -19.60 -22.93 -3.94
N SER D 316 -19.75 -21.85 -4.71
CA SER D 316 -19.54 -20.53 -4.14
C SER D 316 -20.92 -19.94 -3.79
N GLY D 317 -21.01 -18.61 -3.71
CA GLY D 317 -22.19 -17.96 -3.19
C GLY D 317 -23.01 -17.14 -4.17
N LEU D 318 -22.68 -17.16 -5.46
CA LEU D 318 -23.37 -16.39 -6.49
C LEU D 318 -24.42 -17.26 -7.18
N PHE D 319 -25.65 -16.75 -7.30
CA PHE D 319 -26.69 -17.49 -8.04
C PHE D 319 -27.78 -16.50 -8.42
N SER D 320 -28.84 -17.01 -9.05
CA SER D 320 -29.94 -16.14 -9.44
C SER D 320 -31.25 -16.87 -9.24
N PHE D 321 -32.34 -16.09 -9.30
CA PHE D 321 -33.68 -16.67 -9.28
C PHE D 321 -34.59 -15.79 -10.13
N VAL D 322 -35.71 -16.37 -10.54
CA VAL D 322 -36.68 -15.66 -11.37
C VAL D 322 -37.94 -15.47 -10.53
N LEU D 323 -38.44 -14.24 -10.49
CA LEU D 323 -39.68 -13.93 -9.80
C LEU D 323 -40.90 -14.44 -10.59
N ASN D 324 -42.02 -14.59 -9.87
CA ASN D 324 -43.27 -15.05 -10.48
C ASN D 324 -43.93 -13.99 -11.33
N LYS D 325 -43.37 -12.79 -11.41
CA LYS D 325 -43.90 -11.80 -12.32
C LYS D 325 -42.77 -10.92 -12.84
N ARG D 326 -43.11 -10.16 -13.87
CA ARG D 326 -42.25 -9.12 -14.41
C ARG D 326 -42.54 -7.85 -13.64
N LEU D 327 -41.54 -7.34 -12.92
CA LEU D 327 -41.74 -6.13 -12.14
C LEU D 327 -41.86 -4.92 -13.05
N THR D 328 -42.78 -4.02 -12.71
CA THR D 328 -42.79 -2.71 -13.32
C THR D 328 -41.59 -1.90 -12.82
N ASP D 329 -41.37 -0.75 -13.45
CA ASP D 329 -40.29 0.11 -12.99
C ASP D 329 -40.54 0.58 -11.56
N ALA D 330 -41.80 0.84 -11.20
CA ALA D 330 -42.10 1.26 -9.83
C ALA D 330 -41.82 0.13 -8.85
N GLU D 331 -42.19 -1.10 -9.23
CA GLU D 331 -41.92 -2.25 -8.36
C GLU D 331 -40.43 -2.51 -8.24
N LEU D 332 -39.68 -2.33 -9.32
CA LEU D 332 -38.23 -2.53 -9.25
C LEU D 332 -37.60 -1.60 -8.23
N ALA D 333 -38.00 -0.34 -8.23
CA ALA D 333 -37.47 0.60 -7.26
C ALA D 333 -37.92 0.25 -5.84
N ALA D 334 -39.20 -0.06 -5.67
CA ALA D 334 -39.69 -0.42 -4.34
C ALA D 334 -38.93 -1.61 -3.80
N TYR D 335 -38.67 -2.59 -4.65
CA TYR D 335 -37.93 -3.77 -4.25
C TYR D 335 -36.48 -3.43 -3.94
N LEU D 336 -35.74 -2.95 -4.94
CA LEU D 336 -34.29 -2.82 -4.83
C LEU D 336 -33.84 -1.67 -3.94
N ASP D 337 -34.59 -0.57 -3.90
CA ASP D 337 -34.06 0.59 -3.20
C ASP D 337 -34.12 0.46 -1.67
N ASN D 338 -34.79 -0.57 -1.15
CA ASN D 338 -35.15 -0.59 0.26
C ASN D 338 -34.60 -1.79 1.01
N PHE D 339 -33.62 -2.50 0.47
CA PHE D 339 -32.94 -3.55 1.21
C PHE D 339 -32.08 -2.95 2.32
N SER D 340 -31.97 -3.69 3.42
CA SER D 340 -31.17 -3.23 4.55
C SER D 340 -29.77 -3.83 4.58
N LEU D 341 -29.59 -5.02 4.02
CA LEU D 341 -28.33 -5.74 4.08
C LEU D 341 -27.74 -5.98 2.70
N PHE D 342 -28.54 -6.46 1.74
CA PHE D 342 -28.11 -6.55 0.35
C PHE D 342 -27.93 -5.16 -0.24
N SER D 343 -26.85 -4.97 -0.99
N SER D 343 -26.88 -4.97 -1.02
CA SER D 343 -26.56 -3.75 -1.71
CA SER D 343 -26.68 -3.70 -1.71
C SER D 343 -26.56 -4.00 -3.21
C SER D 343 -26.48 -3.95 -3.19
N MET D 344 -26.82 -2.94 -3.98
CA MET D 344 -26.66 -3.00 -5.43
C MET D 344 -25.23 -2.59 -5.80
N ALA D 345 -24.55 -3.48 -6.51
CA ALA D 345 -23.22 -3.18 -7.04
C ALA D 345 -22.90 -4.28 -8.02
N TYR D 346 -22.01 -3.97 -8.95
CA TYR D 346 -21.45 -5.01 -9.78
C TYR D 346 -20.35 -5.73 -9.02
N SER D 347 -19.82 -6.77 -9.62
CA SER D 347 -18.86 -7.66 -8.97
C SER D 347 -19.53 -8.50 -7.89
N TRP D 348 -18.74 -9.30 -7.19
CA TRP D 348 -19.19 -10.37 -6.30
C TRP D 348 -17.96 -11.08 -5.78
N GLY D 349 -18.12 -12.07 -4.92
CA GLY D 349 -16.98 -12.76 -4.38
C GLY D 349 -16.43 -12.18 -3.08
N GLY D 350 -17.03 -11.13 -2.57
CA GLY D 350 -16.57 -10.49 -1.36
C GLY D 350 -17.31 -11.00 -0.14
N PHE D 351 -17.12 -10.29 0.96
CA PHE D 351 -17.70 -10.68 2.23
C PHE D 351 -19.14 -10.21 2.39
N GLU D 352 -19.63 -9.35 1.51
CA GLU D 352 -20.96 -8.81 1.67
C GLU D 352 -21.88 -9.30 0.57
N SER D 353 -23.17 -9.21 0.87
CA SER D 353 -24.21 -9.69 0.00
C SER D 353 -24.67 -8.59 -0.95
N LEU D 354 -24.97 -9.00 -2.19
CA LEU D 354 -25.29 -8.08 -3.27
C LEU D 354 -26.52 -8.56 -4.02
N ILE D 355 -27.22 -7.62 -4.65
CA ILE D 355 -28.43 -7.91 -5.41
C ILE D 355 -28.48 -7.02 -6.65
N LEU D 356 -28.87 -7.59 -7.77
CA LEU D 356 -29.14 -6.86 -9.00
C LEU D 356 -30.34 -7.51 -9.69
N ALA D 357 -30.99 -6.76 -10.58
CA ALA D 357 -32.12 -7.28 -11.34
C ALA D 357 -31.90 -7.10 -12.84
N ASN D 358 -32.43 -8.04 -13.61
CA ASN D 358 -32.46 -7.94 -15.06
C ASN D 358 -33.81 -8.41 -15.58
N GLN D 359 -34.35 -7.68 -16.54
CA GLN D 359 -35.54 -8.16 -17.21
C GLN D 359 -35.19 -9.22 -18.25
N PRO D 360 -36.14 -10.10 -18.59
CA PRO D 360 -35.82 -11.20 -19.52
C PRO D 360 -35.24 -10.71 -20.84
N GLU D 361 -35.80 -9.64 -21.41
CA GLU D 361 -35.31 -9.20 -22.71
C GLU D 361 -33.90 -8.63 -22.59
N HIS D 362 -33.50 -8.14 -21.42
CA HIS D 362 -32.11 -7.71 -21.24
C HIS D 362 -31.17 -8.91 -21.34
N ILE D 363 -31.56 -10.04 -20.74
N ILE D 363 -31.57 -10.04 -20.75
CA ILE D 363 -30.75 -11.24 -20.83
CA ILE D 363 -30.73 -11.23 -20.84
C ILE D 363 -30.77 -11.78 -22.26
C ILE D 363 -30.77 -11.79 -22.25
N ALA D 364 -31.94 -11.79 -22.89
CA ALA D 364 -32.01 -12.29 -24.26
C ALA D 364 -31.04 -11.53 -25.16
N ALA D 365 -30.88 -10.21 -24.92
CA ALA D 365 -29.98 -9.41 -25.75
C ALA D 365 -28.52 -9.80 -25.59
N ILE D 366 -28.17 -10.50 -24.52
CA ILE D 366 -26.82 -11.00 -24.32
C ILE D 366 -26.78 -12.52 -24.35
N ARG D 367 -27.69 -13.14 -25.10
CA ARG D 367 -27.67 -14.57 -25.38
C ARG D 367 -27.66 -14.66 -26.90
N PRO D 368 -26.49 -14.57 -27.54
CA PRO D 368 -26.45 -14.50 -28.99
C PRO D 368 -27.07 -15.71 -29.64
N GLU D 369 -27.89 -15.44 -30.66
CA GLU D 369 -28.58 -16.46 -31.46
C GLU D 369 -29.49 -17.34 -30.63
N ALA D 370 -29.94 -16.84 -29.48
CA ALA D 370 -30.77 -17.61 -28.58
C ALA D 370 -31.82 -16.72 -27.93
N GLU D 371 -32.86 -17.36 -27.38
CA GLU D 371 -33.88 -16.69 -26.61
C GLU D 371 -33.80 -17.19 -25.18
N VAL D 372 -34.44 -16.46 -24.25
CA VAL D 372 -34.58 -16.95 -22.88
C VAL D 372 -35.89 -17.73 -22.75
N ASP D 373 -35.97 -18.51 -21.68
CA ASP D 373 -37.10 -19.40 -21.44
C ASP D 373 -37.87 -19.02 -20.17
N PHE D 374 -37.81 -17.75 -19.79
CA PHE D 374 -38.56 -17.24 -18.65
C PHE D 374 -39.07 -15.84 -18.99
N SER D 375 -40.11 -15.42 -18.26
CA SER D 375 -40.71 -14.11 -18.47
C SER D 375 -40.73 -13.24 -17.22
N GLY D 376 -40.41 -13.78 -16.05
CA GLY D 376 -40.33 -12.96 -14.86
C GLY D 376 -39.00 -12.22 -14.78
N THR D 377 -38.98 -11.21 -13.90
CA THR D 377 -37.74 -10.50 -13.62
C THR D 377 -36.75 -11.44 -12.93
N LEU D 378 -35.51 -11.41 -13.38
CA LEU D 378 -34.44 -12.20 -12.82
C LEU D 378 -33.67 -11.38 -11.79
N ILE D 379 -33.38 -11.99 -10.65
CA ILE D 379 -32.64 -11.38 -9.55
C ILE D 379 -31.36 -12.17 -9.36
N ARG D 380 -30.20 -11.50 -9.44
CA ARG D 380 -28.93 -12.15 -9.15
C ARG D 380 -28.51 -11.78 -7.74
N LEU D 381 -28.17 -12.78 -6.93
CA LEU D 381 -27.75 -12.58 -5.56
C LEU D 381 -26.31 -13.02 -5.41
N HIS D 382 -25.52 -12.23 -4.68
CA HIS D 382 -24.31 -12.75 -4.08
C HIS D 382 -24.54 -12.89 -2.59
N ILE D 383 -24.36 -14.09 -2.07
CA ILE D 383 -24.54 -14.37 -0.64
C ILE D 383 -23.17 -14.26 0.02
N GLY D 384 -23.03 -13.27 0.89
CA GLY D 384 -21.80 -13.01 1.61
C GLY D 384 -21.73 -13.77 2.92
N LEU D 385 -21.03 -13.18 3.88
CA LEU D 385 -20.69 -13.82 5.14
C LEU D 385 -21.61 -13.37 6.29
N GLU D 386 -22.63 -12.57 6.02
CA GLU D 386 -23.56 -12.16 7.07
C GLU D 386 -24.34 -13.37 7.59
N ASN D 387 -24.96 -13.20 8.74
CA ASN D 387 -25.78 -14.27 9.27
C ASN D 387 -26.94 -14.57 8.31
N VAL D 388 -27.11 -15.84 7.96
CA VAL D 388 -28.06 -16.18 6.90
C VAL D 388 -29.50 -15.85 7.29
N ASP D 389 -29.85 -15.99 8.56
CA ASP D 389 -31.22 -15.64 8.93
C ASP D 389 -31.49 -14.15 8.76
N ASP D 390 -30.47 -13.30 8.93
CA ASP D 390 -30.64 -11.89 8.67
C ASP D 390 -30.83 -11.64 7.18
N LEU D 391 -30.09 -12.35 6.35
CA LEU D 391 -30.26 -12.21 4.90
C LEU D 391 -31.64 -12.70 4.47
N LEU D 392 -32.12 -13.81 5.03
CA LEU D 392 -33.46 -14.29 4.72
C LEU D 392 -34.52 -13.28 5.11
N ALA D 393 -34.37 -12.64 6.27
CA ALA D 393 -35.34 -11.63 6.68
C ALA D 393 -35.35 -10.44 5.72
N ASP D 394 -34.17 -10.05 5.21
CA ASP D 394 -34.09 -8.97 4.24
C ASP D 394 -34.79 -9.35 2.93
N LEU D 395 -34.56 -10.57 2.45
CA LEU D 395 -35.26 -11.01 1.24
C LEU D 395 -36.77 -11.07 1.48
N ALA D 396 -37.21 -11.57 2.65
CA ALA D 396 -38.63 -11.65 2.93
C ALA D 396 -39.26 -10.26 2.93
N ALA D 397 -38.57 -9.27 3.50
CA ALA D 397 -39.10 -7.92 3.47
C ALA D 397 -39.21 -7.41 2.03
N GLY D 398 -38.23 -7.76 1.20
CA GLY D 398 -38.32 -7.42 -0.21
C GLY D 398 -39.55 -8.01 -0.88
N PHE D 399 -39.80 -9.29 -0.64
CA PHE D 399 -40.97 -9.94 -1.22
C PHE D 399 -42.25 -9.23 -0.80
N ALA D 400 -42.31 -8.77 0.46
CA ALA D 400 -43.51 -8.11 0.93
C ALA D 400 -43.73 -6.77 0.26
N ARG D 401 -42.66 -6.14 -0.24
CA ARG D 401 -42.80 -4.87 -0.94
C ARG D 401 -43.36 -5.02 -2.35
N ILE D 402 -43.37 -6.24 -2.92
CA ILE D 402 -43.82 -6.46 -4.29
C ILE D 402 -44.95 -7.47 -4.38
N VAL D 403 -45.46 -7.98 -3.28
CA VAL D 403 -46.45 -9.05 -3.34
C VAL D 403 -47.74 -8.55 -3.98
N1 PLP E . 8.20 3.43 -24.20
N1 PLP E . 8.30 3.57 -23.99
C2 PLP E . 9.44 3.89 -23.83
C2 PLP E . 9.62 3.84 -23.76
C2A PLP E . 10.08 5.00 -24.62
C2A PLP E . 10.26 4.96 -24.55
C3 PLP E . 10.10 3.33 -22.75
C3 PLP E . 10.33 3.08 -22.84
O3 PLP E . 11.32 3.83 -22.41
O3 PLP E . 11.65 3.34 -22.61
C4 PLP E . 9.50 2.32 -22.00
C4 PLP E . 9.68 2.07 -22.14
C4A PLP E . 9.93 2.12 -20.59
C4A PLP E . 10.47 1.10 -21.33
C5 PLP E . 8.25 1.85 -22.38
C5 PLP E . 8.34 1.80 -22.39
C6 PLP E . 7.61 2.41 -23.47
C6 PLP E . 7.66 2.56 -23.33
C5A PLP E . 7.56 0.73 -21.64
C5A PLP E . 7.60 0.67 -21.69
O4P PLP E . 7.43 1.00 -20.25
O4P PLP E . 7.10 1.04 -20.43
P PLP E . 6.97 -0.18 -19.26
P PLP E . 6.89 -0.12 -19.31
O1P PLP E . 8.22 -0.87 -18.75
O1P PLP E . 8.26 -0.67 -18.97
O2P PLP E . 6.16 0.43 -18.14
O2P PLP E . 6.19 0.61 -18.21
O3P PLP E . 6.14 -1.18 -20.03
O3P PLP E . 6.04 -1.21 -19.93
N GLY F . 11.89 1.04 -21.21
CA GLY F . 12.79 0.10 -20.56
C GLY F . 14.18 0.43 -20.99
O GLY F . 15.13 -0.10 -20.45
OXT GLY F . 14.36 1.36 -21.82
C1 EDO G . -7.27 4.57 -44.14
O1 EDO G . -8.11 4.26 -45.23
C2 EDO G . -7.03 3.36 -43.28
O2 EDO G . -6.99 2.17 -44.03
C1 EDO H . 7.26 20.81 -8.32
O1 EDO H . 8.49 20.52 -8.93
C2 EDO H . 6.15 20.24 -9.18
O2 EDO H . 6.57 19.05 -9.81
C1 EDO I . -10.92 8.73 -34.24
O1 EDO I . -11.64 8.10 -33.19
C2 EDO I . -11.81 9.40 -35.27
O2 EDO I . -12.48 8.39 -36.01
C1 EDO J . -13.13 5.82 -17.07
O1 EDO J . -12.18 4.78 -17.22
C2 EDO J . -13.17 6.63 -18.34
O2 EDO J . -11.87 7.09 -18.67
C1 EDO K . 18.53 4.29 -38.34
O1 EDO K . 17.69 5.05 -37.55
C2 EDO K . 18.73 4.97 -39.70
O2 EDO K . 17.48 5.13 -40.39
N1 PLP L . 8.29 18.67 16.34
N1 PLP L . 8.30 18.66 16.14
C2 PLP L . 8.14 19.66 15.40
C2 PLP L . 8.00 19.76 15.34
C2A PLP L . 9.13 20.78 15.34
C2A PLP L . 9.00 20.88 15.27
C3 PLP L . 7.07 19.64 14.53
C3 PLP L . 6.80 19.82 14.66
O3 PLP L . 6.95 20.65 13.61
O3 PLP L . 6.49 20.91 13.88
C4 PLP L . 6.15 18.59 14.57
C4 PLP L . 5.92 18.74 14.75
C4A PLP L . 5.30 18.32 13.36
C4A PLP L . 4.55 18.82 14.15
C5 PLP L . 6.31 17.59 15.51
C5 PLP L . 6.23 17.65 15.54
C6 PLP L . 7.39 17.63 16.39
C6 PLP L . 7.43 17.62 16.24
C5A PLP L . 5.33 16.44 15.63
C5A PLP L . 5.25 16.49 15.69
O4P PLP L . 5.22 15.73 14.41
O4P PLP L . 5.28 15.62 14.59
P PLP L . 3.97 14.75 14.16
P PLP L . 4.00 14.69 14.28
O1P PLP L . 4.36 13.70 13.15
O1P PLP L . 4.51 13.70 13.28
O2P PLP L . 2.82 15.58 13.66
O2P PLP L . 2.92 15.62 13.79
O3P PLP L . 3.58 14.10 15.48
O3P PLP L . 3.57 14.02 15.58
N GLY M . 3.78 19.97 13.78
CA GLY M . 2.50 20.40 13.29
C GLY M . 2.54 21.85 12.92
O GLY M . 3.56 22.53 13.15
OXT GLY M . 1.59 22.37 12.36
C1 EDO N . 16.58 -2.17 17.20
O1 EDO N . 16.54 -0.80 16.87
C2 EDO N . 15.43 -2.88 16.52
O2 EDO N . 14.28 -2.06 16.62
C1 EDO O . 5.46 40.44 -6.02
O1 EDO O . 5.98 41.30 -7.00
C2 EDO O . 3.95 40.53 -5.99
O2 EDO O . 3.38 39.77 -7.03
C1 EDO P . 18.86 13.09 -2.85
O1 EDO P . 17.77 13.51 -2.05
C2 EDO P . 18.85 13.82 -4.17
O2 EDO P . 18.69 15.19 -3.95
C1 EDO Q . 23.95 7.02 29.66
O1 EDO Q . 23.60 6.32 30.84
C2 EDO Q . 22.70 7.30 28.85
O2 EDO Q . 22.09 6.10 28.41
N1 PLP R . -0.96 -8.83 24.66
N1 PLP R . -1.12 -8.91 24.47
C2 PLP R . -1.02 -10.16 24.30
C2 PLP R . -1.00 -10.26 24.24
C2A PLP R . -1.88 -11.10 25.08
C2A PLP R . -1.88 -11.20 25.01
C3 PLP R . -0.27 -10.61 23.22
C3 PLP R . -0.08 -10.71 23.30
O3 PLP R . -0.37 -11.94 22.90
O3 PLP R . 0.02 -12.06 23.07
C4 PLP R . 0.53 -9.74 22.48
C4 PLP R . 0.72 -9.80 22.60
C4A PLP R . 0.82 -10.05 21.04
C4A PLP R . 1.90 -10.22 21.81
C5 PLP R . 0.58 -8.40 22.87
C5 PLP R . 0.59 -8.44 22.86
C6 PLP R . -0.16 -7.95 23.96
C6 PLP R . -0.32 -8.01 23.82
C5A PLP R . 1.45 -7.40 22.13
C5A PLP R . 1.46 -7.43 22.16
O4P PLP R . 1.06 -7.22 20.79
O4P PLP R . 0.97 -7.07 20.90
P PLP R . 2.07 -6.48 19.79
P PLP R . 2.03 -6.56 19.80
O1P PLP R . 3.08 -7.50 19.33
O1P PLP R . 2.83 -7.79 19.47
O2P PLP R . 1.27 -5.95 18.61
O2P PLP R . 1.15 -6.06 18.70
O3P PLP R . 2.75 -5.35 20.53
O3P PLP R . 2.88 -5.48 20.44
N GLY S . 2.34 -11.55 21.53
CA GLY S . 3.46 -12.20 20.93
C GLY S . 3.46 -13.62 21.38
O GLY S . 4.21 -14.43 20.85
OXT GLY S . 2.65 -13.99 22.26
C1 EDO T . 1.19 -18.66 38.85
O1 EDO T . 0.18 -18.23 37.97
C2 EDO T . 0.59 -19.14 40.15
O2 EDO T . 0.06 -18.08 40.93
C1 EDO U . -17.97 -12.85 8.88
O1 EDO U . -17.58 -14.02 9.57
C2 EDO U . -17.66 -11.65 9.72
O2 EDO U . -16.36 -11.74 10.23
C1 EDO V . -11.39 8.02 34.68
O1 EDO V . -11.08 9.00 33.70
C2 EDO V . -12.23 8.62 35.76
O2 EDO V . -11.46 9.56 36.48
C1 EDO W . -22.20 -16.01 26.17
O1 EDO W . -22.72 -14.74 25.86
C2 EDO W . -21.93 -16.12 27.66
O2 EDO W . -22.13 -14.86 28.26
C1 EDO X . -9.27 11.15 17.69
O1 EDO X . -8.09 10.39 17.78
C2 EDO X . -10.06 10.90 18.95
O2 EDO X . -10.10 9.52 19.22
N1 PLP Y . -15.46 -13.21 -15.87
N1 PLP Y . -15.50 -13.26 -15.65
C2 PLP Y . -16.46 -13.38 -14.95
C2 PLP Y . -16.62 -13.32 -14.89
C2A PLP Y . -17.22 -14.67 -14.94
C2A PLP Y . -17.37 -14.62 -14.88
C3 PLP Y . -16.78 -12.36 -14.08
C3 PLP Y . -17.07 -12.18 -14.20
O3 PLP Y . -17.78 -12.55 -13.18
O3 PLP Y . -18.21 -12.22 -13.45
C4 PLP Y . -16.05 -11.15 -14.10
C4 PLP Y . -16.31 -11.02 -14.28
C4A PLP Y . -16.01 -10.28 -12.88
C4A PLP Y . -16.84 -9.76 -13.67
C5 PLP Y . -15.04 -11.01 -15.05
C5 PLP Y . -15.16 -10.98 -15.04
C6 PLP Y . -14.75 -12.04 -15.93
C6 PLP Y . -14.74 -12.11 -15.74
C5A PLP Y . -14.24 -9.72 -15.15
C5A PLP Y . -14.32 -9.73 -15.22
O4P PLP Y . -13.62 -9.37 -13.94
O4P PLP Y . -13.39 -9.53 -14.19
P PLP Y . -13.07 -7.87 -13.73
P PLP Y . -12.89 -8.03 -13.84
O1P PLP Y . -11.92 -7.92 -12.77
O1P PLP Y . -11.78 -8.29 -12.86
O2P PLP Y . -14.21 -7.04 -13.21
O2P PLP Y . -14.11 -7.28 -13.35
O3P PLP Y . -12.61 -7.30 -15.06
O3P PLP Y . -12.38 -7.39 -15.12
N GLY Z . -18.09 -9.43 -13.07
CA GLY Z . -18.86 -8.24 -12.77
C GLY Z . -20.27 -8.67 -12.57
O GLY Z . -20.60 -9.86 -12.83
OXT GLY Z . -21.06 -7.90 -12.04
C1 EDO AA . 6.85 -15.22 -16.74
O1 EDO AA . 5.54 -15.64 -16.39
C2 EDO AA . 7.18 -13.96 -16.00
O2 EDO AA . 6.14 -13.03 -16.22
C1 EDO BA . -29.74 -19.42 -23.99
O1 EDO BA . -28.68 -19.84 -23.17
C2 EDO BA . -30.34 -20.58 -24.76
O2 EDO BA . -29.39 -21.22 -25.61
C1 EDO CA . -7.91 -21.93 4.61
O1 EDO CA . -9.31 -21.79 4.46
C2 EDO CA . -7.24 -21.84 3.26
O2 EDO CA . -7.94 -20.93 2.42
C1 EDO DA . 0.10 -24.87 -29.25
O1 EDO DA . 0.60 -24.40 -30.47
C2 EDO DA . -0.48 -23.73 -28.45
O2 EDO DA . 0.55 -22.83 -28.08
#